data_7DG7
# 
_entry.id   7DG7 
# 
_audit_conform.dict_name       mmcif_pdbx.dic 
_audit_conform.dict_version    5.392 
_audit_conform.dict_location   http://mmcif.pdb.org/dictionaries/ascii/mmcif_pdbx.dic 
# 
loop_
_database_2.database_id 
_database_2.database_code 
_database_2.pdbx_database_accession 
_database_2.pdbx_DOI 
PDB   7DG7         pdb_00007dg7 10.2210/pdb7dg7/pdb 
WWPDB D_1300019339 ?            ?                   
# 
loop_
_pdbx_audit_revision_history.ordinal 
_pdbx_audit_revision_history.data_content_type 
_pdbx_audit_revision_history.major_revision 
_pdbx_audit_revision_history.minor_revision 
_pdbx_audit_revision_history.revision_date 
1 'Structure model' 1 0 2021-09-29 
2 'Structure model' 1 1 2021-11-17 
3 'Structure model' 1 2 2024-05-29 
# 
_pdbx_audit_revision_details.ordinal             1 
_pdbx_audit_revision_details.revision_ordinal    1 
_pdbx_audit_revision_details.data_content_type   'Structure model' 
_pdbx_audit_revision_details.provider            repository 
_pdbx_audit_revision_details.type                'Initial release' 
_pdbx_audit_revision_details.description         ? 
_pdbx_audit_revision_details.details             ? 
# 
loop_
_pdbx_audit_revision_group.ordinal 
_pdbx_audit_revision_group.revision_ordinal 
_pdbx_audit_revision_group.data_content_type 
_pdbx_audit_revision_group.group 
1 2 'Structure model' 'Database references' 
2 3 'Structure model' 'Data collection'     
3 3 'Structure model' 'Database references' 
# 
loop_
_pdbx_audit_revision_category.ordinal 
_pdbx_audit_revision_category.revision_ordinal 
_pdbx_audit_revision_category.data_content_type 
_pdbx_audit_revision_category.category 
1 2 'Structure model' citation        
2 2 'Structure model' citation_author 
3 3 'Structure model' chem_comp_atom  
4 3 'Structure model' chem_comp_bond  
5 3 'Structure model' citation        
# 
_pdbx_audit_revision_item.ordinal             1 
_pdbx_audit_revision_item.revision_ordinal    3 
_pdbx_audit_revision_item.data_content_type   'Structure model' 
_pdbx_audit_revision_item.item                '_citation.journal_id_ISSN' 
# 
_pdbx_database_status.status_code                     REL 
_pdbx_database_status.status_code_sf                  REL 
_pdbx_database_status.status_code_mr                  ? 
_pdbx_database_status.entry_id                        7DG7 
_pdbx_database_status.recvd_initial_deposition_date   2020-11-11 
_pdbx_database_status.SG_entry                        N 
_pdbx_database_status.deposit_site                    PDBJ 
_pdbx_database_status.process_site                    PDBJ 
_pdbx_database_status.status_code_cs                  ? 
_pdbx_database_status.status_code_nmr_data            ? 
_pdbx_database_status.methods_development_category    ? 
_pdbx_database_status.pdb_format_compatible           Y 
# 
loop_
_audit_author.name 
_audit_author.pdbx_ordinal 
_audit_author.identifier_ORCID 
'Yagi, S.'   1 0000-0002-7117-3318 
'Tagami, S.' 2 0000-0002-1720-3627 
# 
loop_
_citation.abstract 
_citation.abstract_id_CAS 
_citation.book_id_ISBN 
_citation.book_publisher 
_citation.book_publisher_city 
_citation.book_title 
_citation.coordinate_linkage 
_citation.country 
_citation.database_id_Medline 
_citation.details 
_citation.id 
_citation.journal_abbrev 
_citation.journal_id_ASTM 
_citation.journal_id_CSD 
_citation.journal_id_ISSN 
_citation.journal_full 
_citation.journal_issue 
_citation.journal_volume 
_citation.language 
_citation.page_first 
_citation.page_last 
_citation.title 
_citation.year 
_citation.database_id_CSD 
_citation.pdbx_database_id_DOI 
_citation.pdbx_database_id_PubMed 
_citation.unpublished_flag 
? ? ? ? ? ? ? US ? ? primary J.Am.Chem.Soc. JACSAT ? 1520-5126 ? ? 143 ? 15998 16006 
'Seven Amino Acid Types Suffice to Create the Core Fold of RNA Polymerase.'     2021 ? 10.1021/jacs.1c05367      34559526 ? 
? ? ? ? ? ? ? US ? ? 1       Biorxiv        ?      ? 2692-8205 ? ? ?   ? ?     ?     
'Seven amino acid types suffice to reconstruct the core fold of RNA polymerase' 2021 ? 10.1101/2021.02.22.432383 ?        ? 
# 
loop_
_citation_author.citation_id 
_citation_author.name 
_citation_author.ordinal 
_citation_author.identifier_ORCID 
primary 'Yagi, S.'      1  ?                   
primary 'Padhi, A.K.'   2  ?                   
primary 'Vucinic, J.'   3  ?                   
primary 'Barbe, S.'     4  ?                   
primary 'Schiex, T.'    5  ?                   
primary 'Nakagawa, R.'  6  0000-0002-6178-2945 
primary 'Simoncini, D.' 7  ?                   
primary 'Zhang, K.Y.J.' 8  0000-0002-9282-8045 
primary 'Tagami, S.'    9  0000-0002-1720-3627 
1       'Yagi, S.'      10 ?                   
1       'Padhi, A.K.'   11 ?                   
1       'Vucinic, J.'   12 ?                   
1       'Barbe, S.'     13 ?                   
1       'Schiex, T.'    14 ?                   
1       'Nakagawa, R.'  15 ?                   
1       'Simoncini, D.' 16 ?                   
1       'Zhang, K.Y.J.' 17 ?                   
1       'Tagami, S.'    18 ?                   
# 
loop_
_entity.id 
_entity.type 
_entity.src_method 
_entity.pdbx_description 
_entity.formula_weight 
_entity.pdbx_number_of_molecules 
_entity.pdbx_ec 
_entity.pdbx_mutation 
_entity.pdbx_fragment 
_entity.details 
1 polymer     man 'ATPase of the AAA+ class' 9993.531 1  ? ? 'DPBB domain' ? 
2 non-polymer syn IMIDAZOLE                  69.085   2  ? ? ?             ? 
3 non-polymer syn 'ZINC ION'                 65.409   8  ? ? ?             ? 
4 water       nat water                      18.015   68 ? ? ?             ? 
# 
_entity_name_com.entity_id   1 
_entity_name_com.name        'VCP-like ATPase' 
# 
_entity_poly.entity_id                      1 
_entity_poly.type                           'polypeptide(L)' 
_entity_poly.nstd_linkage                   no 
_entity_poly.nstd_monomer                   no 
_entity_poly.pdbx_seq_one_letter_code       
;GPMPGLPIKLRVEKAYPEDVGKRAVRMDKASRDRIGVSEGDLVKITGSKTTVARVLPAKKEDVGKGIVRMDKYERQNAGA
SVGEPVEVDRAE
;
_entity_poly.pdbx_seq_one_letter_code_can   
;GPMPGLPIKLRVEKAYPEDVGKRAVRMDKASRDRIGVSEGDLVKITGSKTTVARVLPAKKEDVGKGIVRMDKYERQNAGA
SVGEPVEVDRAE
;
_entity_poly.pdbx_strand_id                 A 
_entity_poly.pdbx_target_identifier         ? 
# 
loop_
_pdbx_entity_nonpoly.entity_id 
_pdbx_entity_nonpoly.name 
_pdbx_entity_nonpoly.comp_id 
2 IMIDAZOLE  IMD 
3 'ZINC ION' ZN  
4 water      HOH 
# 
loop_
_entity_poly_seq.entity_id 
_entity_poly_seq.num 
_entity_poly_seq.mon_id 
_entity_poly_seq.hetero 
1 1  GLY n 
1 2  PRO n 
1 3  MET n 
1 4  PRO n 
1 5  GLY n 
1 6  LEU n 
1 7  PRO n 
1 8  ILE n 
1 9  LYS n 
1 10 LEU n 
1 11 ARG n 
1 12 VAL n 
1 13 GLU n 
1 14 LYS n 
1 15 ALA n 
1 16 TYR n 
1 17 PRO n 
1 18 GLU n 
1 19 ASP n 
1 20 VAL n 
1 21 GLY n 
1 22 LYS n 
1 23 ARG n 
1 24 ALA n 
1 25 VAL n 
1 26 ARG n 
1 27 MET n 
1 28 ASP n 
1 29 LYS n 
1 30 ALA n 
1 31 SER n 
1 32 ARG n 
1 33 ASP n 
1 34 ARG n 
1 35 ILE n 
1 36 GLY n 
1 37 VAL n 
1 38 SER n 
1 39 GLU n 
1 40 GLY n 
1 41 ASP n 
1 42 LEU n 
1 43 VAL n 
1 44 LYS n 
1 45 ILE n 
1 46 THR n 
1 47 GLY n 
1 48 SER n 
1 49 LYS n 
1 50 THR n 
1 51 THR n 
1 52 VAL n 
1 53 ALA n 
1 54 ARG n 
1 55 VAL n 
1 56 LEU n 
1 57 PRO n 
1 58 ALA n 
1 59 LYS n 
1 60 LYS n 
1 61 GLU n 
1 62 ASP n 
1 63 VAL n 
1 64 GLY n 
1 65 LYS n 
1 66 GLY n 
1 67 ILE n 
1 68 VAL n 
1 69 ARG n 
1 70 MET n 
1 71 ASP n 
1 72 LYS n 
1 73 TYR n 
1 74 GLU n 
1 75 ARG n 
1 76 GLN n 
1 77 ASN n 
1 78 ALA n 
1 79 GLY n 
1 80 ALA n 
1 81 SER n 
1 82 VAL n 
1 83 GLY n 
1 84 GLU n 
1 85 PRO n 
1 86 VAL n 
1 87 GLU n 
1 88 VAL n 
1 89 ASP n 
1 90 ARG n 
1 91 ALA n 
1 92 GLU n 
# 
_entity_src_gen.entity_id                          1 
_entity_src_gen.pdbx_src_id                        1 
_entity_src_gen.pdbx_alt_source_flag               sample 
_entity_src_gen.pdbx_seq_type                      'Biological sequence' 
_entity_src_gen.pdbx_beg_seq_num                   1 
_entity_src_gen.pdbx_end_seq_num                   92 
_entity_src_gen.gene_src_common_name               ? 
_entity_src_gen.gene_src_genus                     ? 
_entity_src_gen.pdbx_gene_src_gene                 MK0486 
_entity_src_gen.gene_src_species                   ? 
_entity_src_gen.gene_src_strain                    ? 
_entity_src_gen.gene_src_tissue                    ? 
_entity_src_gen.gene_src_tissue_fraction           ? 
_entity_src_gen.gene_src_details                   ? 
_entity_src_gen.pdbx_gene_src_fragment             ? 
_entity_src_gen.pdbx_gene_src_scientific_name      'Methanopyrus kandleri (strain AV19 / DSM 6324 / JCM 9639 / NBRC 100938)' 
_entity_src_gen.pdbx_gene_src_ncbi_taxonomy_id     190192 
_entity_src_gen.pdbx_gene_src_variant              ? 
_entity_src_gen.pdbx_gene_src_cell_line            ? 
_entity_src_gen.pdbx_gene_src_atcc                 ? 
_entity_src_gen.pdbx_gene_src_organ                ? 
_entity_src_gen.pdbx_gene_src_organelle            ? 
_entity_src_gen.pdbx_gene_src_cell                 ? 
_entity_src_gen.pdbx_gene_src_cellular_location    ? 
_entity_src_gen.host_org_common_name               ? 
_entity_src_gen.pdbx_host_org_scientific_name      'Escherichia coli BL21(DE3)' 
_entity_src_gen.pdbx_host_org_ncbi_taxonomy_id     469008 
_entity_src_gen.host_org_genus                     ? 
_entity_src_gen.pdbx_host_org_gene                 ? 
_entity_src_gen.pdbx_host_org_organ                ? 
_entity_src_gen.host_org_species                   ? 
_entity_src_gen.pdbx_host_org_tissue               ? 
_entity_src_gen.pdbx_host_org_tissue_fraction      ? 
_entity_src_gen.pdbx_host_org_strain               ? 
_entity_src_gen.pdbx_host_org_variant              ? 
_entity_src_gen.pdbx_host_org_cell_line            ? 
_entity_src_gen.pdbx_host_org_atcc                 ? 
_entity_src_gen.pdbx_host_org_culture_collection   ? 
_entity_src_gen.pdbx_host_org_cell                 ? 
_entity_src_gen.pdbx_host_org_organelle            ? 
_entity_src_gen.pdbx_host_org_cellular_location    ? 
_entity_src_gen.pdbx_host_org_vector_type          ? 
_entity_src_gen.pdbx_host_org_vector               ? 
_entity_src_gen.host_org_details                   ? 
_entity_src_gen.expression_system_id               ? 
_entity_src_gen.plasmid_name                       ? 
_entity_src_gen.plasmid_details                    ? 
_entity_src_gen.pdbx_description                   ? 
# 
loop_
_chem_comp.id 
_chem_comp.type 
_chem_comp.mon_nstd_flag 
_chem_comp.name 
_chem_comp.pdbx_synonyms 
_chem_comp.formula 
_chem_comp.formula_weight 
ALA 'L-peptide linking' y ALANINE         ? 'C3 H7 N O2'     89.093  
ARG 'L-peptide linking' y ARGININE        ? 'C6 H15 N4 O2 1' 175.209 
ASN 'L-peptide linking' y ASPARAGINE      ? 'C4 H8 N2 O3'    132.118 
ASP 'L-peptide linking' y 'ASPARTIC ACID' ? 'C4 H7 N O4'     133.103 
GLN 'L-peptide linking' y GLUTAMINE       ? 'C5 H10 N2 O3'   146.144 
GLU 'L-peptide linking' y 'GLUTAMIC ACID' ? 'C5 H9 N O4'     147.129 
GLY 'peptide linking'   y GLYCINE         ? 'C2 H5 N O2'     75.067  
HOH non-polymer         . WATER           ? 'H2 O'           18.015  
ILE 'L-peptide linking' y ISOLEUCINE      ? 'C6 H13 N O2'    131.173 
IMD non-polymer         . IMIDAZOLE       ? 'C3 H5 N2 1'     69.085  
LEU 'L-peptide linking' y LEUCINE         ? 'C6 H13 N O2'    131.173 
LYS 'L-peptide linking' y LYSINE          ? 'C6 H15 N2 O2 1' 147.195 
MET 'L-peptide linking' y METHIONINE      ? 'C5 H11 N O2 S'  149.211 
PRO 'L-peptide linking' y PROLINE         ? 'C5 H9 N O2'     115.130 
SER 'L-peptide linking' y SERINE          ? 'C3 H7 N O3'     105.093 
THR 'L-peptide linking' y THREONINE       ? 'C4 H9 N O3'     119.119 
TYR 'L-peptide linking' y TYROSINE        ? 'C9 H11 N O3'    181.189 
VAL 'L-peptide linking' y VALINE          ? 'C5 H11 N O2'    117.146 
ZN  non-polymer         . 'ZINC ION'      ? 'Zn 2'           65.409  
# 
loop_
_pdbx_poly_seq_scheme.asym_id 
_pdbx_poly_seq_scheme.entity_id 
_pdbx_poly_seq_scheme.seq_id 
_pdbx_poly_seq_scheme.mon_id 
_pdbx_poly_seq_scheme.ndb_seq_num 
_pdbx_poly_seq_scheme.pdb_seq_num 
_pdbx_poly_seq_scheme.auth_seq_num 
_pdbx_poly_seq_scheme.pdb_mon_id 
_pdbx_poly_seq_scheme.auth_mon_id 
_pdbx_poly_seq_scheme.pdb_strand_id 
_pdbx_poly_seq_scheme.pdb_ins_code 
_pdbx_poly_seq_scheme.hetero 
A 1 1  GLY 1  1  ?  ?   ?   A . n 
A 1 2  PRO 2  2  ?  ?   ?   A . n 
A 1 3  MET 3  3  ?  ?   ?   A . n 
A 1 4  PRO 4  4  ?  ?   ?   A . n 
A 1 5  GLY 5  5  ?  ?   ?   A . n 
A 1 6  LEU 6  6  6  LEU LEU A . n 
A 1 7  PRO 7  7  7  PRO PRO A . n 
A 1 8  ILE 8  8  8  ILE ILE A . n 
A 1 9  LYS 9  9  9  LYS LYS A . n 
A 1 10 LEU 10 10 10 LEU LEU A . n 
A 1 11 ARG 11 11 11 ARG ARG A . n 
A 1 12 VAL 12 12 12 VAL VAL A . n 
A 1 13 GLU 13 13 13 GLU GLU A . n 
A 1 14 LYS 14 14 14 LYS LYS A . n 
A 1 15 ALA 15 15 15 ALA ALA A . n 
A 1 16 TYR 16 16 16 TYR TYR A . n 
A 1 17 PRO 17 17 17 PRO PRO A . n 
A 1 18 GLU 18 18 18 GLU GLU A . n 
A 1 19 ASP 19 19 19 ASP ASP A . n 
A 1 20 VAL 20 20 20 VAL VAL A . n 
A 1 21 GLY 21 21 21 GLY GLY A . n 
A 1 22 LYS 22 22 22 LYS LYS A . n 
A 1 23 ARG 23 23 23 ARG ARG A . n 
A 1 24 ALA 24 24 24 ALA ALA A . n 
A 1 25 VAL 25 25 25 VAL VAL A . n 
A 1 26 ARG 26 26 26 ARG ARG A . n 
A 1 27 MET 27 27 27 MET MET A . n 
A 1 28 ASP 28 28 28 ASP ASP A . n 
A 1 29 LYS 29 29 29 LYS LYS A . n 
A 1 30 ALA 30 30 30 ALA ALA A . n 
A 1 31 SER 31 31 31 SER SER A . n 
A 1 32 ARG 32 32 32 ARG ARG A . n 
A 1 33 ASP 33 33 33 ASP ASP A . n 
A 1 34 ARG 34 34 34 ARG ARG A . n 
A 1 35 ILE 35 35 35 ILE ILE A . n 
A 1 36 GLY 36 36 36 GLY GLY A . n 
A 1 37 VAL 37 37 37 VAL VAL A . n 
A 1 38 SER 38 38 38 SER SER A . n 
A 1 39 GLU 39 39 39 GLU GLU A . n 
A 1 40 GLY 40 40 40 GLY GLY A . n 
A 1 41 ASP 41 41 41 ASP ASP A . n 
A 1 42 LEU 42 42 42 LEU LEU A . n 
A 1 43 VAL 43 43 43 VAL VAL A . n 
A 1 44 LYS 44 44 44 LYS LYS A . n 
A 1 45 ILE 45 45 45 ILE ILE A . n 
A 1 46 THR 46 46 46 THR THR A . n 
A 1 47 GLY 47 47 47 GLY GLY A . n 
A 1 48 SER 48 48 48 SER SER A . n 
A 1 49 LYS 49 49 49 LYS LYS A . n 
A 1 50 THR 50 50 50 THR THR A . n 
A 1 51 THR 51 51 51 THR THR A . n 
A 1 52 VAL 52 52 52 VAL VAL A . n 
A 1 53 ALA 53 53 53 ALA ALA A . n 
A 1 54 ARG 54 54 54 ARG ARG A . n 
A 1 55 VAL 55 55 55 VAL VAL A . n 
A 1 56 LEU 56 56 56 LEU LEU A . n 
A 1 57 PRO 57 57 57 PRO PRO A . n 
A 1 58 ALA 58 58 58 ALA ALA A . n 
A 1 59 LYS 59 59 59 LYS LYS A . n 
A 1 60 LYS 60 60 60 LYS LYS A . n 
A 1 61 GLU 61 61 61 GLU GLU A . n 
A 1 62 ASP 62 62 62 ASP ASP A . n 
A 1 63 VAL 63 63 63 VAL VAL A . n 
A 1 64 GLY 64 64 64 GLY GLY A . n 
A 1 65 LYS 65 65 65 LYS LYS A . n 
A 1 66 GLY 66 66 66 GLY GLY A . n 
A 1 67 ILE 67 67 67 ILE ILE A . n 
A 1 68 VAL 68 68 68 VAL VAL A . n 
A 1 69 ARG 69 69 69 ARG ARG A . n 
A 1 70 MET 70 70 70 MET MET A . n 
A 1 71 ASP 71 71 71 ASP ASP A . n 
A 1 72 LYS 72 72 72 LYS LYS A . n 
A 1 73 TYR 73 73 73 TYR TYR A . n 
A 1 74 GLU 74 74 74 GLU GLU A . n 
A 1 75 ARG 75 75 75 ARG ARG A . n 
A 1 76 GLN 76 76 76 GLN GLN A . n 
A 1 77 ASN 77 77 77 ASN ASN A . n 
A 1 78 ALA 78 78 78 ALA ALA A . n 
A 1 79 GLY 79 79 79 GLY GLY A . n 
A 1 80 ALA 80 80 80 ALA ALA A . n 
A 1 81 SER 81 81 81 SER SER A . n 
A 1 82 VAL 82 82 82 VAL VAL A . n 
A 1 83 GLY 83 83 83 GLY GLY A . n 
A 1 84 GLU 84 84 84 GLU GLU A . n 
A 1 85 PRO 85 85 85 PRO PRO A . n 
A 1 86 VAL 86 86 86 VAL VAL A . n 
A 1 87 GLU 87 87 87 GLU GLU A . n 
A 1 88 VAL 88 88 88 VAL VAL A . n 
A 1 89 ASP 89 89 89 ASP ASP A . n 
A 1 90 ARG 90 90 90 ARG ARG A . n 
A 1 91 ALA 91 91 91 ALA ALA A . n 
A 1 92 GLU 92 92 ?  ?   ?   A . n 
# 
loop_
_pdbx_nonpoly_scheme.asym_id 
_pdbx_nonpoly_scheme.entity_id 
_pdbx_nonpoly_scheme.mon_id 
_pdbx_nonpoly_scheme.ndb_seq_num 
_pdbx_nonpoly_scheme.pdb_seq_num 
_pdbx_nonpoly_scheme.auth_seq_num 
_pdbx_nonpoly_scheme.pdb_mon_id 
_pdbx_nonpoly_scheme.auth_mon_id 
_pdbx_nonpoly_scheme.pdb_strand_id 
_pdbx_nonpoly_scheme.pdb_ins_code 
B 2 IMD 1  101 204 IMD IMD A . 
C 2 IMD 1  102 205 IMD IMD A . 
D 3 ZN  1  103 1   ZN  ZN  A . 
E 3 ZN  1  104 2   ZN  ZN  A . 
F 3 ZN  1  105 3   ZN  ZN  A . 
G 3 ZN  1  106 4   ZN  ZN  A . 
H 3 ZN  1  107 5   ZN  ZN  A . 
I 3 ZN  1  108 6   ZN  ZN  A . 
J 3 ZN  1  109 7   ZN  ZN  A . 
K 3 ZN  1  110 8   ZN  ZN  A . 
L 4 HOH 1  201 29  HOH HOH A . 
L 4 HOH 2  202 51  HOH HOH A . 
L 4 HOH 3  203 52  HOH HOH A . 
L 4 HOH 4  204 69  HOH HOH A . 
L 4 HOH 5  205 65  HOH HOH A . 
L 4 HOH 6  206 1   HOH HOH A . 
L 4 HOH 7  207 38  HOH HOH A . 
L 4 HOH 8  208 19  HOH HOH A . 
L 4 HOH 9  209 31  HOH HOH A . 
L 4 HOH 10 210 6   HOH HOH A . 
L 4 HOH 11 211 57  HOH HOH A . 
L 4 HOH 12 212 5   HOH HOH A . 
L 4 HOH 13 213 30  HOH HOH A . 
L 4 HOH 14 214 66  HOH HOH A . 
L 4 HOH 15 215 16  HOH HOH A . 
L 4 HOH 16 216 12  HOH HOH A . 
L 4 HOH 17 217 42  HOH HOH A . 
L 4 HOH 18 218 44  HOH HOH A . 
L 4 HOH 19 219 3   HOH HOH A . 
L 4 HOH 20 220 2   HOH HOH A . 
L 4 HOH 21 221 17  HOH HOH A . 
L 4 HOH 22 222 43  HOH HOH A . 
L 4 HOH 23 223 56  HOH HOH A . 
L 4 HOH 24 224 40  HOH HOH A . 
L 4 HOH 25 225 49  HOH HOH A . 
L 4 HOH 26 226 22  HOH HOH A . 
L 4 HOH 27 227 41  HOH HOH A . 
L 4 HOH 28 228 24  HOH HOH A . 
L 4 HOH 29 229 54  HOH HOH A . 
L 4 HOH 30 230 14  HOH HOH A . 
L 4 HOH 31 231 67  HOH HOH A . 
L 4 HOH 32 232 7   HOH HOH A . 
L 4 HOH 33 233 48  HOH HOH A . 
L 4 HOH 34 234 25  HOH HOH A . 
L 4 HOH 35 235 8   HOH HOH A . 
L 4 HOH 36 236 4   HOH HOH A . 
L 4 HOH 37 237 15  HOH HOH A . 
L 4 HOH 38 238 68  HOH HOH A . 
L 4 HOH 39 239 28  HOH HOH A . 
L 4 HOH 40 240 33  HOH HOH A . 
L 4 HOH 41 241 55  HOH HOH A . 
L 4 HOH 42 242 18  HOH HOH A . 
L 4 HOH 43 243 47  HOH HOH A . 
L 4 HOH 44 244 26  HOH HOH A . 
L 4 HOH 45 245 11  HOH HOH A . 
L 4 HOH 46 246 39  HOH HOH A . 
L 4 HOH 47 247 13  HOH HOH A . 
L 4 HOH 48 248 50  HOH HOH A . 
L 4 HOH 49 249 20  HOH HOH A . 
L 4 HOH 50 250 61  HOH HOH A . 
L 4 HOH 51 251 36  HOH HOH A . 
L 4 HOH 52 252 37  HOH HOH A . 
L 4 HOH 53 253 10  HOH HOH A . 
L 4 HOH 54 254 34  HOH HOH A . 
L 4 HOH 55 255 63  HOH HOH A . 
L 4 HOH 56 256 35  HOH HOH A . 
L 4 HOH 57 257 9   HOH HOH A . 
L 4 HOH 58 258 53  HOH HOH A . 
L 4 HOH 59 259 60  HOH HOH A . 
L 4 HOH 60 260 32  HOH HOH A . 
L 4 HOH 61 261 21  HOH HOH A . 
L 4 HOH 62 262 27  HOH HOH A . 
L 4 HOH 63 263 58  HOH HOH A . 
L 4 HOH 64 264 45  HOH HOH A . 
L 4 HOH 65 265 46  HOH HOH A . 
L 4 HOH 66 266 62  HOH HOH A . 
L 4 HOH 67 267 59  HOH HOH A . 
L 4 HOH 68 268 23  HOH HOH A . 
# 
loop_
_software.citation_id 
_software.classification 
_software.compiler_name 
_software.compiler_version 
_software.contact_author 
_software.contact_author_email 
_software.date 
_software.description 
_software.dependencies 
_software.hardware 
_software.language 
_software.location 
_software.mods 
_software.name 
_software.os 
_software.os_version 
_software.type 
_software.version 
_software.pdbx_ordinal 
? refinement        ? ? ? ? ? ? ? ? ? ? ? PHENIX      ? ? ? 1.14_3260 1 
? 'data extraction' ? ? ? ? ? ? ? ? ? ? ? PDB_EXTRACT ? ? ? 3.27      2 
? 'data reduction'  ? ? ? ? ? ? ? ? ? ? ? XDS         ? ? ? .         3 
? phasing           ? ? ? ? ? ? ? ? ? ? ? AutoSol     ? ? ? .         4 
? 'data scaling'    ? ? ? ? ? ? ? ? ? ? ? XDS         ? ? ? .         5 
# 
_cell.angle_alpha                  90.000 
_cell.angle_alpha_esd              ? 
_cell.angle_beta                   106.420 
_cell.angle_beta_esd               ? 
_cell.angle_gamma                  90.000 
_cell.angle_gamma_esd              ? 
_cell.entry_id                     7DG7 
_cell.details                      ? 
_cell.formula_units_Z              ? 
_cell.length_a                     32.078 
_cell.length_a_esd                 ? 
_cell.length_b                     29.787 
_cell.length_b_esd                 ? 
_cell.length_c                     42.155 
_cell.length_c_esd                 ? 
_cell.volume                       ? 
_cell.volume_esd                   ? 
_cell.Z_PDB                        2 
_cell.reciprocal_angle_alpha       ? 
_cell.reciprocal_angle_beta        ? 
_cell.reciprocal_angle_gamma       ? 
_cell.reciprocal_angle_alpha_esd   ? 
_cell.reciprocal_angle_beta_esd    ? 
_cell.reciprocal_angle_gamma_esd   ? 
_cell.reciprocal_length_a          ? 
_cell.reciprocal_length_b          ? 
_cell.reciprocal_length_c          ? 
_cell.reciprocal_length_a_esd      ? 
_cell.reciprocal_length_b_esd      ? 
_cell.reciprocal_length_c_esd      ? 
_cell.pdbx_unique_axis             ? 
# 
_symmetry.entry_id                         7DG7 
_symmetry.cell_setting                     ? 
_symmetry.Int_Tables_number                4 
_symmetry.space_group_name_Hall            ? 
_symmetry.space_group_name_H-M             'P 1 21 1' 
_symmetry.pdbx_full_space_group_name_H-M   ? 
# 
_exptl.absorpt_coefficient_mu     ? 
_exptl.absorpt_correction_T_max   ? 
_exptl.absorpt_correction_T_min   ? 
_exptl.absorpt_correction_type    ? 
_exptl.absorpt_process_details    ? 
_exptl.entry_id                   7DG7 
_exptl.crystals_number            1 
_exptl.details                    ? 
_exptl.method                     'X-RAY DIFFRACTION' 
_exptl.method_details             ? 
# 
_exptl_crystal.colour                      ? 
_exptl_crystal.density_diffrn              ? 
_exptl_crystal.density_Matthews            1.93 
_exptl_crystal.density_method              ? 
_exptl_crystal.density_percent_sol         36.37 
_exptl_crystal.description                 ? 
_exptl_crystal.F_000                       ? 
_exptl_crystal.id                          1 
_exptl_crystal.preparation                 ? 
_exptl_crystal.size_max                    ? 
_exptl_crystal.size_mid                    ? 
_exptl_crystal.size_min                    ? 
_exptl_crystal.size_rad                    ? 
_exptl_crystal.colour_lustre               ? 
_exptl_crystal.colour_modifier             ? 
_exptl_crystal.colour_primary              ? 
_exptl_crystal.density_meas                ? 
_exptl_crystal.density_meas_esd            ? 
_exptl_crystal.density_meas_gt             ? 
_exptl_crystal.density_meas_lt             ? 
_exptl_crystal.density_meas_temp           ? 
_exptl_crystal.density_meas_temp_esd       ? 
_exptl_crystal.density_meas_temp_gt        ? 
_exptl_crystal.density_meas_temp_lt        ? 
_exptl_crystal.pdbx_crystal_image_url      ? 
_exptl_crystal.pdbx_crystal_image_format   ? 
_exptl_crystal.pdbx_mosaicity              ? 
_exptl_crystal.pdbx_mosaicity_esd          ? 
# 
_exptl_crystal_grow.apparatus       ? 
_exptl_crystal_grow.atmosphere      ? 
_exptl_crystal_grow.crystal_id      1 
_exptl_crystal_grow.details         ? 
_exptl_crystal_grow.method          'VAPOR DIFFUSION, SITTING DROP' 
_exptl_crystal_grow.method_ref      ? 
_exptl_crystal_grow.pH              ? 
_exptl_crystal_grow.pressure        ? 
_exptl_crystal_grow.pressure_esd    ? 
_exptl_crystal_grow.seeding         ? 
_exptl_crystal_grow.seeding_ref     ? 
_exptl_crystal_grow.temp            293 
_exptl_crystal_grow.temp_details    ? 
_exptl_crystal_grow.temp_esd        ? 
_exptl_crystal_grow.time            ? 
_exptl_crystal_grow.pdbx_details    '100mM imidazole/HCl pH7.8, 2M NaCl, 200mM Zinc acetate' 
_exptl_crystal_grow.pdbx_pH_range   ? 
# 
_diffrn.ambient_environment              ? 
_diffrn.ambient_temp                     100 
_diffrn.ambient_temp_details             ? 
_diffrn.ambient_temp_esd                 ? 
_diffrn.crystal_id                       1 
_diffrn.crystal_support                  ? 
_diffrn.crystal_treatment                ? 
_diffrn.details                          ? 
_diffrn.id                               1 
_diffrn.ambient_pressure                 ? 
_diffrn.ambient_pressure_esd             ? 
_diffrn.ambient_pressure_gt              ? 
_diffrn.ambient_pressure_lt              ? 
_diffrn.ambient_temp_gt                  ? 
_diffrn.ambient_temp_lt                  ? 
_diffrn.pdbx_serial_crystal_experiment   N 
# 
_diffrn_detector.details                      ? 
_diffrn_detector.detector                     PIXEL 
_diffrn_detector.diffrn_id                    1 
_diffrn_detector.type                         'DECTRIS PILATUS3 S 2M' 
_diffrn_detector.area_resol_mean              ? 
_diffrn_detector.dtime                        ? 
_diffrn_detector.pdbx_frames_total            ? 
_diffrn_detector.pdbx_collection_time_total   ? 
_diffrn_detector.pdbx_collection_date         2019-06-21 
_diffrn_detector.pdbx_frequency               ? 
# 
_diffrn_radiation.collimation                      ? 
_diffrn_radiation.diffrn_id                        1 
_diffrn_radiation.filter_edge                      ? 
_diffrn_radiation.inhomogeneity                    ? 
_diffrn_radiation.monochromator                    ? 
_diffrn_radiation.polarisn_norm                    ? 
_diffrn_radiation.polarisn_ratio                   ? 
_diffrn_radiation.probe                            ? 
_diffrn_radiation.type                             ? 
_diffrn_radiation.xray_symbol                      ? 
_diffrn_radiation.wavelength_id                    1 
_diffrn_radiation.pdbx_monochromatic_or_laue_m_l   M 
_diffrn_radiation.pdbx_wavelength_list             ? 
_diffrn_radiation.pdbx_wavelength                  ? 
_diffrn_radiation.pdbx_diffrn_protocol             'SINGLE WAVELENGTH' 
_diffrn_radiation.pdbx_analyzer                    ? 
_diffrn_radiation.pdbx_scattering_type             x-ray 
# 
_diffrn_radiation_wavelength.id           1 
_diffrn_radiation_wavelength.wavelength   1 
_diffrn_radiation_wavelength.wt           1.0 
# 
_diffrn_source.current                     ? 
_diffrn_source.details                     ? 
_diffrn_source.diffrn_id                   1 
_diffrn_source.power                       ? 
_diffrn_source.size                        ? 
_diffrn_source.source                      SYNCHROTRON 
_diffrn_source.target                      ? 
_diffrn_source.type                        'PHOTON FACTORY BEAMLINE AR-NW12A' 
_diffrn_source.voltage                     ? 
_diffrn_source.take-off_angle              ? 
_diffrn_source.pdbx_wavelength_list        1 
_diffrn_source.pdbx_wavelength             ? 
_diffrn_source.pdbx_synchrotron_beamline   AR-NW12A 
_diffrn_source.pdbx_synchrotron_site       'Photon Factory' 
# 
_reflns.B_iso_Wilson_estimate            ? 
_reflns.entry_id                         7DG7 
_reflns.data_reduction_details           ? 
_reflns.data_reduction_method            ? 
_reflns.d_resolution_high                1.6 
_reflns.d_resolution_low                 50 
_reflns.details                          ? 
_reflns.limit_h_max                      ? 
_reflns.limit_h_min                      ? 
_reflns.limit_k_max                      ? 
_reflns.limit_k_min                      ? 
_reflns.limit_l_max                      ? 
_reflns.limit_l_min                      ? 
_reflns.number_all                       ? 
_reflns.number_obs                       10094 
_reflns.observed_criterion               ? 
_reflns.observed_criterion_F_max         ? 
_reflns.observed_criterion_F_min         ? 
_reflns.observed_criterion_I_max         ? 
_reflns.observed_criterion_I_min         ? 
_reflns.observed_criterion_sigma_F       ? 
_reflns.observed_criterion_sigma_I       ? 
_reflns.percent_possible_obs             98.7 
_reflns.R_free_details                   ? 
_reflns.Rmerge_F_all                     ? 
_reflns.Rmerge_F_obs                     ? 
_reflns.Friedel_coverage                 ? 
_reflns.number_gt                        ? 
_reflns.threshold_expression             ? 
_reflns.pdbx_redundancy                  13.20 
_reflns.pdbx_Rmerge_I_obs                ? 
_reflns.pdbx_Rmerge_I_all                ? 
_reflns.pdbx_Rsym_value                  ? 
_reflns.pdbx_netI_over_av_sigmaI         ? 
_reflns.pdbx_netI_over_sigmaI            22.97 
_reflns.pdbx_res_netI_over_av_sigmaI_2   ? 
_reflns.pdbx_res_netI_over_sigmaI_2      ? 
_reflns.pdbx_chi_squared                 ? 
_reflns.pdbx_scaling_rejects             ? 
_reflns.pdbx_d_res_high_opt              ? 
_reflns.pdbx_d_res_low_opt               ? 
_reflns.pdbx_d_res_opt_method            ? 
_reflns.phase_calculation_details        ? 
_reflns.pdbx_Rrim_I_all                  ? 
_reflns.pdbx_Rpim_I_all                  ? 
_reflns.pdbx_d_opt                       ? 
_reflns.pdbx_number_measured_all         ? 
_reflns.pdbx_diffrn_id                   1 
_reflns.pdbx_ordinal                     1 
_reflns.pdbx_CC_half                     0.99 
_reflns.pdbx_CC_star                     ? 
_reflns.pdbx_R_split                     ? 
# 
_reflns_shell.d_res_high                  1.6 
_reflns_shell.d_res_low                   1.7 
_reflns_shell.meanI_over_sigI_all         ? 
_reflns_shell.meanI_over_sigI_obs         ? 
_reflns_shell.number_measured_all         ? 
_reflns_shell.number_measured_obs         ? 
_reflns_shell.number_possible             ? 
_reflns_shell.number_unique_all           ? 
_reflns_shell.number_unique_obs           1569 
_reflns_shell.percent_possible_all        ? 
_reflns_shell.percent_possible_obs        ? 
_reflns_shell.Rmerge_F_all                ? 
_reflns_shell.Rmerge_F_obs                ? 
_reflns_shell.Rmerge_I_all                ? 
_reflns_shell.Rmerge_I_obs                ? 
_reflns_shell.meanI_over_sigI_gt          ? 
_reflns_shell.meanI_over_uI_all           ? 
_reflns_shell.meanI_over_uI_gt            ? 
_reflns_shell.number_measured_gt          ? 
_reflns_shell.number_unique_gt            ? 
_reflns_shell.percent_possible_gt         ? 
_reflns_shell.Rmerge_F_gt                 ? 
_reflns_shell.Rmerge_I_gt                 ? 
_reflns_shell.pdbx_redundancy             ? 
_reflns_shell.pdbx_Rsym_value             ? 
_reflns_shell.pdbx_chi_squared            ? 
_reflns_shell.pdbx_netI_over_sigmaI_all   ? 
_reflns_shell.pdbx_netI_over_sigmaI_obs   ? 
_reflns_shell.pdbx_Rrim_I_all             ? 
_reflns_shell.pdbx_Rpim_I_all             ? 
_reflns_shell.pdbx_rejects                ? 
_reflns_shell.pdbx_ordinal                1 
_reflns_shell.pdbx_diffrn_id              1 
_reflns_shell.pdbx_CC_half                0.979 
_reflns_shell.pdbx_CC_star                ? 
_reflns_shell.pdbx_R_split                ? 
# 
_refine.aniso_B[1][1]                            ? 
_refine.aniso_B[1][2]                            ? 
_refine.aniso_B[1][3]                            ? 
_refine.aniso_B[2][2]                            ? 
_refine.aniso_B[2][3]                            ? 
_refine.aniso_B[3][3]                            ? 
_refine.B_iso_max                                61.600 
_refine.B_iso_mean                               20.4052 
_refine.B_iso_min                                3.870 
_refine.correlation_coeff_Fo_to_Fc               ? 
_refine.correlation_coeff_Fo_to_Fc_free          ? 
_refine.details                                  ? 
_refine.diff_density_max                         ? 
_refine.diff_density_max_esd                     ? 
_refine.diff_density_min                         ? 
_refine.diff_density_min_esd                     ? 
_refine.diff_density_rms                         ? 
_refine.diff_density_rms_esd                     ? 
_refine.entry_id                                 7DG7 
_refine.pdbx_refine_id                           'X-RAY DIFFRACTION' 
_refine.ls_abs_structure_details                 ? 
_refine.ls_abs_structure_Flack                   ? 
_refine.ls_abs_structure_Flack_esd               ? 
_refine.ls_abs_structure_Rogers                  ? 
_refine.ls_abs_structure_Rogers_esd              ? 
_refine.ls_d_res_high                            1.6040 
_refine.ls_d_res_low                             40.4360 
_refine.ls_extinction_coef                       ? 
_refine.ls_extinction_coef_esd                   ? 
_refine.ls_extinction_expression                 ? 
_refine.ls_extinction_method                     ? 
_refine.ls_goodness_of_fit_all                   ? 
_refine.ls_goodness_of_fit_all_esd               ? 
_refine.ls_goodness_of_fit_obs                   ? 
_refine.ls_goodness_of_fit_obs_esd               ? 
_refine.ls_hydrogen_treatment                    ? 
_refine.ls_matrix_type                           ? 
_refine.ls_number_constraints                    ? 
_refine.ls_number_parameters                     ? 
_refine.ls_number_reflns_all                     ? 
_refine.ls_number_reflns_obs                     9933 
_refine.ls_number_reflns_R_free                  993 
_refine.ls_number_reflns_R_work                  8940 
_refine.ls_number_restraints                     ? 
_refine.ls_percent_reflns_obs                    97.4100 
_refine.ls_percent_reflns_R_free                 10.0000 
_refine.ls_R_factor_all                          ? 
_refine.ls_R_factor_obs                          0.2086 
_refine.ls_R_factor_R_free                       0.2273 
_refine.ls_R_factor_R_free_error                 ? 
_refine.ls_R_factor_R_free_error_details         ? 
_refine.ls_R_factor_R_work                       0.2065 
_refine.ls_R_Fsqd_factor_obs                     ? 
_refine.ls_R_I_factor_obs                        ? 
_refine.ls_redundancy_reflns_all                 ? 
_refine.ls_redundancy_reflns_obs                 ? 
_refine.ls_restrained_S_all                      ? 
_refine.ls_restrained_S_obs                      ? 
_refine.ls_shift_over_esd_max                    ? 
_refine.ls_shift_over_esd_mean                   ? 
_refine.ls_structure_factor_coef                 ? 
_refine.ls_weighting_details                     ? 
_refine.ls_weighting_scheme                      ? 
_refine.ls_wR_factor_all                         ? 
_refine.ls_wR_factor_obs                         ? 
_refine.ls_wR_factor_R_free                      ? 
_refine.ls_wR_factor_R_work                      ? 
_refine.occupancy_max                            ? 
_refine.occupancy_min                            ? 
_refine.solvent_model_details                    'FLAT BULK SOLVENT MODEL' 
_refine.solvent_model_param_bsol                 ? 
_refine.solvent_model_param_ksol                 ? 
_refine.pdbx_R_complete                          ? 
_refine.ls_R_factor_gt                           ? 
_refine.ls_goodness_of_fit_gt                    ? 
_refine.ls_goodness_of_fit_ref                   ? 
_refine.ls_shift_over_su_max                     ? 
_refine.ls_shift_over_su_max_lt                  ? 
_refine.ls_shift_over_su_mean                    ? 
_refine.ls_shift_over_su_mean_lt                 ? 
_refine.pdbx_ls_sigma_I                          ? 
_refine.pdbx_ls_sigma_F                          0.000 
_refine.pdbx_ls_sigma_Fsqd                       ? 
_refine.pdbx_data_cutoff_high_absF               ? 
_refine.pdbx_data_cutoff_high_rms_absF           ? 
_refine.pdbx_data_cutoff_low_absF                ? 
_refine.pdbx_isotropic_thermal_model             ? 
_refine.pdbx_ls_cross_valid_method               THROUGHOUT 
_refine.pdbx_method_to_determine_struct          SAD 
_refine.pdbx_starting_model                      ? 
_refine.pdbx_stereochemistry_target_values       MLHL 
_refine.pdbx_R_Free_selection_details            ? 
_refine.pdbx_stereochem_target_val_spec_case     ? 
_refine.pdbx_overall_ESU_R                       ? 
_refine.pdbx_overall_ESU_R_Free                  ? 
_refine.pdbx_solvent_vdw_probe_radii             1.1100 
_refine.pdbx_solvent_ion_probe_radii             ? 
_refine.pdbx_solvent_shrinkage_radii             0.9000 
_refine.pdbx_real_space_R                        ? 
_refine.pdbx_density_correlation                 ? 
_refine.pdbx_pd_number_of_powder_patterns        ? 
_refine.pdbx_pd_number_of_points                 ? 
_refine.pdbx_pd_meas_number_of_points            ? 
_refine.pdbx_pd_proc_ls_prof_R_factor            ? 
_refine.pdbx_pd_proc_ls_prof_wR_factor           ? 
_refine.pdbx_pd_Marquardt_correlation_coeff      ? 
_refine.pdbx_pd_Fsqrd_R_factor                   ? 
_refine.pdbx_pd_ls_matrix_band_width             ? 
_refine.pdbx_overall_phase_error                 24.3600 
_refine.pdbx_overall_SU_R_free_Cruickshank_DPI   ? 
_refine.pdbx_overall_SU_R_free_Blow_DPI          ? 
_refine.pdbx_overall_SU_R_Blow_DPI               ? 
_refine.pdbx_TLS_residual_ADP_flag               ? 
_refine.pdbx_diffrn_id                           1 
_refine.overall_SU_B                             ? 
_refine.overall_SU_ML                            0.1700 
_refine.overall_SU_R_Cruickshank_DPI             ? 
_refine.overall_SU_R_free                        ? 
_refine.overall_FOM_free_R_set                   ? 
_refine.overall_FOM_work_R_set                   ? 
_refine.pdbx_average_fsc_overall                 ? 
_refine.pdbx_average_fsc_work                    ? 
_refine.pdbx_average_fsc_free                    ? 
# 
_refine_hist.pdbx_refine_id                   'X-RAY DIFFRACTION' 
_refine_hist.cycle_id                         final 
_refine_hist.details                          ? 
_refine_hist.d_res_high                       1.6040 
_refine_hist.d_res_low                        40.4360 
_refine_hist.number_atoms_solvent             68 
_refine_hist.number_atoms_total               744 
_refine_hist.number_reflns_all                ? 
_refine_hist.number_reflns_obs                ? 
_refine_hist.number_reflns_R_free             ? 
_refine_hist.number_reflns_R_work             ? 
_refine_hist.R_factor_all                     ? 
_refine_hist.R_factor_obs                     ? 
_refine_hist.R_factor_R_free                  ? 
_refine_hist.R_factor_R_work                  ? 
_refine_hist.pdbx_number_residues_total       86 
_refine_hist.pdbx_B_iso_mean_ligand           26.11 
_refine_hist.pdbx_B_iso_mean_solvent          28.04 
_refine_hist.pdbx_number_atoms_protein        658 
_refine_hist.pdbx_number_atoms_nucleic_acid   0 
_refine_hist.pdbx_number_atoms_ligand         18 
_refine_hist.pdbx_number_atoms_lipid          ? 
_refine_hist.pdbx_number_atoms_carb           ? 
_refine_hist.pdbx_pseudo_atom_details         ? 
# 
loop_
_refine_ls_shell.pdbx_refine_id 
_refine_ls_shell.d_res_high 
_refine_ls_shell.d_res_low 
_refine_ls_shell.number_reflns_all 
_refine_ls_shell.number_reflns_obs 
_refine_ls_shell.number_reflns_R_free 
_refine_ls_shell.number_reflns_R_work 
_refine_ls_shell.percent_reflns_obs 
_refine_ls_shell.percent_reflns_R_free 
_refine_ls_shell.R_factor_all 
_refine_ls_shell.R_factor_obs 
_refine_ls_shell.R_factor_R_free 
_refine_ls_shell.R_factor_R_free_error 
_refine_ls_shell.R_factor_R_work 
_refine_ls_shell.redundancy_reflns_all 
_refine_ls_shell.redundancy_reflns_obs 
_refine_ls_shell.wR_factor_all 
_refine_ls_shell.wR_factor_obs 
_refine_ls_shell.wR_factor_R_free 
_refine_ls_shell.wR_factor_R_work 
_refine_ls_shell.pdbx_R_complete 
_refine_ls_shell.pdbx_total_number_of_bins_used 
_refine_ls_shell.pdbx_phase_error 
_refine_ls_shell.pdbx_fsc_work 
_refine_ls_shell.pdbx_fsc_free 
'X-RAY DIFFRACTION' 1.6041 1.6887  . . 133 1206 92.0000  . . . 0.2926 0.0000 0.2343 . . . . . . . . . . . 
'X-RAY DIFFRACTION' 1.6887 1.7945  . . 137 1213 95.0000  . . . 0.2902 0.0000 0.2299 . . . . . . . . . . . 
'X-RAY DIFFRACTION' 1.7945 1.9330  . . 139 1265 97.0000  . . . 0.2908 0.0000 0.2174 . . . . . . . . . . . 
'X-RAY DIFFRACTION' 1.9330 2.1275  . . 142 1288 98.0000  . . . 0.2387 0.0000 0.2078 . . . . . . . . . . . 
'X-RAY DIFFRACTION' 2.1275 2.4354  . . 145 1295 100.0000 . . . 0.1968 0.0000 0.2070 . . . . . . . . . . . 
'X-RAY DIFFRACTION' 2.4354 3.0682  . . 145 1314 100.0000 . . . 0.2367 0.0000 0.2130 . . . . . . . . . . . 
'X-RAY DIFFRACTION' 3.0682 40.4360 . . 152 1359 100.0000 . . . 0.1934 0.0000 0.1910 . . . . . . . . . . . 
# 
_struct.entry_id                     7DG7 
_struct.title                        'DPBB domain of VCP-like ATPase from Methanopyrus kandleri' 
_struct.pdbx_model_details           ? 
_struct.pdbx_formula_weight          ? 
_struct.pdbx_formula_weight_method   ? 
_struct.pdbx_model_type_details      ? 
_struct.pdbx_CASP_flag               N 
# 
_struct_keywords.entry_id        7DG7 
_struct_keywords.text            'Double psi beta barrel, CHAPERONE' 
_struct_keywords.pdbx_keywords   CHAPERONE 
# 
loop_
_struct_asym.id 
_struct_asym.pdbx_blank_PDB_chainid_flag 
_struct_asym.pdbx_modified 
_struct_asym.entity_id 
_struct_asym.details 
A N N 1 ? 
B N N 2 ? 
C N N 2 ? 
D N N 3 ? 
E N N 3 ? 
F N N 3 ? 
G N N 3 ? 
H N N 3 ? 
I N N 3 ? 
J N N 3 ? 
K N N 3 ? 
L N N 4 ? 
# 
_struct_ref.id                         1 
_struct_ref.db_name                    UNP 
_struct_ref.db_code                    Q8TY20_METKA 
_struct_ref.pdbx_db_accession          Q8TY20 
_struct_ref.pdbx_db_isoform            ? 
_struct_ref.entity_id                  1 
_struct_ref.pdbx_seq_one_letter_code   
;MPGLPIKLRVEKAYPEDVGKRAVRMDKASRDRIGVSEGDLVKITGSKTTVARVLPAKKEDVGKGIVRMDKYERQNAGASV
GEPVEVDRAE
;
_struct_ref.pdbx_align_begin           1 
# 
_struct_ref_seq.align_id                      1 
_struct_ref_seq.ref_id                        1 
_struct_ref_seq.pdbx_PDB_id_code              7DG7 
_struct_ref_seq.pdbx_strand_id                A 
_struct_ref_seq.seq_align_beg                 3 
_struct_ref_seq.pdbx_seq_align_beg_ins_code   ? 
_struct_ref_seq.seq_align_end                 92 
_struct_ref_seq.pdbx_seq_align_end_ins_code   ? 
_struct_ref_seq.pdbx_db_accession             Q8TY20 
_struct_ref_seq.db_align_beg                  1 
_struct_ref_seq.pdbx_db_align_beg_ins_code    ? 
_struct_ref_seq.db_align_end                  90 
_struct_ref_seq.pdbx_db_align_end_ins_code    ? 
_struct_ref_seq.pdbx_auth_seq_align_beg       3 
_struct_ref_seq.pdbx_auth_seq_align_end       92 
# 
loop_
_struct_ref_seq_dif.align_id 
_struct_ref_seq_dif.pdbx_pdb_id_code 
_struct_ref_seq_dif.mon_id 
_struct_ref_seq_dif.pdbx_pdb_strand_id 
_struct_ref_seq_dif.seq_num 
_struct_ref_seq_dif.pdbx_pdb_ins_code 
_struct_ref_seq_dif.pdbx_seq_db_name 
_struct_ref_seq_dif.pdbx_seq_db_accession_code 
_struct_ref_seq_dif.db_mon_id 
_struct_ref_seq_dif.pdbx_seq_db_seq_num 
_struct_ref_seq_dif.details 
_struct_ref_seq_dif.pdbx_auth_seq_num 
_struct_ref_seq_dif.pdbx_ordinal 
1 7DG7 GLY A 1 ? UNP Q8TY20 ? ? 'expression tag' 1 1 
1 7DG7 PRO A 2 ? UNP Q8TY20 ? ? 'expression tag' 2 2 
# 
_pdbx_struct_assembly.id                   1 
_pdbx_struct_assembly.details              author_and_software_defined_assembly 
_pdbx_struct_assembly.method_details       PISA 
_pdbx_struct_assembly.oligomeric_details   monomeric 
_pdbx_struct_assembly.oligomeric_count     1 
# 
loop_
_pdbx_struct_assembly_prop.biol_id 
_pdbx_struct_assembly_prop.type 
_pdbx_struct_assembly_prop.value 
_pdbx_struct_assembly_prop.details 
1 'ABSA (A^2)' 170  ? 
1 MORE         -54  ? 
1 'SSA (A^2)'  4980 ? 
# 
_pdbx_struct_assembly_gen.assembly_id       1 
_pdbx_struct_assembly_gen.oper_expression   1 
_pdbx_struct_assembly_gen.asym_id_list      A,B,C,D,E,F,G,H,I,J,K,L 
# 
_pdbx_struct_assembly_auth_evidence.id                     1 
_pdbx_struct_assembly_auth_evidence.assembly_id            1 
_pdbx_struct_assembly_auth_evidence.experimental_support   'gel filtration' 
_pdbx_struct_assembly_auth_evidence.details                ? 
# 
_pdbx_struct_oper_list.id                   1 
_pdbx_struct_oper_list.type                 'identity operation' 
_pdbx_struct_oper_list.name                 1_555 
_pdbx_struct_oper_list.symmetry_operation   x,y,z 
_pdbx_struct_oper_list.matrix[1][1]         1.0000000000 
_pdbx_struct_oper_list.matrix[1][2]         0.0000000000 
_pdbx_struct_oper_list.matrix[1][3]         0.0000000000 
_pdbx_struct_oper_list.vector[1]            0.0000000000 
_pdbx_struct_oper_list.matrix[2][1]         0.0000000000 
_pdbx_struct_oper_list.matrix[2][2]         1.0000000000 
_pdbx_struct_oper_list.matrix[2][3]         0.0000000000 
_pdbx_struct_oper_list.vector[2]            0.0000000000 
_pdbx_struct_oper_list.matrix[3][1]         0.0000000000 
_pdbx_struct_oper_list.matrix[3][2]         0.0000000000 
_pdbx_struct_oper_list.matrix[3][3]         1.0000000000 
_pdbx_struct_oper_list.vector[3]            0.0000000000 
# 
loop_
_struct_conf.conf_type_id 
_struct_conf.id 
_struct_conf.pdbx_PDB_helix_id 
_struct_conf.beg_label_comp_id 
_struct_conf.beg_label_asym_id 
_struct_conf.beg_label_seq_id 
_struct_conf.pdbx_beg_PDB_ins_code 
_struct_conf.end_label_comp_id 
_struct_conf.end_label_asym_id 
_struct_conf.end_label_seq_id 
_struct_conf.pdbx_end_PDB_ins_code 
_struct_conf.beg_auth_comp_id 
_struct_conf.beg_auth_asym_id 
_struct_conf.beg_auth_seq_id 
_struct_conf.end_auth_comp_id 
_struct_conf.end_auth_asym_id 
_struct_conf.end_auth_seq_id 
_struct_conf.pdbx_PDB_helix_class 
_struct_conf.details 
_struct_conf.pdbx_PDB_helix_length 
HELX_P HELX_P1 AA1 TYR A 16 ? VAL A 20 ? TYR A 16 VAL A 20 5 ? 5 
HELX_P HELX_P2 AA2 ASP A 28 ? GLY A 36 ? ASP A 28 GLY A 36 1 ? 9 
HELX_P HELX_P3 AA3 LYS A 59 ? VAL A 63 ? LYS A 59 VAL A 63 5 ? 5 
HELX_P HELX_P4 AA4 ASP A 71 ? GLY A 79 ? ASP A 71 GLY A 79 1 ? 9 
# 
_struct_conf_type.id          HELX_P 
_struct_conf_type.criteria    ? 
_struct_conf_type.reference   ? 
# 
loop_
_struct_conn.id 
_struct_conn.conn_type_id 
_struct_conn.pdbx_leaving_atom_flag 
_struct_conn.pdbx_PDB_id 
_struct_conn.ptnr1_label_asym_id 
_struct_conn.ptnr1_label_comp_id 
_struct_conn.ptnr1_label_seq_id 
_struct_conn.ptnr1_label_atom_id 
_struct_conn.pdbx_ptnr1_label_alt_id 
_struct_conn.pdbx_ptnr1_PDB_ins_code 
_struct_conn.pdbx_ptnr1_standard_comp_id 
_struct_conn.ptnr1_symmetry 
_struct_conn.ptnr2_label_asym_id 
_struct_conn.ptnr2_label_comp_id 
_struct_conn.ptnr2_label_seq_id 
_struct_conn.ptnr2_label_atom_id 
_struct_conn.pdbx_ptnr2_label_alt_id 
_struct_conn.pdbx_ptnr2_PDB_ins_code 
_struct_conn.ptnr1_auth_asym_id 
_struct_conn.ptnr1_auth_comp_id 
_struct_conn.ptnr1_auth_seq_id 
_struct_conn.ptnr2_auth_asym_id 
_struct_conn.ptnr2_auth_comp_id 
_struct_conn.ptnr2_auth_seq_id 
_struct_conn.ptnr2_symmetry 
_struct_conn.pdbx_ptnr3_label_atom_id 
_struct_conn.pdbx_ptnr3_label_seq_id 
_struct_conn.pdbx_ptnr3_label_comp_id 
_struct_conn.pdbx_ptnr3_label_asym_id 
_struct_conn.pdbx_ptnr3_label_alt_id 
_struct_conn.pdbx_ptnr3_PDB_ins_code 
_struct_conn.details 
_struct_conn.pdbx_dist_value 
_struct_conn.pdbx_value_order 
_struct_conn.pdbx_role 
metalc1  metalc ? ? A LYS 9  NZ  ? ? ? 1_555 I ZN  . ZN ? ? A LYS 9   A ZN  108 1_555 ? ? ? ? ? ? ? 2.127 ? ? 
metalc2  metalc ? ? A GLU 13 OE1 ? ? ? 1_555 H ZN  . ZN L ? A GLU 13  A ZN  107 1_555 ? ? ? ? ? ? ? 2.544 ? ? 
metalc3  metalc ? ? A GLU 13 OE2 ? ? ? 1_555 H ZN  . ZN L ? A GLU 13  A ZN  107 1_555 ? ? ? ? ? ? ? 2.132 ? ? 
metalc4  metalc ? ? A GLU 18 OE2 ? ? ? 1_555 D ZN  . ZN L ? A GLU 18  A ZN  103 1_555 ? ? ? ? ? ? ? 2.080 ? ? 
metalc5  metalc ? ? A LYS 22 O   ? ? ? 1_555 G ZN  . ZN L ? A LYS 22  A ZN  106 1_555 ? ? ? ? ? ? ? 2.073 ? ? 
metalc6  metalc ? ? A GLU 39 OE2 ? ? ? 1_555 F ZN  . ZN L ? A GLU 39  A ZN  105 1_555 ? ? ? ? ? ? ? 2.272 ? ? 
metalc7  metalc ? ? A ASP 41 OD2 ? ? ? 1_555 K ZN  . ZN ? ? A ASP 41  A ZN  110 1_555 ? ? ? ? ? ? ? 2.217 ? ? 
metalc8  metalc ? ? A GLU 61 OE1 ? ? ? 1_555 E ZN  . ZN L ? A GLU 61  A ZN  104 1_555 ? ? ? ? ? ? ? 2.465 ? ? 
metalc9  metalc ? ? A ASP 71 OD1 ? ? ? 1_555 G ZN  . ZN L ? A ASP 71  A ZN  106 1_555 ? ? ? ? ? ? ? 1.990 ? ? 
metalc10 metalc ? ? A GLU 74 OE2 ? ? ? 1_555 G ZN  . ZN L ? A GLU 74  A ZN  106 1_555 ? ? ? ? ? ? ? 1.913 ? ? 
metalc11 metalc ? ? A GLU 84 OE1 ? ? ? 1_555 J ZN  . ZN ? ? A GLU 84  A ZN  109 1_555 ? ? ? ? ? ? ? 2.467 ? ? 
metalc12 metalc ? ? A GLU 84 OE2 ? ? ? 1_555 J ZN  . ZN ? ? A GLU 84  A ZN  109 1_555 ? ? ? ? ? ? ? 2.158 ? ? 
metalc13 metalc ? ? A GLU 87 OE2 ? ? ? 1_555 H ZN  . ZN L ? A GLU 87  A ZN  107 2_757 ? ? ? ? ? ? ? 2.107 ? ? 
metalc14 metalc ? ? B IMD .  N3  ? ? ? 1_555 H ZN  . ZN L ? A IMD 101 A ZN  107 1_555 ? ? ? ? ? ? ? 2.166 ? ? 
metalc15 metalc ? ? C IMD .  N1  ? ? ? 1_555 D ZN  . ZN L ? A IMD 102 A ZN  103 1_555 ? ? ? ? ? ? ? 1.973 ? ? 
metalc16 metalc ? ? C IMD .  N3  ? ? ? 1_555 E ZN  . ZN L ? A IMD 102 A ZN  104 1_555 ? ? ? ? ? ? ? 2.014 ? ? 
metalc17 metalc ? ? D ZN  .  ZN  L ? ? 1_555 L HOH . O  ? ? A ZN  103 A HOH 257 2_746 ? ? ? ? ? ? ? 2.283 ? ? 
metalc18 metalc ? ? D ZN  .  ZN  L ? ? 1_555 L HOH . O  ? ? A ZN  103 A HOH 260 1_555 ? ? ? ? ? ? ? 2.211 ? ? 
metalc19 metalc ? ? E ZN  .  ZN  L ? ? 1_555 L HOH . O  ? ? A ZN  104 A HOH 202 1_555 ? ? ? ? ? ? ? 2.178 ? ? 
metalc20 metalc ? ? E ZN  .  ZN  L ? ? 1_555 L HOH . O  ? ? A ZN  104 A HOH 225 1_555 ? ? ? ? ? ? ? 2.178 ? ? 
metalc21 metalc ? ? F ZN  .  ZN  L ? ? 1_555 L HOH . O  ? ? A ZN  105 A HOH 261 1_555 ? ? ? ? ? ? ? 2.327 ? ? 
metalc22 metalc ? ? F ZN  .  ZN  L ? ? 1_555 L HOH . O  ? ? A ZN  105 A HOH 262 2_646 ? ? ? ? ? ? ? 2.494 ? ? 
metalc23 metalc ? ? G ZN  .  ZN  L ? ? 1_555 L HOH . O  ? ? A ZN  106 A HOH 253 1_555 ? ? ? ? ? ? ? 2.160 ? ? 
metalc24 metalc ? ? H ZN  .  ZN  L ? ? 1_555 L HOH . O  ? ? A ZN  107 A HOH 245 1_555 ? ? ? ? ? ? ? 2.257 ? ? 
metalc25 metalc ? ? I ZN  .  ZN  ? ? ? 1_555 L HOH . O  ? ? A ZN  108 A HOH 240 1_555 ? ? ? ? ? ? ? 2.358 ? ? 
metalc26 metalc ? ? J ZN  .  ZN  ? ? ? 1_555 L HOH . O  ? ? A ZN  109 A HOH 223 1_555 ? ? ? ? ? ? ? 2.645 ? ? 
metalc27 metalc ? ? J ZN  .  ZN  ? ? ? 1_555 L HOH . O  ? ? A ZN  109 A HOH 250 1_555 ? ? ? ? ? ? ? 2.514 ? ? 
metalc28 metalc ? ? K ZN  .  ZN  ? ? ? 1_555 L HOH . O  ? ? A ZN  110 A HOH 254 2_656 ? ? ? ? ? ? ? 2.188 ? ? 
metalc29 metalc ? ? K ZN  .  ZN  ? ? ? 1_555 L HOH . O  ? ? A ZN  110 A HOH 256 1_555 ? ? ? ? ? ? ? 2.387 ? ? 
# 
_struct_conn_type.id          metalc 
_struct_conn_type.criteria    ? 
_struct_conn_type.reference   ? 
# 
loop_
_pdbx_struct_conn_angle.id 
_pdbx_struct_conn_angle.ptnr1_label_atom_id 
_pdbx_struct_conn_angle.ptnr1_label_alt_id 
_pdbx_struct_conn_angle.ptnr1_label_asym_id 
_pdbx_struct_conn_angle.ptnr1_label_comp_id 
_pdbx_struct_conn_angle.ptnr1_label_seq_id 
_pdbx_struct_conn_angle.ptnr1_auth_atom_id 
_pdbx_struct_conn_angle.ptnr1_auth_asym_id 
_pdbx_struct_conn_angle.ptnr1_auth_comp_id 
_pdbx_struct_conn_angle.ptnr1_auth_seq_id 
_pdbx_struct_conn_angle.ptnr1_PDB_ins_code 
_pdbx_struct_conn_angle.ptnr1_symmetry 
_pdbx_struct_conn_angle.ptnr2_label_atom_id 
_pdbx_struct_conn_angle.ptnr2_label_alt_id 
_pdbx_struct_conn_angle.ptnr2_label_asym_id 
_pdbx_struct_conn_angle.ptnr2_label_comp_id 
_pdbx_struct_conn_angle.ptnr2_label_seq_id 
_pdbx_struct_conn_angle.ptnr2_auth_atom_id 
_pdbx_struct_conn_angle.ptnr2_auth_asym_id 
_pdbx_struct_conn_angle.ptnr2_auth_comp_id 
_pdbx_struct_conn_angle.ptnr2_auth_seq_id 
_pdbx_struct_conn_angle.ptnr2_PDB_ins_code 
_pdbx_struct_conn_angle.ptnr2_symmetry 
_pdbx_struct_conn_angle.ptnr3_label_atom_id 
_pdbx_struct_conn_angle.ptnr3_label_alt_id 
_pdbx_struct_conn_angle.ptnr3_label_asym_id 
_pdbx_struct_conn_angle.ptnr3_label_comp_id 
_pdbx_struct_conn_angle.ptnr3_label_seq_id 
_pdbx_struct_conn_angle.ptnr3_auth_atom_id 
_pdbx_struct_conn_angle.ptnr3_auth_asym_id 
_pdbx_struct_conn_angle.ptnr3_auth_comp_id 
_pdbx_struct_conn_angle.ptnr3_auth_seq_id 
_pdbx_struct_conn_angle.ptnr3_PDB_ins_code 
_pdbx_struct_conn_angle.ptnr3_symmetry 
_pdbx_struct_conn_angle.value 
_pdbx_struct_conn_angle.value_esd 
1  NZ  ? A LYS 9  ? A LYS 9   ? 1_555 ZN ? I ZN . ? A ZN 108 ? 1_555 O   ? L HOH .  ? A HOH 240 ? 1_555 85.2  ? 
2  OE1 ? A GLU 13 ? A GLU 13  ? 1_555 ZN L H ZN . ? A ZN 107 ? 1_555 OE2 ? A GLU 13 ? A GLU 13  ? 1_555 54.6  ? 
3  OE1 ? A GLU 13 ? A GLU 13  ? 1_555 ZN L H ZN . ? A ZN 107 ? 1_555 OE2 ? A GLU 87 ? A GLU 87  ? 1_555 78.0  ? 
4  OE2 ? A GLU 13 ? A GLU 13  ? 1_555 ZN L H ZN . ? A ZN 107 ? 1_555 OE2 ? A GLU 87 ? A GLU 87  ? 1_555 38.5  ? 
5  OE1 ? A GLU 13 ? A GLU 13  ? 1_555 ZN L H ZN . ? A ZN 107 ? 1_555 N3  ? B IMD .  ? A IMD 101 ? 1_555 96.9  ? 
6  OE2 ? A GLU 13 ? A GLU 13  ? 1_555 ZN L H ZN . ? A ZN 107 ? 1_555 N3  ? B IMD .  ? A IMD 101 ? 1_555 122.1 ? 
7  OE2 ? A GLU 87 ? A GLU 87  ? 1_555 ZN L H ZN . ? A ZN 107 ? 1_555 N3  ? B IMD .  ? A IMD 101 ? 1_555 92.3  ? 
8  OE1 ? A GLU 13 ? A GLU 13  ? 1_555 ZN L H ZN . ? A ZN 107 ? 1_555 O   ? L HOH .  ? A HOH 245 ? 1_555 80.3  ? 
9  OE2 ? A GLU 13 ? A GLU 13  ? 1_555 ZN L H ZN . ? A ZN 107 ? 1_555 O   ? L HOH .  ? A HOH 245 ? 1_555 110.3 ? 
10 OE2 ? A GLU 87 ? A GLU 87  ? 1_555 ZN L H ZN . ? A ZN 107 ? 1_555 O   ? L HOH .  ? A HOH 245 ? 1_555 148.8 ? 
11 N3  ? B IMD .  ? A IMD 101 ? 1_555 ZN L H ZN . ? A ZN 107 ? 1_555 O   ? L HOH .  ? A HOH 245 ? 1_555 112.4 ? 
12 OE2 ? A GLU 18 ? A GLU 18  ? 1_555 ZN L D ZN . ? A ZN 103 ? 1_555 N1  ? C IMD .  ? A IMD 102 ? 1_555 95.3  ? 
13 OE2 ? A GLU 18 ? A GLU 18  ? 1_555 ZN L D ZN . ? A ZN 103 ? 1_555 O   ? L HOH .  ? A HOH 257 ? 2_746 104.3 ? 
14 N1  ? C IMD .  ? A IMD 102 ? 1_555 ZN L D ZN . ? A ZN 103 ? 1_555 O   ? L HOH .  ? A HOH 257 ? 2_746 112.8 ? 
15 OE2 ? A GLU 18 ? A GLU 18  ? 1_555 ZN L D ZN . ? A ZN 103 ? 1_555 O   ? L HOH .  ? A HOH 260 ? 1_555 116.7 ? 
16 N1  ? C IMD .  ? A IMD 102 ? 1_555 ZN L D ZN . ? A ZN 103 ? 1_555 O   ? L HOH .  ? A HOH 260 ? 1_555 112.6 ? 
17 O   ? L HOH .  ? A HOH 257 ? 2_746 ZN L D ZN . ? A ZN 103 ? 1_555 O   ? L HOH .  ? A HOH 260 ? 1_555 113.6 ? 
18 O   ? A LYS 22 ? A LYS 22  ? 1_555 ZN L G ZN . ? A ZN 106 ? 1_555 OD1 ? A ASP 71 ? A ASP 71  ? 1_555 99.2  ? 
19 O   ? A LYS 22 ? A LYS 22  ? 1_555 ZN L G ZN . ? A ZN 106 ? 1_555 OE2 ? A GLU 74 ? A GLU 74  ? 1_555 98.3  ? 
20 OD1 ? A ASP 71 ? A ASP 71  ? 1_555 ZN L G ZN . ? A ZN 106 ? 1_555 OE2 ? A GLU 74 ? A GLU 74  ? 1_555 105.8 ? 
21 O   ? A LYS 22 ? A LYS 22  ? 1_555 ZN L G ZN . ? A ZN 106 ? 1_555 O   ? L HOH .  ? A HOH 253 ? 1_555 99.8  ? 
22 OD1 ? A ASP 71 ? A ASP 71  ? 1_555 ZN L G ZN . ? A ZN 106 ? 1_555 O   ? L HOH .  ? A HOH 253 ? 1_555 118.0 ? 
23 OE2 ? A GLU 74 ? A GLU 74  ? 1_555 ZN L G ZN . ? A ZN 106 ? 1_555 O   ? L HOH .  ? A HOH 253 ? 1_555 128.7 ? 
24 OE2 ? A GLU 39 ? A GLU 39  ? 1_555 ZN L F ZN . ? A ZN 105 ? 1_555 O   ? L HOH .  ? A HOH 261 ? 1_555 118.5 ? 
25 OE2 ? A GLU 39 ? A GLU 39  ? 1_555 ZN L F ZN . ? A ZN 105 ? 1_555 O   ? L HOH .  ? A HOH 262 ? 2_646 105.8 ? 
26 O   ? L HOH .  ? A HOH 261 ? 1_555 ZN L F ZN . ? A ZN 105 ? 1_555 O   ? L HOH .  ? A HOH 262 ? 2_646 102.1 ? 
27 OD2 ? A ASP 41 ? A ASP 41  ? 1_555 ZN ? K ZN . ? A ZN 110 ? 1_555 O   ? L HOH .  ? A HOH 254 ? 2_656 123.9 ? 
28 OD2 ? A ASP 41 ? A ASP 41  ? 1_555 ZN ? K ZN . ? A ZN 110 ? 1_555 O   ? L HOH .  ? A HOH 256 ? 1_555 95.3  ? 
29 O   ? L HOH .  ? A HOH 254 ? 2_656 ZN ? K ZN . ? A ZN 110 ? 1_555 O   ? L HOH .  ? A HOH 256 ? 1_555 109.1 ? 
30 OE1 ? A GLU 61 ? A GLU 61  ? 1_555 ZN L E ZN . ? A ZN 104 ? 1_555 N3  ? C IMD .  ? A IMD 102 ? 1_555 113.0 ? 
31 OE1 ? A GLU 61 ? A GLU 61  ? 1_555 ZN L E ZN . ? A ZN 104 ? 1_555 O   ? L HOH .  ? A HOH 202 ? 1_555 127.6 ? 
32 N3  ? C IMD .  ? A IMD 102 ? 1_555 ZN L E ZN . ? A ZN 104 ? 1_555 O   ? L HOH .  ? A HOH 202 ? 1_555 107.0 ? 
33 OE1 ? A GLU 61 ? A GLU 61  ? 1_555 ZN L E ZN . ? A ZN 104 ? 1_555 O   ? L HOH .  ? A HOH 225 ? 1_555 112.3 ? 
34 N3  ? C IMD .  ? A IMD 102 ? 1_555 ZN L E ZN . ? A ZN 104 ? 1_555 O   ? L HOH .  ? A HOH 225 ? 1_555 103.4 ? 
35 O   ? L HOH .  ? A HOH 202 ? 1_555 ZN L E ZN . ? A ZN 104 ? 1_555 O   ? L HOH .  ? A HOH 225 ? 1_555 88.8  ? 
36 OE1 ? A GLU 84 ? A GLU 84  ? 1_555 ZN ? J ZN . ? A ZN 109 ? 1_555 OE2 ? A GLU 84 ? A GLU 84  ? 1_555 56.0  ? 
37 OE1 ? A GLU 84 ? A GLU 84  ? 1_555 ZN ? J ZN . ? A ZN 109 ? 1_555 O   ? L HOH .  ? A HOH 223 ? 1_555 103.9 ? 
38 OE2 ? A GLU 84 ? A GLU 84  ? 1_555 ZN ? J ZN . ? A ZN 109 ? 1_555 O   ? L HOH .  ? A HOH 223 ? 1_555 124.4 ? 
39 OE1 ? A GLU 84 ? A GLU 84  ? 1_555 ZN ? J ZN . ? A ZN 109 ? 1_555 O   ? L HOH .  ? A HOH 250 ? 1_555 88.0  ? 
40 OE2 ? A GLU 84 ? A GLU 84  ? 1_555 ZN ? J ZN . ? A ZN 109 ? 1_555 O   ? L HOH .  ? A HOH 250 ? 1_555 136.6 ? 
41 O   ? L HOH .  ? A HOH 223 ? 1_555 ZN ? J ZN . ? A ZN 109 ? 1_555 O   ? L HOH .  ? A HOH 250 ? 1_555 84.1  ? 
# 
_struct_sheet.id               AA1 
_struct_sheet.type             ? 
_struct_sheet.number_strands   7 
_struct_sheet.details          ? 
# 
loop_
_struct_sheet_order.sheet_id 
_struct_sheet_order.range_id_1 
_struct_sheet_order.range_id_2 
_struct_sheet_order.offset 
_struct_sheet_order.sense 
AA1 1 2 ? parallel      
AA1 2 3 ? anti-parallel 
AA1 3 4 ? parallel      
AA1 4 5 ? anti-parallel 
AA1 5 6 ? anti-parallel 
AA1 6 7 ? anti-parallel 
# 
loop_
_struct_sheet_range.sheet_id 
_struct_sheet_range.id 
_struct_sheet_range.beg_label_comp_id 
_struct_sheet_range.beg_label_asym_id 
_struct_sheet_range.beg_label_seq_id 
_struct_sheet_range.pdbx_beg_PDB_ins_code 
_struct_sheet_range.end_label_comp_id 
_struct_sheet_range.end_label_asym_id 
_struct_sheet_range.end_label_seq_id 
_struct_sheet_range.pdbx_end_PDB_ins_code 
_struct_sheet_range.beg_auth_comp_id 
_struct_sheet_range.beg_auth_asym_id 
_struct_sheet_range.beg_auth_seq_id 
_struct_sheet_range.end_auth_comp_id 
_struct_sheet_range.end_auth_asym_id 
_struct_sheet_range.end_auth_seq_id 
AA1 1 ILE A 8  ? LYS A 14 ? ILE A 8  LYS A 14 
AA1 2 ILE A 67 ? MET A 70 ? ILE A 67 MET A 70 
AA1 3 ALA A 24 ? MET A 27 ? ALA A 24 MET A 27 
AA1 4 THR A 50 ? PRO A 57 ? THR A 50 PRO A 57 
AA1 5 LEU A 42 ? THR A 46 ? LEU A 42 THR A 46 
AA1 6 PRO A 85 ? ARG A 90 ? PRO A 85 ARG A 90 
AA1 7 ILE A 8  ? LYS A 14 ? ILE A 8  LYS A 14 
# 
loop_
_pdbx_struct_sheet_hbond.sheet_id 
_pdbx_struct_sheet_hbond.range_id_1 
_pdbx_struct_sheet_hbond.range_id_2 
_pdbx_struct_sheet_hbond.range_1_label_atom_id 
_pdbx_struct_sheet_hbond.range_1_label_comp_id 
_pdbx_struct_sheet_hbond.range_1_label_asym_id 
_pdbx_struct_sheet_hbond.range_1_label_seq_id 
_pdbx_struct_sheet_hbond.range_1_PDB_ins_code 
_pdbx_struct_sheet_hbond.range_1_auth_atom_id 
_pdbx_struct_sheet_hbond.range_1_auth_comp_id 
_pdbx_struct_sheet_hbond.range_1_auth_asym_id 
_pdbx_struct_sheet_hbond.range_1_auth_seq_id 
_pdbx_struct_sheet_hbond.range_2_label_atom_id 
_pdbx_struct_sheet_hbond.range_2_label_comp_id 
_pdbx_struct_sheet_hbond.range_2_label_asym_id 
_pdbx_struct_sheet_hbond.range_2_label_seq_id 
_pdbx_struct_sheet_hbond.range_2_PDB_ins_code 
_pdbx_struct_sheet_hbond.range_2_auth_atom_id 
_pdbx_struct_sheet_hbond.range_2_auth_comp_id 
_pdbx_struct_sheet_hbond.range_2_auth_asym_id 
_pdbx_struct_sheet_hbond.range_2_auth_seq_id 
AA1 1 2 N GLU A 13 ? N GLU A 13 O MET A 70 ? O MET A 70 
AA1 2 3 O ARG A 69 ? O ARG A 69 N ARG A 26 ? N ARG A 26 
AA1 3 4 N VAL A 25 ? N VAL A 25 O LEU A 56 ? O LEU A 56 
AA1 4 5 O ALA A 53 ? O ALA A 53 N VAL A 43 ? N VAL A 43 
AA1 5 6 N LYS A 44 ? N LYS A 44 O ASP A 89 ? O ASP A 89 
AA1 6 7 O VAL A 88 ? O VAL A 88 N ILE A 8  ? N ILE A 8  
# 
loop_
_pdbx_validate_close_contact.id 
_pdbx_validate_close_contact.PDB_model_num 
_pdbx_validate_close_contact.auth_atom_id_1 
_pdbx_validate_close_contact.auth_asym_id_1 
_pdbx_validate_close_contact.auth_comp_id_1 
_pdbx_validate_close_contact.auth_seq_id_1 
_pdbx_validate_close_contact.PDB_ins_code_1 
_pdbx_validate_close_contact.label_alt_id_1 
_pdbx_validate_close_contact.auth_atom_id_2 
_pdbx_validate_close_contact.auth_asym_id_2 
_pdbx_validate_close_contact.auth_comp_id_2 
_pdbx_validate_close_contact.auth_seq_id_2 
_pdbx_validate_close_contact.PDB_ins_code_2 
_pdbx_validate_close_contact.label_alt_id_2 
_pdbx_validate_close_contact.dist 
1 1 OE2 A GLU 61  ? ? ZN A ZN  104 ? L 1.56 
2 1 O   A HOH 249 ? ? O  A HOH 268 ? ? 2.06 
3 1 O   A HOH 225 ? ? O  A HOH 241 ? ? 2.13 
4 1 NE  A ARG 90  ? ? O  A HOH 201 ? ? 2.14 
5 1 O   A HOH 264 ? ? O  A HOH 266 ? ? 2.14 
# 
loop_
_pdbx_validate_symm_contact.id 
_pdbx_validate_symm_contact.PDB_model_num 
_pdbx_validate_symm_contact.auth_atom_id_1 
_pdbx_validate_symm_contact.auth_asym_id_1 
_pdbx_validate_symm_contact.auth_comp_id_1 
_pdbx_validate_symm_contact.auth_seq_id_1 
_pdbx_validate_symm_contact.PDB_ins_code_1 
_pdbx_validate_symm_contact.label_alt_id_1 
_pdbx_validate_symm_contact.site_symmetry_1 
_pdbx_validate_symm_contact.auth_atom_id_2 
_pdbx_validate_symm_contact.auth_asym_id_2 
_pdbx_validate_symm_contact.auth_comp_id_2 
_pdbx_validate_symm_contact.auth_seq_id_2 
_pdbx_validate_symm_contact.PDB_ins_code_2 
_pdbx_validate_symm_contact.label_alt_id_2 
_pdbx_validate_symm_contact.site_symmetry_2 
_pdbx_validate_symm_contact.dist 
1 1 O A HOH 205 ? ? 1_555 O A HOH 211 ? ? 2_747 2.12 
2 1 O A HOH 205 ? ? 1_555 O A HOH 258 ? ? 2_747 2.13 
# 
_pdbx_entry_details.entry_id                 7DG7 
_pdbx_entry_details.has_ligand_of_interest   N 
_pdbx_entry_details.compound_details         ? 
_pdbx_entry_details.source_details           ? 
_pdbx_entry_details.nonpolymer_details       ? 
_pdbx_entry_details.sequence_details         ? 
# 
loop_
_pdbx_unobs_or_zero_occ_residues.id 
_pdbx_unobs_or_zero_occ_residues.PDB_model_num 
_pdbx_unobs_or_zero_occ_residues.polymer_flag 
_pdbx_unobs_or_zero_occ_residues.occupancy_flag 
_pdbx_unobs_or_zero_occ_residues.auth_asym_id 
_pdbx_unobs_or_zero_occ_residues.auth_comp_id 
_pdbx_unobs_or_zero_occ_residues.auth_seq_id 
_pdbx_unobs_or_zero_occ_residues.PDB_ins_code 
_pdbx_unobs_or_zero_occ_residues.label_asym_id 
_pdbx_unobs_or_zero_occ_residues.label_comp_id 
_pdbx_unobs_or_zero_occ_residues.label_seq_id 
1 1 Y 1 A GLY 1  ? A GLY 1  
2 1 Y 1 A PRO 2  ? A PRO 2  
3 1 Y 1 A MET 3  ? A MET 3  
4 1 Y 1 A PRO 4  ? A PRO 4  
5 1 Y 1 A GLY 5  ? A GLY 5  
6 1 Y 1 A GLU 92 ? A GLU 92 
# 
loop_
_chem_comp_atom.comp_id 
_chem_comp_atom.atom_id 
_chem_comp_atom.type_symbol 
_chem_comp_atom.pdbx_aromatic_flag 
_chem_comp_atom.pdbx_stereo_config 
_chem_comp_atom.pdbx_ordinal 
ALA N    N  N N 1   
ALA CA   C  N S 2   
ALA C    C  N N 3   
ALA O    O  N N 4   
ALA CB   C  N N 5   
ALA OXT  O  N N 6   
ALA H    H  N N 7   
ALA H2   H  N N 8   
ALA HA   H  N N 9   
ALA HB1  H  N N 10  
ALA HB2  H  N N 11  
ALA HB3  H  N N 12  
ALA HXT  H  N N 13  
ARG N    N  N N 14  
ARG CA   C  N S 15  
ARG C    C  N N 16  
ARG O    O  N N 17  
ARG CB   C  N N 18  
ARG CG   C  N N 19  
ARG CD   C  N N 20  
ARG NE   N  N N 21  
ARG CZ   C  N N 22  
ARG NH1  N  N N 23  
ARG NH2  N  N N 24  
ARG OXT  O  N N 25  
ARG H    H  N N 26  
ARG H2   H  N N 27  
ARG HA   H  N N 28  
ARG HB2  H  N N 29  
ARG HB3  H  N N 30  
ARG HG2  H  N N 31  
ARG HG3  H  N N 32  
ARG HD2  H  N N 33  
ARG HD3  H  N N 34  
ARG HE   H  N N 35  
ARG HH11 H  N N 36  
ARG HH12 H  N N 37  
ARG HH21 H  N N 38  
ARG HH22 H  N N 39  
ARG HXT  H  N N 40  
ASN N    N  N N 41  
ASN CA   C  N S 42  
ASN C    C  N N 43  
ASN O    O  N N 44  
ASN CB   C  N N 45  
ASN CG   C  N N 46  
ASN OD1  O  N N 47  
ASN ND2  N  N N 48  
ASN OXT  O  N N 49  
ASN H    H  N N 50  
ASN H2   H  N N 51  
ASN HA   H  N N 52  
ASN HB2  H  N N 53  
ASN HB3  H  N N 54  
ASN HD21 H  N N 55  
ASN HD22 H  N N 56  
ASN HXT  H  N N 57  
ASP N    N  N N 58  
ASP CA   C  N S 59  
ASP C    C  N N 60  
ASP O    O  N N 61  
ASP CB   C  N N 62  
ASP CG   C  N N 63  
ASP OD1  O  N N 64  
ASP OD2  O  N N 65  
ASP OXT  O  N N 66  
ASP H    H  N N 67  
ASP H2   H  N N 68  
ASP HA   H  N N 69  
ASP HB2  H  N N 70  
ASP HB3  H  N N 71  
ASP HD2  H  N N 72  
ASP HXT  H  N N 73  
GLN N    N  N N 74  
GLN CA   C  N S 75  
GLN C    C  N N 76  
GLN O    O  N N 77  
GLN CB   C  N N 78  
GLN CG   C  N N 79  
GLN CD   C  N N 80  
GLN OE1  O  N N 81  
GLN NE2  N  N N 82  
GLN OXT  O  N N 83  
GLN H    H  N N 84  
GLN H2   H  N N 85  
GLN HA   H  N N 86  
GLN HB2  H  N N 87  
GLN HB3  H  N N 88  
GLN HG2  H  N N 89  
GLN HG3  H  N N 90  
GLN HE21 H  N N 91  
GLN HE22 H  N N 92  
GLN HXT  H  N N 93  
GLU N    N  N N 94  
GLU CA   C  N S 95  
GLU C    C  N N 96  
GLU O    O  N N 97  
GLU CB   C  N N 98  
GLU CG   C  N N 99  
GLU CD   C  N N 100 
GLU OE1  O  N N 101 
GLU OE2  O  N N 102 
GLU OXT  O  N N 103 
GLU H    H  N N 104 
GLU H2   H  N N 105 
GLU HA   H  N N 106 
GLU HB2  H  N N 107 
GLU HB3  H  N N 108 
GLU HG2  H  N N 109 
GLU HG3  H  N N 110 
GLU HE2  H  N N 111 
GLU HXT  H  N N 112 
GLY N    N  N N 113 
GLY CA   C  N N 114 
GLY C    C  N N 115 
GLY O    O  N N 116 
GLY OXT  O  N N 117 
GLY H    H  N N 118 
GLY H2   H  N N 119 
GLY HA2  H  N N 120 
GLY HA3  H  N N 121 
GLY HXT  H  N N 122 
HOH O    O  N N 123 
HOH H1   H  N N 124 
HOH H2   H  N N 125 
ILE N    N  N N 126 
ILE CA   C  N S 127 
ILE C    C  N N 128 
ILE O    O  N N 129 
ILE CB   C  N S 130 
ILE CG1  C  N N 131 
ILE CG2  C  N N 132 
ILE CD1  C  N N 133 
ILE OXT  O  N N 134 
ILE H    H  N N 135 
ILE H2   H  N N 136 
ILE HA   H  N N 137 
ILE HB   H  N N 138 
ILE HG12 H  N N 139 
ILE HG13 H  N N 140 
ILE HG21 H  N N 141 
ILE HG22 H  N N 142 
ILE HG23 H  N N 143 
ILE HD11 H  N N 144 
ILE HD12 H  N N 145 
ILE HD13 H  N N 146 
ILE HXT  H  N N 147 
IMD N1   N  Y N 148 
IMD C2   C  Y N 149 
IMD N3   N  Y N 150 
IMD C4   C  Y N 151 
IMD C5   C  Y N 152 
IMD HN1  H  N N 153 
IMD H2   H  N N 154 
IMD HN3  H  N N 155 
IMD H4   H  N N 156 
IMD H5   H  N N 157 
LEU N    N  N N 158 
LEU CA   C  N S 159 
LEU C    C  N N 160 
LEU O    O  N N 161 
LEU CB   C  N N 162 
LEU CG   C  N N 163 
LEU CD1  C  N N 164 
LEU CD2  C  N N 165 
LEU OXT  O  N N 166 
LEU H    H  N N 167 
LEU H2   H  N N 168 
LEU HA   H  N N 169 
LEU HB2  H  N N 170 
LEU HB3  H  N N 171 
LEU HG   H  N N 172 
LEU HD11 H  N N 173 
LEU HD12 H  N N 174 
LEU HD13 H  N N 175 
LEU HD21 H  N N 176 
LEU HD22 H  N N 177 
LEU HD23 H  N N 178 
LEU HXT  H  N N 179 
LYS N    N  N N 180 
LYS CA   C  N S 181 
LYS C    C  N N 182 
LYS O    O  N N 183 
LYS CB   C  N N 184 
LYS CG   C  N N 185 
LYS CD   C  N N 186 
LYS CE   C  N N 187 
LYS NZ   N  N N 188 
LYS OXT  O  N N 189 
LYS H    H  N N 190 
LYS H2   H  N N 191 
LYS HA   H  N N 192 
LYS HB2  H  N N 193 
LYS HB3  H  N N 194 
LYS HG2  H  N N 195 
LYS HG3  H  N N 196 
LYS HD2  H  N N 197 
LYS HD3  H  N N 198 
LYS HE2  H  N N 199 
LYS HE3  H  N N 200 
LYS HZ1  H  N N 201 
LYS HZ2  H  N N 202 
LYS HZ3  H  N N 203 
LYS HXT  H  N N 204 
MET N    N  N N 205 
MET CA   C  N S 206 
MET C    C  N N 207 
MET O    O  N N 208 
MET CB   C  N N 209 
MET CG   C  N N 210 
MET SD   S  N N 211 
MET CE   C  N N 212 
MET OXT  O  N N 213 
MET H    H  N N 214 
MET H2   H  N N 215 
MET HA   H  N N 216 
MET HB2  H  N N 217 
MET HB3  H  N N 218 
MET HG2  H  N N 219 
MET HG3  H  N N 220 
MET HE1  H  N N 221 
MET HE2  H  N N 222 
MET HE3  H  N N 223 
MET HXT  H  N N 224 
PRO N    N  N N 225 
PRO CA   C  N S 226 
PRO C    C  N N 227 
PRO O    O  N N 228 
PRO CB   C  N N 229 
PRO CG   C  N N 230 
PRO CD   C  N N 231 
PRO OXT  O  N N 232 
PRO H    H  N N 233 
PRO HA   H  N N 234 
PRO HB2  H  N N 235 
PRO HB3  H  N N 236 
PRO HG2  H  N N 237 
PRO HG3  H  N N 238 
PRO HD2  H  N N 239 
PRO HD3  H  N N 240 
PRO HXT  H  N N 241 
SER N    N  N N 242 
SER CA   C  N S 243 
SER C    C  N N 244 
SER O    O  N N 245 
SER CB   C  N N 246 
SER OG   O  N N 247 
SER OXT  O  N N 248 
SER H    H  N N 249 
SER H2   H  N N 250 
SER HA   H  N N 251 
SER HB2  H  N N 252 
SER HB3  H  N N 253 
SER HG   H  N N 254 
SER HXT  H  N N 255 
THR N    N  N N 256 
THR CA   C  N S 257 
THR C    C  N N 258 
THR O    O  N N 259 
THR CB   C  N R 260 
THR OG1  O  N N 261 
THR CG2  C  N N 262 
THR OXT  O  N N 263 
THR H    H  N N 264 
THR H2   H  N N 265 
THR HA   H  N N 266 
THR HB   H  N N 267 
THR HG1  H  N N 268 
THR HG21 H  N N 269 
THR HG22 H  N N 270 
THR HG23 H  N N 271 
THR HXT  H  N N 272 
TYR N    N  N N 273 
TYR CA   C  N S 274 
TYR C    C  N N 275 
TYR O    O  N N 276 
TYR CB   C  N N 277 
TYR CG   C  Y N 278 
TYR CD1  C  Y N 279 
TYR CD2  C  Y N 280 
TYR CE1  C  Y N 281 
TYR CE2  C  Y N 282 
TYR CZ   C  Y N 283 
TYR OH   O  N N 284 
TYR OXT  O  N N 285 
TYR H    H  N N 286 
TYR H2   H  N N 287 
TYR HA   H  N N 288 
TYR HB2  H  N N 289 
TYR HB3  H  N N 290 
TYR HD1  H  N N 291 
TYR HD2  H  N N 292 
TYR HE1  H  N N 293 
TYR HE2  H  N N 294 
TYR HH   H  N N 295 
TYR HXT  H  N N 296 
VAL N    N  N N 297 
VAL CA   C  N S 298 
VAL C    C  N N 299 
VAL O    O  N N 300 
VAL CB   C  N N 301 
VAL CG1  C  N N 302 
VAL CG2  C  N N 303 
VAL OXT  O  N N 304 
VAL H    H  N N 305 
VAL H2   H  N N 306 
VAL HA   H  N N 307 
VAL HB   H  N N 308 
VAL HG11 H  N N 309 
VAL HG12 H  N N 310 
VAL HG13 H  N N 311 
VAL HG21 H  N N 312 
VAL HG22 H  N N 313 
VAL HG23 H  N N 314 
VAL HXT  H  N N 315 
ZN  ZN   ZN N N 316 
# 
loop_
_chem_comp_bond.comp_id 
_chem_comp_bond.atom_id_1 
_chem_comp_bond.atom_id_2 
_chem_comp_bond.value_order 
_chem_comp_bond.pdbx_aromatic_flag 
_chem_comp_bond.pdbx_stereo_config 
_chem_comp_bond.pdbx_ordinal 
ALA N   CA   sing N N 1   
ALA N   H    sing N N 2   
ALA N   H2   sing N N 3   
ALA CA  C    sing N N 4   
ALA CA  CB   sing N N 5   
ALA CA  HA   sing N N 6   
ALA C   O    doub N N 7   
ALA C   OXT  sing N N 8   
ALA CB  HB1  sing N N 9   
ALA CB  HB2  sing N N 10  
ALA CB  HB3  sing N N 11  
ALA OXT HXT  sing N N 12  
ARG N   CA   sing N N 13  
ARG N   H    sing N N 14  
ARG N   H2   sing N N 15  
ARG CA  C    sing N N 16  
ARG CA  CB   sing N N 17  
ARG CA  HA   sing N N 18  
ARG C   O    doub N N 19  
ARG C   OXT  sing N N 20  
ARG CB  CG   sing N N 21  
ARG CB  HB2  sing N N 22  
ARG CB  HB3  sing N N 23  
ARG CG  CD   sing N N 24  
ARG CG  HG2  sing N N 25  
ARG CG  HG3  sing N N 26  
ARG CD  NE   sing N N 27  
ARG CD  HD2  sing N N 28  
ARG CD  HD3  sing N N 29  
ARG NE  CZ   sing N N 30  
ARG NE  HE   sing N N 31  
ARG CZ  NH1  sing N N 32  
ARG CZ  NH2  doub N N 33  
ARG NH1 HH11 sing N N 34  
ARG NH1 HH12 sing N N 35  
ARG NH2 HH21 sing N N 36  
ARG NH2 HH22 sing N N 37  
ARG OXT HXT  sing N N 38  
ASN N   CA   sing N N 39  
ASN N   H    sing N N 40  
ASN N   H2   sing N N 41  
ASN CA  C    sing N N 42  
ASN CA  CB   sing N N 43  
ASN CA  HA   sing N N 44  
ASN C   O    doub N N 45  
ASN C   OXT  sing N N 46  
ASN CB  CG   sing N N 47  
ASN CB  HB2  sing N N 48  
ASN CB  HB3  sing N N 49  
ASN CG  OD1  doub N N 50  
ASN CG  ND2  sing N N 51  
ASN ND2 HD21 sing N N 52  
ASN ND2 HD22 sing N N 53  
ASN OXT HXT  sing N N 54  
ASP N   CA   sing N N 55  
ASP N   H    sing N N 56  
ASP N   H2   sing N N 57  
ASP CA  C    sing N N 58  
ASP CA  CB   sing N N 59  
ASP CA  HA   sing N N 60  
ASP C   O    doub N N 61  
ASP C   OXT  sing N N 62  
ASP CB  CG   sing N N 63  
ASP CB  HB2  sing N N 64  
ASP CB  HB3  sing N N 65  
ASP CG  OD1  doub N N 66  
ASP CG  OD2  sing N N 67  
ASP OD2 HD2  sing N N 68  
ASP OXT HXT  sing N N 69  
GLN N   CA   sing N N 70  
GLN N   H    sing N N 71  
GLN N   H2   sing N N 72  
GLN CA  C    sing N N 73  
GLN CA  CB   sing N N 74  
GLN CA  HA   sing N N 75  
GLN C   O    doub N N 76  
GLN C   OXT  sing N N 77  
GLN CB  CG   sing N N 78  
GLN CB  HB2  sing N N 79  
GLN CB  HB3  sing N N 80  
GLN CG  CD   sing N N 81  
GLN CG  HG2  sing N N 82  
GLN CG  HG3  sing N N 83  
GLN CD  OE1  doub N N 84  
GLN CD  NE2  sing N N 85  
GLN NE2 HE21 sing N N 86  
GLN NE2 HE22 sing N N 87  
GLN OXT HXT  sing N N 88  
GLU N   CA   sing N N 89  
GLU N   H    sing N N 90  
GLU N   H2   sing N N 91  
GLU CA  C    sing N N 92  
GLU CA  CB   sing N N 93  
GLU CA  HA   sing N N 94  
GLU C   O    doub N N 95  
GLU C   OXT  sing N N 96  
GLU CB  CG   sing N N 97  
GLU CB  HB2  sing N N 98  
GLU CB  HB3  sing N N 99  
GLU CG  CD   sing N N 100 
GLU CG  HG2  sing N N 101 
GLU CG  HG3  sing N N 102 
GLU CD  OE1  doub N N 103 
GLU CD  OE2  sing N N 104 
GLU OE2 HE2  sing N N 105 
GLU OXT HXT  sing N N 106 
GLY N   CA   sing N N 107 
GLY N   H    sing N N 108 
GLY N   H2   sing N N 109 
GLY CA  C    sing N N 110 
GLY CA  HA2  sing N N 111 
GLY CA  HA3  sing N N 112 
GLY C   O    doub N N 113 
GLY C   OXT  sing N N 114 
GLY OXT HXT  sing N N 115 
HOH O   H1   sing N N 116 
HOH O   H2   sing N N 117 
ILE N   CA   sing N N 118 
ILE N   H    sing N N 119 
ILE N   H2   sing N N 120 
ILE CA  C    sing N N 121 
ILE CA  CB   sing N N 122 
ILE CA  HA   sing N N 123 
ILE C   O    doub N N 124 
ILE C   OXT  sing N N 125 
ILE CB  CG1  sing N N 126 
ILE CB  CG2  sing N N 127 
ILE CB  HB   sing N N 128 
ILE CG1 CD1  sing N N 129 
ILE CG1 HG12 sing N N 130 
ILE CG1 HG13 sing N N 131 
ILE CG2 HG21 sing N N 132 
ILE CG2 HG22 sing N N 133 
ILE CG2 HG23 sing N N 134 
ILE CD1 HD11 sing N N 135 
ILE CD1 HD12 sing N N 136 
ILE CD1 HD13 sing N N 137 
ILE OXT HXT  sing N N 138 
IMD N1  C2   sing Y N 139 
IMD N1  C5   sing Y N 140 
IMD N1  HN1  sing N N 141 
IMD C2  N3   doub Y N 142 
IMD C2  H2   sing N N 143 
IMD N3  C4   sing Y N 144 
IMD N3  HN3  sing N N 145 
IMD C4  C5   doub Y N 146 
IMD C4  H4   sing N N 147 
IMD C5  H5   sing N N 148 
LEU N   CA   sing N N 149 
LEU N   H    sing N N 150 
LEU N   H2   sing N N 151 
LEU CA  C    sing N N 152 
LEU CA  CB   sing N N 153 
LEU CA  HA   sing N N 154 
LEU C   O    doub N N 155 
LEU C   OXT  sing N N 156 
LEU CB  CG   sing N N 157 
LEU CB  HB2  sing N N 158 
LEU CB  HB3  sing N N 159 
LEU CG  CD1  sing N N 160 
LEU CG  CD2  sing N N 161 
LEU CG  HG   sing N N 162 
LEU CD1 HD11 sing N N 163 
LEU CD1 HD12 sing N N 164 
LEU CD1 HD13 sing N N 165 
LEU CD2 HD21 sing N N 166 
LEU CD2 HD22 sing N N 167 
LEU CD2 HD23 sing N N 168 
LEU OXT HXT  sing N N 169 
LYS N   CA   sing N N 170 
LYS N   H    sing N N 171 
LYS N   H2   sing N N 172 
LYS CA  C    sing N N 173 
LYS CA  CB   sing N N 174 
LYS CA  HA   sing N N 175 
LYS C   O    doub N N 176 
LYS C   OXT  sing N N 177 
LYS CB  CG   sing N N 178 
LYS CB  HB2  sing N N 179 
LYS CB  HB3  sing N N 180 
LYS CG  CD   sing N N 181 
LYS CG  HG2  sing N N 182 
LYS CG  HG3  sing N N 183 
LYS CD  CE   sing N N 184 
LYS CD  HD2  sing N N 185 
LYS CD  HD3  sing N N 186 
LYS CE  NZ   sing N N 187 
LYS CE  HE2  sing N N 188 
LYS CE  HE3  sing N N 189 
LYS NZ  HZ1  sing N N 190 
LYS NZ  HZ2  sing N N 191 
LYS NZ  HZ3  sing N N 192 
LYS OXT HXT  sing N N 193 
MET N   CA   sing N N 194 
MET N   H    sing N N 195 
MET N   H2   sing N N 196 
MET CA  C    sing N N 197 
MET CA  CB   sing N N 198 
MET CA  HA   sing N N 199 
MET C   O    doub N N 200 
MET C   OXT  sing N N 201 
MET CB  CG   sing N N 202 
MET CB  HB2  sing N N 203 
MET CB  HB3  sing N N 204 
MET CG  SD   sing N N 205 
MET CG  HG2  sing N N 206 
MET CG  HG3  sing N N 207 
MET SD  CE   sing N N 208 
MET CE  HE1  sing N N 209 
MET CE  HE2  sing N N 210 
MET CE  HE3  sing N N 211 
MET OXT HXT  sing N N 212 
PRO N   CA   sing N N 213 
PRO N   CD   sing N N 214 
PRO N   H    sing N N 215 
PRO CA  C    sing N N 216 
PRO CA  CB   sing N N 217 
PRO CA  HA   sing N N 218 
PRO C   O    doub N N 219 
PRO C   OXT  sing N N 220 
PRO CB  CG   sing N N 221 
PRO CB  HB2  sing N N 222 
PRO CB  HB3  sing N N 223 
PRO CG  CD   sing N N 224 
PRO CG  HG2  sing N N 225 
PRO CG  HG3  sing N N 226 
PRO CD  HD2  sing N N 227 
PRO CD  HD3  sing N N 228 
PRO OXT HXT  sing N N 229 
SER N   CA   sing N N 230 
SER N   H    sing N N 231 
SER N   H2   sing N N 232 
SER CA  C    sing N N 233 
SER CA  CB   sing N N 234 
SER CA  HA   sing N N 235 
SER C   O    doub N N 236 
SER C   OXT  sing N N 237 
SER CB  OG   sing N N 238 
SER CB  HB2  sing N N 239 
SER CB  HB3  sing N N 240 
SER OG  HG   sing N N 241 
SER OXT HXT  sing N N 242 
THR N   CA   sing N N 243 
THR N   H    sing N N 244 
THR N   H2   sing N N 245 
THR CA  C    sing N N 246 
THR CA  CB   sing N N 247 
THR CA  HA   sing N N 248 
THR C   O    doub N N 249 
THR C   OXT  sing N N 250 
THR CB  OG1  sing N N 251 
THR CB  CG2  sing N N 252 
THR CB  HB   sing N N 253 
THR OG1 HG1  sing N N 254 
THR CG2 HG21 sing N N 255 
THR CG2 HG22 sing N N 256 
THR CG2 HG23 sing N N 257 
THR OXT HXT  sing N N 258 
TYR N   CA   sing N N 259 
TYR N   H    sing N N 260 
TYR N   H2   sing N N 261 
TYR CA  C    sing N N 262 
TYR CA  CB   sing N N 263 
TYR CA  HA   sing N N 264 
TYR C   O    doub N N 265 
TYR C   OXT  sing N N 266 
TYR CB  CG   sing N N 267 
TYR CB  HB2  sing N N 268 
TYR CB  HB3  sing N N 269 
TYR CG  CD1  doub Y N 270 
TYR CG  CD2  sing Y N 271 
TYR CD1 CE1  sing Y N 272 
TYR CD1 HD1  sing N N 273 
TYR CD2 CE2  doub Y N 274 
TYR CD2 HD2  sing N N 275 
TYR CE1 CZ   doub Y N 276 
TYR CE1 HE1  sing N N 277 
TYR CE2 CZ   sing Y N 278 
TYR CE2 HE2  sing N N 279 
TYR CZ  OH   sing N N 280 
TYR OH  HH   sing N N 281 
TYR OXT HXT  sing N N 282 
VAL N   CA   sing N N 283 
VAL N   H    sing N N 284 
VAL N   H2   sing N N 285 
VAL CA  C    sing N N 286 
VAL CA  CB   sing N N 287 
VAL CA  HA   sing N N 288 
VAL C   O    doub N N 289 
VAL C   OXT  sing N N 290 
VAL CB  CG1  sing N N 291 
VAL CB  CG2  sing N N 292 
VAL CB  HB   sing N N 293 
VAL CG1 HG11 sing N N 294 
VAL CG1 HG12 sing N N 295 
VAL CG1 HG13 sing N N 296 
VAL CG2 HG21 sing N N 297 
VAL CG2 HG22 sing N N 298 
VAL CG2 HG23 sing N N 299 
VAL OXT HXT  sing N N 300 
# 
_pdbx_audit_support.funding_organization   'Japan Society for the Promotion of Science (JSPS)' 
_pdbx_audit_support.country                Japan 
_pdbx_audit_support.grant_number           18H01328 
_pdbx_audit_support.ordinal                1 
# 
_atom_sites.entry_id                    7DG7 
_atom_sites.Cartn_transf_matrix[1][1]   ? 
_atom_sites.Cartn_transf_matrix[1][2]   ? 
_atom_sites.Cartn_transf_matrix[1][3]   ? 
_atom_sites.Cartn_transf_matrix[2][1]   ? 
_atom_sites.Cartn_transf_matrix[2][2]   ? 
_atom_sites.Cartn_transf_matrix[2][3]   ? 
_atom_sites.Cartn_transf_matrix[3][1]   ? 
_atom_sites.Cartn_transf_matrix[3][2]   ? 
_atom_sites.Cartn_transf_matrix[3][3]   ? 
_atom_sites.Cartn_transf_vector[1]      ? 
_atom_sites.Cartn_transf_vector[2]      ? 
_atom_sites.Cartn_transf_vector[3]      ? 
_atom_sites.fract_transf_matrix[1][1]   -0.00712216 
_atom_sites.fract_transf_matrix[1][2]   0.03150060 
_atom_sites.fract_transf_matrix[1][3]   -0.00363152 
_atom_sites.fract_transf_matrix[2][1]   -0.00652040 
_atom_sites.fract_transf_matrix[2][2]   0.00231301 
_atom_sites.fract_transf_matrix[2][3]   0.03285139 
_atom_sites.fract_transf_matrix[3][1]   0.02114989 
_atom_sites.fract_transf_matrix[3][2]   0.01237699 
_atom_sites.fract_transf_matrix[3][3]   0.00332642 
_atom_sites.fract_transf_vector[1]      0.825801 
_atom_sites.fract_transf_vector[2]      0.346634 
_atom_sites.fract_transf_vector[3]      0.760409 
_atom_sites.solution_primary            ? 
_atom_sites.solution_secondary          ? 
_atom_sites.solution_hydrogens          ? 
_atom_sites.special_details             ? 
# 
loop_
_atom_type.symbol 
C  
N  
O  
S  
ZN 
# 
loop_
_atom_site.group_PDB 
_atom_site.id 
_atom_site.type_symbol 
_atom_site.label_atom_id 
_atom_site.label_alt_id 
_atom_site.label_comp_id 
_atom_site.label_asym_id 
_atom_site.label_entity_id 
_atom_site.label_seq_id 
_atom_site.pdbx_PDB_ins_code 
_atom_site.Cartn_x 
_atom_site.Cartn_y 
_atom_site.Cartn_z 
_atom_site.occupancy 
_atom_site.B_iso_or_equiv 
_atom_site.pdbx_formal_charge 
_atom_site.auth_seq_id 
_atom_site.auth_comp_id 
_atom_site.auth_asym_id 
_atom_site.auth_atom_id 
_atom_site.pdbx_PDB_model_num 
ATOM   1   N  N   . LEU A 1 6  ? 13.128  -4.542  8.937   1.00 34.90 ?  6   LEU A N   1 
ATOM   2   C  CA  . LEU A 1 6  ? 13.017  -3.269  8.222   1.00 28.96 ?  6   LEU A CA  1 
ATOM   3   C  C   . LEU A 1 6  ? 11.831  -3.286  7.263   1.00 30.04 ?  6   LEU A C   1 
ATOM   4   O  O   . LEU A 1 6  ? 11.577  -4.296  6.604   1.00 29.94 ?  6   LEU A O   1 
ATOM   5   C  CB  . LEU A 1 6  ? 14.298  -2.965  7.452   1.00 28.17 ?  6   LEU A CB  1 
ATOM   6   C  CG  . LEU A 1 6  ? 15.474  -2.445  8.291   1.00 32.73 ?  6   LEU A CG  1 
ATOM   7   C  CD1 . LEU A 1 6  ? 16.602  -1.982  7.397   1.00 33.11 ?  6   LEU A CD1 1 
ATOM   8   C  CD2 . LEU A 1 6  ? 15.038  -1.341  9.242   1.00 30.66 ?  6   LEU A CD2 1 
ATOM   9   N  N   . PRO A 1 7  ? 11.092  -2.181  7.189   1.00 21.59 ?  7   PRO A N   1 
ATOM   10  C  CA  . PRO A 1 7  ? 10.018  -2.080  6.199   1.00 20.06 ?  7   PRO A CA  1 
ATOM   11  C  C   . PRO A 1 7  ? 10.594  -1.773  4.824   1.00 20.32 ?  7   PRO A C   1 
ATOM   12  O  O   . PRO A 1 7  ? 11.775  -1.479  4.665   1.00 19.10 ?  7   PRO A O   1 
ATOM   13  C  CB  . PRO A 1 7  ? 9.162   -0.921  6.722   1.00 20.36 ?  7   PRO A CB  1 
ATOM   14  C  CG  . PRO A 1 7  ? 10.148  -0.034  7.425   1.00 22.29 ?  7   PRO A CG  1 
ATOM   15  C  CD  . PRO A 1 7  ? 11.173  -0.979  8.042   1.00 23.22 ?  7   PRO A CD  1 
ATOM   16  N  N   . ILE A 1 8  ? 9.747   -1.882  3.818   1.00 17.79 ?  8   ILE A N   1 
ATOM   17  C  CA  . ILE A 1 8  ? 10.083  -1.359  2.504   1.00 16.53 ?  8   ILE A CA  1 
ATOM   18  C  C   . ILE A 1 8  ? 9.361   -0.037  2.300   1.00 15.11 ?  8   ILE A C   1 
ATOM   19  O  O   . ILE A 1 8  ? 8.334   0.248   2.922   1.00 19.43 ?  8   ILE A O   1 
ATOM   20  C  CB  . ILE A 1 8  ? 9.742   -2.339  1.374   1.00 19.93 ?  8   ILE A CB  1 
ATOM   21  C  CG1 . ILE A 1 8  ? 8.230   -2.486  1.253   1.00 18.36 ?  8   ILE A CG1 1 
ATOM   22  C  CG2 . ILE A 1 8  ? 10.444  -3.679  1.620   1.00 27.35 ?  8   ILE A CG2 1 
ATOM   23  C  CD1 . ILE A 1 8  ? 7.817   -3.278  0.018   1.00 25.39 ?  8   ILE A CD1 1 
ATOM   24  N  N   . LYS A 1 9  ? 9.898   0.785   1.397   1.00 16.18 ?  9   LYS A N   1 
ATOM   25  C  CA  . LYS A 1 9  ? 9.251   2.030   1.008   1.00 11.00 ?  9   LYS A CA  1 
ATOM   26  C  C   . LYS A 1 9  ? 8.641   1.879   -0.376  1.00 11.30 ?  9   LYS A C   1 
ATOM   27  O  O   . LYS A 1 9  ? 9.253   1.299   -1.283  1.00 14.42 ?  9   LYS A O   1 
ATOM   28  C  CB  . LYS A 1 9  ? 10.232  3.208   1.014   1.00 15.53 ?  9   LYS A CB  1 
ATOM   29  C  CG  . LYS A 1 9  ? 10.398  3.832   2.367   1.00 21.78 ?  9   LYS A CG  1 
ATOM   30  C  CD  . LYS A 1 9  ? 11.374  4.973   2.320   1.00 20.92 ?  9   LYS A CD  1 
ATOM   31  C  CE  . LYS A 1 9  ? 11.548  5.598   3.701   1.00 20.87 ?  9   LYS A CE  1 
ATOM   32  N  NZ  . LYS A 1 9  ? 12.703  6.553   3.693   1.00 26.09 ?  9   LYS A NZ  1 
ATOM   33  N  N   . LEU A 1 10 ? 7.421   2.398   -0.521  1.00 8.22  ?  10  LEU A N   1 
ATOM   34  C  CA  . LEU A 1 10 ? 6.726   2.430   -1.792  1.00 8.84  ?  10  LEU A CA  1 
ATOM   35  C  C   . LEU A 1 10 ? 6.042   3.773   -1.943  1.00 12.98 ?  10  LEU A C   1 
ATOM   36  O  O   . LEU A 1 10 ? 5.620   4.385   -0.952  1.00 12.02 ?  10  LEU A O   1 
ATOM   37  C  CB  . LEU A 1 10 ? 5.656   1.326   -1.867  1.00 8.78  ?  10  LEU A CB  1 
ATOM   38  C  CG  . LEU A 1 10 ? 6.189   -0.106  -1.804  1.00 11.05 ?  10  LEU A CG  1 
ATOM   39  C  CD1 . LEU A 1 10 ? 5.066   -1.117  -1.496  1.00 13.14 ?  10  LEU A CD1 1 
ATOM   40  C  CD2 . LEU A 1 10 ? 6.938   -0.454  -3.114  1.00 12.54 ?  10  LEU A CD2 1 
ATOM   41  N  N   . ARG A 1 11 ? 5.877   4.193   -3.189  1.00 9.25  ?  11  ARG A N   1 
ATOM   42  C  CA  . ARG A 1 11 ? 5.263   5.484   -3.480  1.00 11.03 ?  11  ARG A CA  1 
ATOM   43  C  C   . ARG A 1 11 ? 3.749   5.355   -3.495  1.00 9.57  ?  11  ARG A C   1 
ATOM   44  O  O   . ARG A 1 11 ? 3.210   4.496   -4.195  1.00 10.18 ?  11  ARG A O   1 
ATOM   45  C  CB  . ARG A 1 11 ? 5.754   6.014   -4.827  1.00 10.74 ?  11  ARG A CB  1 
ATOM   46  C  CG  . ARG A 1 11 ? 5.237   7.417   -5.132  1.00 12.18 ?  11  ARG A CG  1 
ATOM   47  C  CD  . ARG A 1 11 ? 5.777   7.946   -6.452  1.00 12.97 ?  11  ARG A CD  1 
ATOM   48  N  NE  . ARG A 1 11 ? 5.071   7.391   -7.619  1.00 10.51 ?  11  ARG A NE  1 
ATOM   49  C  CZ  . ARG A 1 11 ? 5.657   6.664   -8.568  1.00 15.78 ?  11  ARG A CZ  1 
ATOM   50  N  NH1 . ARG A 1 11 ? 6.954   6.355   -8.486  1.00 14.99 ?  11  ARG A NH1 1 
ATOM   51  N  NH2 . ARG A 1 11 ? 4.953   6.237   -9.597  1.00 16.63 ?  11  ARG A NH2 1 
ATOM   52  N  N   . VAL A 1 12 ? 3.062   6.220   -2.739  1.00 9.08  ?  12  VAL A N   1 
ATOM   53  C  CA  . VAL A 1 12 ? 1.597   6.207   -2.723  1.00 8.96  ?  12  VAL A CA  1 
ATOM   54  C  C   . VAL A 1 12 ? 1.066   6.671   -4.071  1.00 11.59 ?  12  VAL A C   1 
ATOM   55  O  O   . VAL A 1 12 ? 1.513   7.694   -4.616  1.00 12.27 ?  12  VAL A O   1 
ATOM   56  C  CB  . VAL A 1 12 ? 1.055   7.118   -1.611  1.00 9.51  ?  12  VAL A CB  1 
ATOM   57  C  CG1 . VAL A 1 12 ? -0.480  7.177   -1.643  1.00 9.90  ?  12  VAL A CG1 1 
ATOM   58  C  CG2 . VAL A 1 12 ? 1.588   6.695   -0.208  1.00 12.87 ?  12  VAL A CG2 1 
ATOM   59  N  N   . GLU A 1 13 ? 0.118   5.918   -4.627  1.00 10.93 ?  13  GLU A N   1 
ATOM   60  C  CA  . GLU A 1 13 ? -0.667  6.385   -5.760  1.00 9.24  ?  13  GLU A CA  1 
ATOM   61  C  C   . GLU A 1 13 ? -2.128  6.087   -5.440  1.00 10.94 ?  13  GLU A C   1 
ATOM   62  O  O   . GLU A 1 13 ? -2.432  5.324   -4.522  1.00 10.81 ?  13  GLU A O   1 
ATOM   63  C  CB  . GLU A 1 13 ? -0.240  5.713   -7.077  1.00 11.15 ?  13  GLU A CB  1 
ATOM   64  C  CG  . GLU A 1 13 ? 1.181   6.069   -7.537  1.00 12.29 ?  13  GLU A CG  1 
ATOM   65  C  CD  . GLU A 1 13 ? 1.359   7.493   -8.022  1.00 17.18 ?  13  GLU A CD  1 
ATOM   66  O  OE1 . GLU A 1 13 ? 0.390   8.261   -8.227  1.00 13.18 ?  13  GLU A OE1 1 
ATOM   67  O  OE2 . GLU A 1 13 ? 2.529   7.870   -8.155  1.00 19.33 -1 13  GLU A OE2 1 
ATOM   68  N  N   . LYS A 1 14 ? -3.025  6.684   -6.218  1.00 12.97 ?  14  LYS A N   1 
ATOM   69  C  CA  . LYS A 1 14 ? -4.462  6.590   -5.942  1.00 13.68 ?  14  LYS A CA  1 
ATOM   70  C  C   . LYS A 1 14 ? -4.984  5.175   -6.167  1.00 13.60 ?  14  LYS A C   1 
ATOM   71  O  O   . LYS A 1 14 ? -4.492  4.430   -7.007  1.00 14.18 ?  14  LYS A O   1 
ATOM   72  C  CB  . LYS A 1 14 ? -5.237  7.538   -6.855  1.00 14.04 ?  14  LYS A CB  1 
ATOM   73  C  CG  . LYS A 1 14 ? -5.306  9.001   -6.442  1.00 18.88 ?  14  LYS A CG  1 
ATOM   74  C  CD  . LYS A 1 14 ? -5.937  9.785   -7.599  1.00 30.88 ?  14  LYS A CD  1 
ATOM   75  C  CE  . LYS A 1 14 ? -6.408  11.189  -7.227  1.00 32.84 ?  14  LYS A CE  1 
ATOM   76  N  NZ  . LYS A 1 14 ? -7.007  11.866  -8.439  1.00 37.66 ?  14  LYS A NZ  1 
ATOM   77  N  N   . ALA A 1 15 ? -6.029  4.811   -5.429  1.00 11.04 ?  15  ALA A N   1 
ATOM   78  C  CA  . ALA A 1 15 ? -6.697  3.544   -5.702  1.00 11.10 ?  15  ALA A CA  1 
ATOM   79  C  C   . ALA A 1 15 ? -7.511  3.616   -6.989  1.00 9.64  ?  15  ALA A C   1 
ATOM   80  O  O   . ALA A 1 15 ? -8.029  4.673   -7.360  1.00 13.16 ?  15  ALA A O   1 
ATOM   81  C  CB  . ALA A 1 15 ? -7.639  3.166   -4.555  1.00 10.02 ?  15  ALA A CB  1 
ATOM   82  N  N   . TYR A 1 16 ? -7.635  2.475   -7.650  1.00 8.74  ?  16  TYR A N   1 
ATOM   83  C  CA  . TYR A 1 16 ? -8.648  2.335   -8.695  1.00 13.43 ?  16  TYR A CA  1 
ATOM   84  C  C   . TYR A 1 16 ? -10.042 2.440   -8.068  1.00 13.79 ?  16  TYR A C   1 
ATOM   85  O  O   . TYR A 1 16 ? -10.249 2.027   -6.925  1.00 13.43 ?  16  TYR A O   1 
ATOM   86  C  CB  . TYR A 1 16 ? -8.493  1.003   -9.434  1.00 9.88  ?  16  TYR A CB  1 
ATOM   87  C  CG  . TYR A 1 16 ? -7.224  0.918   -10.260 1.00 11.23 ?  16  TYR A CG  1 
ATOM   88  C  CD1 . TYR A 1 16 ? -7.086  1.657   -11.419 1.00 16.88 ?  16  TYR A CD1 1 
ATOM   89  C  CD2 . TYR A 1 16 ? -6.164  0.112   -9.855  1.00 12.71 ?  16  TYR A CD2 1 
ATOM   90  C  CE1 . TYR A 1 16 ? -5.920  1.592   -12.174 1.00 17.42 ?  16  TYR A CE1 1 
ATOM   91  C  CE2 . TYR A 1 16 ? -5.000  0.045   -10.593 1.00 17.20 ?  16  TYR A CE2 1 
ATOM   92  C  CZ  . TYR A 1 16 ? -4.882  0.782   -11.747 1.00 13.41 ?  16  TYR A CZ  1 
ATOM   93  O  OH  . TYR A 1 16 ? -3.712  0.717   -12.479 1.00 22.46 ?  16  TYR A OH  1 
ATOM   94  N  N   . PRO A 1 17 ? -11.010 3.026   -8.779  1.00 13.60 ?  17  PRO A N   1 
ATOM   95  C  CA  . PRO A 1 17 ? -12.357 3.152   -8.197  1.00 14.28 ?  17  PRO A CA  1 
ATOM   96  C  C   . PRO A 1 17 ? -12.899 1.868   -7.635  1.00 11.49 ?  17  PRO A C   1 
ATOM   97  O  O   . PRO A 1 17 ? -13.573 1.903   -6.601  1.00 13.51 ?  17  PRO A O   1 
ATOM   98  C  CB  . PRO A 1 17 ? -13.205 3.639   -9.380  1.00 13.79 ?  17  PRO A CB  1 
ATOM   99  C  CG  . PRO A 1 17 ? -12.251 4.426   -10.179 1.00 13.83 ?  17  PRO A CG  1 
ATOM   100 C  CD  . PRO A 1 17 ? -10.919 3.692   -10.086 1.00 16.01 ?  17  PRO A CD  1 
ATOM   101 N  N   . GLU A 1 18 ? -12.621 0.723   -8.269  1.00 13.18 ?  18  GLU A N   1 
ATOM   102 C  CA  . GLU A 1 18 ? -13.173 -0.541  -7.780  1.00 13.40 ?  18  GLU A CA  1 
ATOM   103 C  C   . GLU A 1 18 ? -12.664 -0.913  -6.396  1.00 17.97 ?  18  GLU A C   1 
ATOM   104 O  O   . GLU A 1 18 ? -13.260 -1.773  -5.744  1.00 16.09 ?  18  GLU A O   1 
ATOM   105 C  CB  . GLU A 1 18 ? -12.863 -1.672  -8.758  1.00 12.73 ?  18  GLU A CB  1 
ATOM   106 C  CG  . GLU A 1 18 ? -11.421 -2.087  -8.759  1.00 14.86 ?  18  GLU A CG  1 
ATOM   107 C  CD  . GLU A 1 18 ? -11.086 -2.828  -10.009 1.00 16.66 ?  18  GLU A CD  1 
ATOM   108 O  OE1 . GLU A 1 18 ? -10.733 -4.020  -9.921  1.00 17.67 ?  18  GLU A OE1 1 
ATOM   109 O  OE2 . GLU A 1 18 ? -11.217 -2.221  -11.082 1.00 17.29 -1 18  GLU A OE2 1 
ATOM   110 N  N   . ASP A 1 19 ? -11.579 -0.292  -5.928  1.00 10.93 ?  19  ASP A N   1 
ATOM   111 C  CA  . ASP A 1 19 ? -11.019 -0.617  -4.622  1.00 9.83  ?  19  ASP A CA  1 
ATOM   112 C  C   . ASP A 1 19 ? -11.306 0.437   -3.557  1.00 12.27 ?  19  ASP A C   1 
ATOM   113 O  O   . ASP A 1 19 ? -10.970 0.221   -2.388  1.00 15.13 ?  19  ASP A O   1 
ATOM   114 C  CB  . ASP A 1 19 ? -9.504  -0.847  -4.779  1.00 15.00 ?  19  ASP A CB  1 
ATOM   115 C  CG  . ASP A 1 19 ? -9.194  -1.955  -5.797  1.00 17.44 ?  19  ASP A CG  1 
ATOM   116 O  OD1 . ASP A 1 19 ? -9.851  -3.035  -5.714  1.00 18.48 ?  19  ASP A OD1 1 
ATOM   117 O  OD2 . ASP A 1 19 ? -8.346  -1.748  -6.706  1.00 17.84 -1 19  ASP A OD2 1 
ATOM   118 N  N   . VAL A 1 20 ? -11.915 1.562   -3.933  1.00 12.40 ?  20  VAL A N   1 
ATOM   119 C  CA  . VAL A 1 20 ? -12.260 2.599   -2.975  1.00 9.22  ?  20  VAL A CA  1 
ATOM   120 C  C   . VAL A 1 20 ? -13.287 2.061   -1.992  1.00 13.55 ?  20  VAL A C   1 
ATOM   121 O  O   . VAL A 1 20 ? -14.264 1.405   -2.376  1.00 14.81 ?  20  VAL A O   1 
ATOM   122 C  CB  . VAL A 1 20 ? -12.769 3.834   -3.719  1.00 13.43 ?  20  VAL A CB  1 
ATOM   123 C  CG1 . VAL A 1 20 ? -13.310 4.864   -2.746  1.00 14.61 ?  20  VAL A CG1 1 
ATOM   124 C  CG2 . VAL A 1 20 ? -11.647 4.396   -4.611  1.00 12.34 ?  20  VAL A CG2 1 
ATOM   125 N  N   . GLY A 1 21 ? -13.060 2.344   -0.709  1.00 13.97 ?  21  GLY A N   1 
ATOM   126 C  CA  . GLY A 1 21 ? -13.882 1.844   0.373   1.00 11.72 ?  21  GLY A CA  1 
ATOM   127 C  C   . GLY A 1 21 ? -13.540 0.448   0.834   1.00 16.55 ?  21  GLY A C   1 
ATOM   128 O  O   . GLY A 1 21 ? -14.320 -0.141  1.591   1.00 15.08 ?  21  GLY A O   1 
ATOM   129 N  N   . LYS A 1 22 ? -12.430 -0.117  0.369   1.00 12.72 ?  22  LYS A N   1 
ATOM   130 C  CA  . LYS A 1 22 ? -11.882 -1.363  0.882   1.00 12.17 ?  22  LYS A CA  1 
ATOM   131 C  C   . LYS A 1 22 ? -10.717 -1.044  1.813   1.00 12.23 ?  22  LYS A C   1 
ATOM   132 O  O   . LYS A 1 22 ? -9.892  -0.172  1.515   1.00 15.11 ?  22  LYS A O   1 
ATOM   133 C  CB  . LYS A 1 22 ? -11.345 -2.249  -0.239  1.00 14.03 ?  22  LYS A CB  1 
ATOM   134 C  CG  . LYS A 1 22 ? -12.341 -2.707  -1.267  1.00 19.78 ?  22  LYS A CG  1 
ATOM   135 C  CD  . LYS A 1 22 ? -11.642 -3.567  -2.324  1.00 22.17 ?  22  LYS A CD  1 
ATOM   136 C  CE  . LYS A 1 22 ? -12.648 -4.105  -3.353  1.00 22.78 ?  22  LYS A CE  1 
ATOM   137 N  NZ  . LYS A 1 22 ? -11.972 -4.587  -4.601  1.00 28.07 ?  22  LYS A NZ  1 
ATOM   138 N  N   . ARG A 1 23 ? -10.672 -1.799  2.898   1.00 15.49 ?  23  ARG A N   1 
ATOM   139 C  CA  . ARG A 1 23 ? -9.496  -1.589  3.759   1.00 14.13 ?  23  ARG A CA  1 
ATOM   140 C  C   . ARG A 1 23 ? -8.311  -2.345  3.151   1.00 13.26 ?  23  ARG A C   1 
ATOM   141 O  O   . ARG A 1 23 ? -7.793  -3.322  3.696   1.00 15.55 ?  23  ARG A O   1 
ATOM   142 C  CB  . ARG A 1 23 ? -9.767  -2.059  5.190   1.00 29.92 ?  23  ARG A CB  1 
ATOM   143 C  CG  . ARG A 1 23 ? -10.842 -1.263  5.911   1.00 29.92 ?  23  ARG A CG  1 
ATOM   144 C  CD  . ARG A 1 23 ? -11.178 -1.788  7.298   1.00 29.92 ?  23  ARG A CD  1 
ATOM   145 N  NE  . ARG A 1 23 ? -10.044 -1.691  8.211   1.00 29.92 ?  23  ARG A NE  1 
ATOM   146 C  CZ  . ARG A 1 23 ? -10.034 -2.181  9.442   1.00 29.92 ?  23  ARG A CZ  1 
ATOM   147 N  NH1 . ARG A 1 23 ? -11.101 -2.814  9.915   1.00 29.92 ?  23  ARG A NH1 1 
ATOM   148 N  NH2 . ARG A 1 23 ? -8.958  -2.047  10.204  1.00 29.92 ?  23  ARG A NH2 1 
ATOM   149 N  N   . ALA A 1 24 ? -7.818  -2.014  2.059   1.00 14.11 ?  24  ALA A N   1 
ATOM   150 C  CA  . ALA A 1 24 ? -6.910  -2.850  1.294   1.00 13.89 ?  24  ALA A CA  1 
ATOM   151 C  C   . ALA A 1 24 ? -6.072  -1.968  0.385   1.00 14.61 ?  24  ALA A C   1 
ATOM   152 O  O   . ALA A 1 24 ? -6.531  -0.911  -0.058  1.00 14.81 ?  24  ALA A O   1 
ATOM   153 C  CB  . ALA A 1 24 ? -7.684  -3.873  0.445   1.00 16.21 ?  24  ALA A CB  1 
ATOM   154 N  N   . VAL A 1 25 ? -4.854  -2.428  0.085   1.00 12.00 ?  25  VAL A N   1 
ATOM   155 C  CA  . VAL A 1 25 ? -3.959  -1.724  -0.828  1.00 13.22 ?  25  VAL A CA  1 
ATOM   156 C  C   . VAL A 1 25 ? -3.403  -2.705  -1.854  1.00 12.81 ?  25  VAL A C   1 
ATOM   157 O  O   . VAL A 1 25 ? -3.270  -3.899  -1.578  1.00 15.72 ?  25  VAL A O   1 
ATOM   158 C  CB  . VAL A 1 25 ? -2.803  -1.051  -0.059  1.00 9.92  ?  25  VAL A CB  1 
ATOM   159 C  CG1 . VAL A 1 25 ? -3.345  -0.051  0.973   1.00 11.03 ?  25  VAL A CG1 1 
ATOM   160 C  CG2 . VAL A 1 25 ? -1.977  -2.115  0.635   1.00 15.64 ?  25  VAL A CG2 1 
ATOM   161 N  N   . ARG A 1 26 ? -3.014  -2.191  -3.029  1.00 12.67 ?  26  ARG A N   1 
ATOM   162 C  CA  . ARG A 1 26 ? -2.446  -3.027  -4.083  1.00 12.88 ?  26  ARG A CA  1 
ATOM   163 C  C   . ARG A 1 26 ? -0.941  -2.808  -4.185  1.00 13.30 ?  26  ARG A C   1 
ATOM   164 O  O   . ARG A 1 26 ? -0.480  -1.663  -4.250  1.00 13.44 ?  26  ARG A O   1 
ATOM   165 C  CB  . ARG A 1 26 ? -3.082  -2.733  -5.446  1.00 13.14 ?  26  ARG A CB  1 
ATOM   166 C  CG  . ARG A 1 26 ? -4.527  -3.179  -5.572  1.00 15.29 ?  26  ARG A CG  1 
ATOM   167 C  CD  . ARG A 1 26 ? -4.997  -3.113  -7.039  1.00 15.89 ?  26  ARG A CD  1 
ATOM   168 N  NE  . ARG A 1 26 ? -6.414  -3.498  -7.141  1.00 13.69 ?  26  ARG A NE  1 
ATOM   169 C  CZ  . ARG A 1 26 ? -6.838  -4.752  -7.219  1.00 20.45 ?  26  ARG A CZ  1 
ATOM   170 N  NH1 . ARG A 1 26 ? -5.971  -5.758  -7.241  1.00 19.61 ?  26  ARG A NH1 1 
ATOM   171 N  NH2 . ARG A 1 26 ? -8.146  -5.003  -7.270  1.00 23.12 ?  26  ARG A NH2 1 
ATOM   172 N  N   . MET A 1 27 ? -0.192  -3.910  -4.239  1.00 14.22 ?  27  MET A N   1 
ATOM   173 C  CA  . MET A 1 27 ? 1.249   -3.854  -4.453  1.00 12.27 ?  27  MET A CA  1 
ATOM   174 C  C   . MET A 1 27 ? 1.676   -5.095  -5.223  1.00 18.38 ?  27  MET A C   1 
ATOM   175 O  O   . MET A 1 27 ? 1.030   -6.145  -5.133  1.00 20.51 ?  27  MET A O   1 
ATOM   176 C  CB  . MET A 1 27 ? 1.999   -3.748  -3.126  1.00 20.61 ?  27  MET A CB  1 
ATOM   177 C  CG  . MET A 1 27 ? 1.882   -4.969  -2.235  1.00 21.30 ?  27  MET A CG  1 
ATOM   178 S  SD  . MET A 1 27 ? 2.820   -4.762  -0.696  1.00 35.11 ?  27  MET A SD  1 
ATOM   179 C  CE  . MET A 1 27 ? 1.785   -3.622  0.172   1.00 21.57 ?  27  MET A CE  1 
ATOM   180 N  N   . ASP A 1 28 ? 2.781   -4.982  -5.963  1.00 21.56 ?  28  ASP A N   1 
ATOM   181 C  CA  . ASP A 1 28 ? 3.132   -6.074  -6.862  1.00 18.95 ?  28  ASP A CA  1 
ATOM   182 C  C   . ASP A 1 28 ? 3.866   -7.184  -6.103  1.00 16.79 ?  28  ASP A C   1 
ATOM   183 O  O   . ASP A 1 28 ? 4.158   -7.070  -4.906  1.00 19.20 ?  28  ASP A O   1 
ATOM   184 C  CB  . ASP A 1 28 ? 3.908   -5.542  -8.063  1.00 15.63 ?  28  ASP A CB  1 
ATOM   185 C  CG  . ASP A 1 28 ? 5.299   -5.048  -7.712  1.00 19.01 ?  28  ASP A CG  1 
ATOM   186 O  OD1 . ASP A 1 28 ? 5.747   -5.234  -6.565  1.00 22.98 ?  28  ASP A OD1 1 
ATOM   187 O  OD2 . ASP A 1 28 ? 5.952   -4.486  -8.613  1.00 28.37 -1 28  ASP A OD2 1 
ATOM   188 N  N   . LYS A 1 29 ? 4.156   -8.295  -6.806  1.00 16.58 ?  29  LYS A N   1 
ATOM   189 C  CA  . LYS A 1 29 ? 4.633   -9.489  -6.108  1.00 20.49 ?  29  LYS A CA  1 
ATOM   190 C  C   . LYS A 1 29 ? 6.031   -9.281  -5.551  1.00 21.61 ?  29  LYS A C   1 
ATOM   191 O  O   . LYS A 1 29 ? 6.346   -9.765  -4.457  1.00 22.11 ?  29  LYS A O   1 
ATOM   192 C  CB  . LYS A 1 29 ? 4.613   -10.713 -7.028  1.00 25.91 ?  29  LYS A CB  1 
ATOM   193 C  CG  . LYS A 1 29 ? 4.562   -12.060 -6.254  1.00 28.90 ?  29  LYS A CG  1 
ATOM   194 C  CD  . LYS A 1 29 ? 3.548   -13.044 -6.873  1.00 38.27 ?  29  LYS A CD  1 
ATOM   195 C  CE  . LYS A 1 29 ? 2.878   -13.980 -5.842  1.00 37.98 ?  29  LYS A CE  1 
ATOM   196 N  NZ  . LYS A 1 29 ? 1.497   -14.439 -6.277  1.00 36.97 ?  29  LYS A NZ  1 
ATOM   197 N  N   . ALA A 1 30 ? 6.884   -8.574  -6.296  1.00 20.70 ?  30  ALA A N   1 
ATOM   198 C  CA  . ALA A 1 30 ? 8.203   -8.224  -5.785  1.00 23.63 ?  30  ALA A CA  1 
ATOM   199 C  C   . ALA A 1 30 ? 8.092   -7.494  -4.453  1.00 23.57 ?  30  ALA A C   1 
ATOM   200 O  O   . ALA A 1 30 ? 8.807   -7.816  -3.497  1.00 25.20 ?  30  ALA A O   1 
ATOM   201 C  CB  . ALA A 1 30 ? 8.959   -7.371  -6.806  1.00 23.19 ?  30  ALA A CB  1 
ATOM   202 N  N   . SER A 1 31 ? 7.160   -6.541  -4.358  1.00 21.77 ?  31  SER A N   1 
ATOM   203 C  CA  . SER A 1 31 ? 6.966   -5.808  -3.112  1.00 19.60 ?  31  SER A CA  1 
ATOM   204 C  C   . SER A 1 31 ? 6.464   -6.724  -2.002  1.00 21.86 ?  31  SER A C   1 
ATOM   205 O  O   . SER A 1 31 ? 6.970   -6.694  -0.870  1.00 18.00 ?  31  SER A O   1 
ATOM   206 C  CB  . SER A 1 31 ? 5.995   -4.655  -3.344  1.00 15.24 ?  31  SER A CB  1 
ATOM   207 O  OG  . SER A 1 31 ? 6.519   -3.752  -4.307  1.00 20.71 ?  31  SER A OG  1 
ATOM   208 N  N   . ARG A 1 32 ? 5.451   -7.540  -2.309  1.00 21.16 ?  32  ARG A N   1 
ATOM   209 C  CA  . ARG A 1 32 ? 4.984   -8.527  -1.343  1.00 21.24 ?  32  ARG A CA  1 
ATOM   210 C  C   . ARG A 1 32 ? 6.113   -9.457  -0.908  1.00 23.65 ?  32  ARG A C   1 
ATOM   211 O  O   . ARG A 1 32 ? 6.275   -9.724  0.288   1.00 27.09 ?  32  ARG A O   1 
ATOM   212 C  CB  . ARG A 1 32 ? 3.824   -9.334  -1.931  1.00 25.50 ?  32  ARG A CB  1 
ATOM   213 C  CG  . ARG A 1 32 ? 2.662   -8.508  -2.431  1.00 24.01 ?  32  ARG A CG  1 
ATOM   214 C  CD  . ARG A 1 32 ? 1.380   -9.361  -2.541  1.00 21.63 ?  32  ARG A CD  1 
ATOM   215 N  NE  . ARG A 1 32 ? 1.438   -10.387 -3.583  1.00 23.00 ?  32  ARG A NE  1 
ATOM   216 C  CZ  . ARG A 1 32 ? 1.332   -10.141 -4.885  1.00 24.60 ?  32  ARG A CZ  1 
ATOM   217 N  NH1 . ARG A 1 32 ? 1.167   -8.907  -5.335  1.00 24.52 ?  32  ARG A NH1 1 
ATOM   218 N  NH2 . ARG A 1 32 ? 1.389   -11.137 -5.748  1.00 27.29 ?  32  ARG A NH2 1 
ATOM   219 N  N   . ASP A 1 33 ? 6.897   -9.967  -1.863  1.00 24.83 ?  33  ASP A N   1 
ATOM   220 C  CA  . ASP A 1 33 ? 8.006   -10.860 -1.518  1.00 22.93 ?  33  ASP A CA  1 
ATOM   221 C  C   . ASP A 1 33 ? 8.993   -10.191 -0.567  1.00 23.96 ?  33  ASP A C   1 
ATOM   222 O  O   . ASP A 1 33 ? 9.514   -10.835 0.353   1.00 27.36 ?  33  ASP A O   1 
ATOM   223 C  CB  . ASP A 1 33 ? 8.738   -11.313 -2.779  1.00 27.62 ?  33  ASP A CB  1 
ATOM   224 C  CG  . ASP A 1 33 ? 8.082   -12.500 -3.445  1.00 30.41 ?  33  ASP A CG  1 
ATOM   225 O  OD1 . ASP A 1 33 ? 8.584   -12.913 -4.518  1.00 37.19 ?  33  ASP A OD1 1 
ATOM   226 O  OD2 . ASP A 1 33 ? 7.064   -13.002 -2.910  1.00 35.81 -1 33  ASP A OD2 1 
ATOM   227 N  N   . ARG A 1 34 ? 9.255   -8.894  -0.767  1.00 22.52 ?  34  ARG A N   1 
ATOM   228 C  CA  . ARG A 1 34 ? 10.281  -8.217  0.018   1.00 25.47 ?  34  ARG A CA  1 
ATOM   229 C  C   . ARG A 1 34 ? 9.888   -8.072  1.486   1.00 25.93 ?  34  ARG A C   1 
ATOM   230 O  O   . ARG A 1 34 ? 10.769  -8.031  2.351   1.00 29.99 ?  34  ARG A O   1 
ATOM   231 C  CB  . ARG A 1 34 ? 10.595  -6.856  -0.596  1.00 28.09 ?  34  ARG A CB  1 
ATOM   232 C  CG  . ARG A 1 34 ? 11.385  -6.931  -1.906  1.00 28.45 ?  34  ARG A CG  1 
ATOM   233 C  CD  . ARG A 1 34 ? 11.515  -5.561  -2.557  1.00 36.52 ?  34  ARG A CD  1 
ATOM   234 N  NE  . ARG A 1 34 ? 12.425  -4.691  -1.821  1.00 41.23 ?  34  ARG A NE  1 
ATOM   235 C  CZ  . ARG A 1 34 ? 12.334  -3.362  -1.782  1.00 48.27 ?  34  ARG A CZ  1 
ATOM   236 N  NH1 . ARG A 1 34 ? 13.217  -2.657  -1.083  1.00 53.37 ?  34  ARG A NH1 1 
ATOM   237 N  NH2 . ARG A 1 34 ? 11.357  -2.738  -2.430  1.00 53.78 ?  34  ARG A NH2 1 
ATOM   238 N  N   . ILE A 1 35 ? 8.537   -8.021  1.764   1.00 26.49 ?  35  ILE A N   1 
ATOM   239 C  CA  . ILE A 1 35 ? 8.175   -8.011  3.212   1.00 27.22 ?  35  ILE A CA  1 
ATOM   240 C  C   . ILE A 1 35 ? 7.582   -9.363  3.623   1.00 26.87 ?  35  ILE A C   1 
ATOM   241 O  O   . ILE A 1 35 ? 7.198   -9.479  4.788   1.00 29.86 ?  35  ILE A O   1 
ATOM   242 C  CB  . ILE A 1 35 ? 7.301   -6.815  3.613   1.00 29.52 ?  35  ILE A CB  1 
ATOM   243 C  CG1 . ILE A 1 35 ? 5.969   -6.798  2.870   1.00 27.95 ?  35  ILE A CG1 1 
ATOM   244 C  CG2 . ILE A 1 35 ? 8.063   -5.512  3.449   1.00 29.37 ?  35  ILE A CG2 1 
ATOM   245 C  CD1 . ILE A 1 35 ? 5.037   -5.767  3.413   1.00 29.22 ?  35  ILE A CD1 1 
ATOM   246 N  N   . GLY A 1 36 ? 7.519   -10.316 2.773   1.00 29.36 ?  36  GLY A N   1 
ATOM   247 C  CA  . GLY A 1 36 ? 7.096   -11.646 3.168   1.00 27.74 ?  36  GLY A CA  1 
ATOM   248 C  C   . GLY A 1 36 ? 5.617   -11.797 3.462   1.00 28.21 ?  36  GLY A C   1 
ATOM   249 O  O   . GLY A 1 36 ? 5.254   -12.442 4.456   1.00 25.43 ?  36  GLY A O   1 
ATOM   250 N  N   . VAL A 1 37 ? 4.752   -11.226 2.622   1.00 25.71 ?  37  VAL A N   1 
ATOM   251 C  CA  . VAL A 1 37 ? 3.309   -11.351 2.776   1.00 26.19 ?  37  VAL A CA  1 
ATOM   252 C  C   . VAL A 1 37 ? 2.713   -11.828 1.462   1.00 25.74 ?  37  VAL A C   1 
ATOM   253 O  O   . VAL A 1 37 ? 3.273   -11.609 0.386   1.00 25.39 ?  37  VAL A O   1 
ATOM   254 C  CB  . VAL A 1 37 ? 2.638   -10.028 3.196   1.00 27.11 ?  37  VAL A CB  1 
ATOM   255 C  CG1 . VAL A 1 37 ? 3.062   -9.636  4.581   1.00 26.05 ?  37  VAL A CG1 1 
ATOM   256 C  CG2 . VAL A 1 37 ? 2.974   -8.926  2.175   1.00 23.64 ?  37  VAL A CG2 1 
ATOM   257 N  N   . SER A 1 38 ? 1.544   -12.455 1.560   1.00 28.40 ?  38  SER A N   1 
ATOM   258 C  CA  . SER A 1 38 ? 0.774   -12.886 0.403   1.00 30.18 ?  38  SER A CA  1 
ATOM   259 C  C   . SER A 1 38 ? -0.524  -12.093 0.331   1.00 25.78 ?  38  SER A C   1 
ATOM   260 O  O   . SER A 1 38 ? -0.908  -11.398 1.276   1.00 28.79 ?  38  SER A O   1 
ATOM   261 C  CB  . SER A 1 38 ? 0.485   -14.395 0.466   1.00 32.81 ?  38  SER A CB  1 
ATOM   262 O  OG  . SER A 1 38 ? 1.700   -15.118 0.572   1.00 34.44 ?  38  SER A OG  1 
ATOM   263 N  N   . GLU A 1 39 ? -1.229  -12.254 -0.794  1.00 29.68 ?  39  GLU A N   1 
ATOM   264 C  CA  . GLU A 1 39 ? -2.537  -11.578 -1.010  1.00 27.06 ?  39  GLU A CA  1 
ATOM   265 C  C   . GLU A 1 39 ? -3.488  -11.977 0.125   1.00 29.55 ?  39  GLU A C   1 
ATOM   266 O  O   . GLU A 1 39 ? -3.636  -13.190 0.377   1.00 27.85 ?  39  GLU A O   1 
ATOM   267 C  CB  . GLU A 1 39 ? -3.115  -11.963 -2.374  1.00 29.78 ?  39  GLU A CB  1 
ATOM   268 C  CG  . GLU A 1 39 ? -4.532  -11.463 -2.592  1.00 31.91 ?  39  GLU A CG  1 
ATOM   269 C  CD  . GLU A 1 39 ? -5.187  -11.960 -3.870  1.00 36.38 ?  39  GLU A CD  1 
ATOM   270 O  OE1 . GLU A 1 39 ? -4.492  -12.614 -4.672  1.00 40.22 ?  39  GLU A OE1 1 
ATOM   271 O  OE2 . GLU A 1 39 ? -6.390  -11.692 -4.058  1.00 42.53 -1 39  GLU A OE2 1 
ATOM   272 N  N   . GLY A 1 40 ? -4.100  -10.984 0.777   1.00 19.54 ?  40  GLY A N   1 
ATOM   273 C  CA  . GLY A 1 40 ? -5.008  -11.205 1.880   1.00 23.68 ?  40  GLY A CA  1 
ATOM   274 C  C   . GLY A 1 40 ? -4.413  -10.973 3.256   1.00 23.87 ?  40  GLY A C   1 
ATOM   275 O  O   . GLY A 1 40 ? -5.175  -10.788 4.213   1.00 20.62 ?  40  GLY A O   1 
ATOM   276 N  N   . ASP A 1 41 ? -3.086  -10.968 3.380   1.00 24.43 ?  41  ASP A N   1 
ATOM   277 C  CA  . ASP A 1 41 ? -2.436  -10.697 4.657   1.00 20.96 ?  41  ASP A CA  1 
ATOM   278 C  C   . ASP A 1 41 ? -2.524  -9.213  5.025   1.00 23.82 ?  41  ASP A C   1 
ATOM   279 O  O   . ASP A 1 41 ? -2.769  -8.343  4.189   1.00 22.34 ?  41  ASP A O   1 
ATOM   280 C  CB  . ASP A 1 41 ? -0.969  -11.112 4.621   1.00 27.55 ?  41  ASP A CB  1 
ATOM   281 C  CG  . ASP A 1 41 ? -0.785  -12.605 4.500   1.00 27.71 ?  41  ASP A CG  1 
ATOM   282 O  OD1 . ASP A 1 41 ? -1.697  -13.371 4.885   1.00 30.05 ?  41  ASP A OD1 1 
ATOM   283 O  OD2 . ASP A 1 41 ? 0.301   -13.007 4.058   1.00 31.05 -1 41  ASP A OD2 1 
ATOM   284 N  N   . LEU A 1 42 ? -2.269  -8.928  6.301   1.00 19.89 ?  42  LEU A N   1 
ATOM   285 C  CA  . LEU A 1 42 ? -2.329  -7.573  6.840   1.00 19.74 ?  42  LEU A CA  1 
ATOM   286 C  C   . LEU A 1 42 ? -0.966  -6.903  6.772   1.00 23.77 ?  42  LEU A C   1 
ATOM   287 O  O   . LEU A 1 42 ? 0.026   -7.469  7.238   1.00 20.89 ?  42  LEU A O   1 
ATOM   288 C  CB  . LEU A 1 42 ? -2.767  -7.615  8.298   1.00 20.95 ?  42  LEU A CB  1 
ATOM   289 C  CG  . LEU A 1 42 ? -4.191  -7.329  8.724   1.00 26.61 ?  42  LEU A CG  1 
ATOM   290 C  CD1 . LEU A 1 42 ? -4.120  -7.203  10.239  1.00 29.37 ?  42  LEU A CD1 1 
ATOM   291 C  CD2 . LEU A 1 42 ? -4.712  -6.046  8.092   1.00 27.08 ?  42  LEU A CD2 1 
ATOM   292 N  N   . VAL A 1 43 ? -0.922  -5.674  6.265   1.00 17.78 ?  43  VAL A N   1 
ATOM   293 C  CA  . VAL A 1 43 ? 0.320   -4.904  6.319   1.00 17.17 ?  43  VAL A CA  1 
ATOM   294 C  C   . VAL A 1 43 ? 0.110   -3.678  7.191   1.00 15.56 ?  43  VAL A C   1 
ATOM   295 O  O   . VAL A 1 43 ? -1.006  -3.175  7.359   1.00 16.66 ?  43  VAL A O   1 
ATOM   296 C  CB  . VAL A 1 43 ? 0.857   -4.491  4.933   1.00 18.23 ?  43  VAL A CB  1 
ATOM   297 C  CG1 . VAL A 1 43 ? 1.528   -5.676  4.255   1.00 21.05 ?  43  VAL A CG1 1 
ATOM   298 C  CG2 . VAL A 1 43 ? -0.219  -3.872  4.060   1.00 16.70 ?  43  VAL A CG2 1 
ATOM   299 N  N   . LYS A 1 44 ? 1.202   -3.218  7.781   1.00 17.51 ?  44  LYS A N   1 
ATOM   300 C  CA  . LYS A 1 44 ? 1.252   -1.926  8.435   1.00 16.07 ?  44  LYS A CA  1 
ATOM   301 C  C   . LYS A 1 44 ? 1.812   -0.922  7.436   1.00 14.63 ?  44  LYS A C   1 
ATOM   302 O  O   . LYS A 1 44 ? 2.782   -1.215  6.730   1.00 18.52 ?  44  LYS A O   1 
ATOM   303 C  CB  . LYS A 1 44 ? 2.138   -1.992  9.684   1.00 17.57 ?  44  LYS A CB  1 
ATOM   304 C  CG  . LYS A 1 44 ? 1.960   -0.867  10.674  1.00 26.11 ?  44  LYS A CG  1 
ATOM   305 C  CD  . LYS A 1 44 ? 2.836   -1.136  11.917  1.00 30.11 ?  44  LYS A CD  1 
ATOM   306 C  CE  . LYS A 1 44 ? 4.289   -1.447  11.511  1.00 33.23 ?  44  LYS A CE  1 
ATOM   307 N  NZ  . LYS A 1 44 ? 4.943   -2.485  12.374  1.00 39.17 ?  44  LYS A NZ  1 
ATOM   308 N  N   . ILE A 1 45 ? 1.194   0.252   7.367   1.00 12.58 ?  45  ILE A N   1 
ATOM   309 C  CA  . ILE A 1 45 ? 1.585   1.294   6.419   1.00 14.28 ?  45  ILE A CA  1 
ATOM   310 C  C   . ILE A 1 45 ? 1.777   2.583   7.200   1.00 15.74 ?  45  ILE A C   1 
ATOM   311 O  O   . ILE A 1 45 ? 0.853   3.033   7.883   1.00 15.03 ?  45  ILE A O   1 
ATOM   312 C  CB  . ILE A 1 45 ? 0.537   1.479   5.307   1.00 12.77 ?  45  ILE A CB  1 
ATOM   313 C  CG1 . ILE A 1 45 ? 0.282   0.152   4.614   1.00 18.10 ?  45  ILE A CG1 1 
ATOM   314 C  CG2 . ILE A 1 45 ? 1.013   2.535   4.279   1.00 14.83 ?  45  ILE A CG2 1 
ATOM   315 C  CD1 . ILE A 1 45 ? -1.027  0.111   3.886   1.00 22.96 ?  45  ILE A CD1 1 
ATOM   316 N  N   . THR A 1 46 ? 2.972   3.171   7.113   1.00 10.79 ?  46  THR A N   1 
ATOM   317 C  CA  . THR A 1 46 ? 3.310   4.353   7.903   1.00 14.26 ?  46  THR A CA  1 
ATOM   318 C  C   . THR A 1 46 ? 3.861   5.440   6.992   1.00 12.84 ?  46  THR A C   1 
ATOM   319 O  O   . THR A 1 46 ? 4.919   5.262   6.372   1.00 12.30 ?  46  THR A O   1 
ATOM   320 C  CB  . THR A 1 46 ? 4.339   4.020   8.992   1.00 15.51 ?  46  THR A CB  1 
ATOM   321 O  OG1 . THR A 1 46 ? 3.857   2.924   9.792   1.00 14.22 ?  46  THR A OG1 1 
ATOM   322 C  CG2 . THR A 1 46 ? 4.581   5.241   9.900   1.00 17.31 ?  46  THR A CG2 1 
ATOM   323 N  N   . GLY A 1 47 ? 3.151   6.554   6.924   1.00 11.90 ?  47  GLY A N   1 
ATOM   324 C  CA  . GLY A 1 47 ? 3.691   7.773   6.368   1.00 11.34 ?  47  GLY A CA  1 
ATOM   325 C  C   . GLY A 1 47 ? 4.120   8.608   7.550   1.00 11.85 ?  47  GLY A C   1 
ATOM   326 O  O   . GLY A 1 47 ? 5.141   8.311   8.175   1.00 15.93 ?  47  GLY A O   1 
ATOM   327 N  N   . SER A 1 48 ? 3.365   9.648   7.870   1.00 10.44 ?  48  SER A N   1 
ATOM   328 C  CA  A SER A 1 48 ? 3.574   10.324  9.145   0.42 10.36 ?  48  SER A CA  1 
ATOM   329 C  CA  B SER A 1 48 ? 3.558   10.340  9.141   0.58 10.36 ?  48  SER A CA  1 
ATOM   330 C  C   . SER A 1 48 ? 2.698   9.758   10.251  1.00 11.30 ?  48  SER A C   1 
ATOM   331 O  O   . SER A 1 48 ? 2.911   10.098  11.424  1.00 13.05 ?  48  SER A O   1 
ATOM   332 C  CB  A SER A 1 48 ? 3.319   11.828  9.009   0.42 14.30 ?  48  SER A CB  1 
ATOM   333 C  CB  B SER A 1 48 ? 3.253   11.838  8.998   0.58 14.28 ?  48  SER A CB  1 
ATOM   334 O  OG  A SER A 1 48 ? 4.104   12.368  7.962   0.42 16.94 ?  48  SER A OG  1 
ATOM   335 O  OG  B SER A 1 48 ? 1.906   12.053  8.603   0.58 15.50 ?  48  SER A OG  1 
ATOM   336 N  N   . LYS A 1 49 ? 1.711   8.918   9.902   1.00 11.26 ?  49  LYS A N   1 
ATOM   337 C  CA  . LYS A 1 49 ? 0.850   8.196   10.839  1.00 13.34 ?  49  LYS A CA  1 
ATOM   338 C  C   . LYS A 1 49 ? 0.861   6.725   10.437  1.00 15.08 ?  49  LYS A C   1 
ATOM   339 O  O   . LYS A 1 49 ? 1.426   6.351   9.407   1.00 15.79 ?  49  LYS A O   1 
ATOM   340 C  CB  . LYS A 1 49 ? -0.592  8.728   10.832  1.00 15.17 ?  49  LYS A CB  1 
ATOM   341 C  CG  . LYS A 1 49 ? -0.759  10.215  11.070  1.00 16.99 ?  49  LYS A CG  1 
ATOM   342 C  CD  . LYS A 1 49 ? -2.227  10.581  10.934  1.00 18.94 ?  49  LYS A CD  1 
ATOM   343 C  CE  . LYS A 1 49 ? -2.416  12.056  10.668  1.00 25.39 ?  49  LYS A CE  1 
ATOM   344 N  NZ  . LYS A 1 49 ? -3.861  12.370  10.480  1.00 35.58 ?  49  LYS A NZ  1 
ATOM   345 N  N   . THR A 1 50 ? 0.207   5.866   11.209  1.00 13.48 ?  50  THR A N   1 
ATOM   346 C  CA  . THR A 1 50 ? 0.272   4.450   10.873  1.00 11.84 ?  50  THR A CA  1 
ATOM   347 C  C   . THR A 1 50 ? -1.125  3.859   10.801  1.00 17.42 ?  50  THR A C   1 
ATOM   348 O  O   . THR A 1 50 ? -2.022  4.256   11.555  1.00 17.20 ?  50  THR A O   1 
ATOM   349 C  CB  . THR A 1 50 ? 1.141   3.674   11.874  1.00 20.21 ?  50  THR A CB  1 
ATOM   350 O  OG1 . THR A 1 50 ? 1.201   2.302   11.466  1.00 23.73 ?  50  THR A OG1 1 
ATOM   351 C  CG2 . THR A 1 50 ? 0.561   3.756   13.284  1.00 21.96 ?  50  THR A CG2 1 
ATOM   352 N  N   . THR A 1 51 ? -1.306  2.933   9.868   1.00 14.80 ?  51  THR A N   1 
ATOM   353 C  CA  . THR A 1 51 ? -2.586  2.278   9.679   1.00 18.04 ?  51  THR A CA  1 
ATOM   354 C  C   . THR A 1 51 ? -2.316  0.850   9.239   1.00 18.77 ?  51  THR A C   1 
ATOM   355 O  O   . THR A 1 51 ? -1.167  0.438   9.064   1.00 18.27 ?  51  THR A O   1 
ATOM   356 C  CB  . THR A 1 51 ? -3.454  3.045   8.674   1.00 17.38 ?  51  THR A CB  1 
ATOM   357 O  OG1 . THR A 1 51 ? -4.812  2.573   8.764   1.00 20.78 ?  51  THR A OG1 1 
ATOM   358 C  CG2 . THR A 1 51 ? -2.958  2.887   7.247   1.00 14.33 ?  51  THR A CG2 1 
ATOM   359 N  N   . VAL A 1 52 ? -3.383  0.069   9.098   1.00 15.30 ?  52  VAL A N   1 
ATOM   360 C  CA  . VAL A 1 52 ? -3.231  -1.301  8.634   1.00 14.70 ?  52  VAL A CA  1 
ATOM   361 C  C   . VAL A 1 52 ? -4.217  -1.528  7.501   1.00 17.18 ?  52  VAL A C   1 
ATOM   362 O  O   . VAL A 1 52 ? -5.252  -0.862  7.412   1.00 17.75 ?  52  VAL A O   1 
ATOM   363 C  CB  . VAL A 1 52 ? -3.463  -2.350  9.745   1.00 20.20 ?  52  VAL A CB  1 
ATOM   364 C  CG1 . VAL A 1 52 ? -2.452  -2.182  10.857  1.00 23.10 ?  52  VAL A CG1 1 
ATOM   365 C  CG2 . VAL A 1 52 ? -4.877  -2.250  10.258  1.00 22.46 ?  52  VAL A CG2 1 
ATOM   366 N  N   . ALA A 1 53 ? -3.858  -2.442  6.606   1.00 14.98 ?  53  ALA A N   1 
ATOM   367 C  CA  . ALA A 1 53 ? -4.742  -2.796  5.500   1.00 15.04 ?  53  ALA A CA  1 
ATOM   368 C  C   . ALA A 1 53 ? -4.364  -4.170  4.949   1.00 14.17 ?  53  ALA A C   1 
ATOM   369 O  O   . ALA A 1 53 ? -3.265  -4.675  5.165   1.00 16.53 ?  53  ALA A O   1 
ATOM   370 C  CB  . ALA A 1 53 ? -4.698  -1.736  4.388   1.00 15.65 ?  53  ALA A CB  1 
ATOM   371 N  N   . ARG A 1 54 ? -5.302  -4.773  4.234   1.00 12.99 ?  54  ARG A N   1 
ATOM   372 C  CA  . ARG A 1 54 ? -5.045  -6.070  3.622   1.00 15.59 ?  54  ARG A CA  1 
ATOM   373 C  C   . ARG A 1 54 ? -4.326  -5.895  2.293   1.00 14.68 ?  54  ARG A C   1 
ATOM   374 O  O   . ARG A 1 54 ? -4.502  -4.897  1.597   1.00 17.44 ?  54  ARG A O   1 
ATOM   375 C  CB  . ARG A 1 54 ? -6.351  -6.842  3.394   1.00 16.25 ?  54  ARG A CB  1 
ATOM   376 C  CG  . ARG A 1 54 ? -6.975  -7.388  4.679   1.00 25.09 ?  54  ARG A CG  1 
ATOM   377 C  CD  . ARG A 1 54 ? -8.000  -6.438  5.313   1.00 34.87 ?  54  ARG A CD  1 
ATOM   378 N  NE  . ARG A 1 54 ? -8.740  -7.066  6.420   1.00 39.90 ?  54  ARG A NE  1 
ATOM   379 C  CZ  . ARG A 1 54 ? -9.937  -6.664  6.855   1.00 43.21 ?  54  ARG A CZ  1 
ATOM   380 N  NH1 . ARG A 1 54 ? -10.538 -5.629  6.276   1.00 44.38 ?  54  ARG A NH1 1 
ATOM   381 N  NH2 . ARG A 1 54 ? -10.547 -7.295  7.862   1.00 44.02 ?  54  ARG A NH2 1 
ATOM   382 N  N   . VAL A 1 55 ? -3.539  -6.895  1.928   1.00 13.93 ?  55  VAL A N   1 
ATOM   383 C  CA  . VAL A 1 55 ? -2.726  -6.843  0.713   1.00 16.35 ?  55  VAL A CA  1 
ATOM   384 C  C   . VAL A 1 55 ? -3.534  -7.378  -0.462  1.00 17.79 ?  55  VAL A C   1 
ATOM   385 O  O   . VAL A 1 55 ? -4.068  -8.492  -0.399  1.00 22.59 ?  55  VAL A O   1 
ATOM   386 C  CB  . VAL A 1 55 ? -1.436  -7.658  0.870   1.00 22.27 ?  55  VAL A CB  1 
ATOM   387 C  CG1 . VAL A 1 55 ? -0.720  -7.717  -0.441  1.00 22.67 ?  55  VAL A CG1 1 
ATOM   388 C  CG2 . VAL A 1 55 ? -0.556  -7.056  1.923   1.00 22.79 ?  55  VAL A CG2 1 
ATOM   389 N  N   . LEU A 1 56 ? -3.612  -6.601  -1.542  1.00 14.69 ?  56  LEU A N   1 
ATOM   390 C  CA  . LEU A 1 56 ? -4.146  -7.056  -2.830  1.00 14.54 ?  56  LEU A CA  1 
ATOM   391 C  C   . LEU A 1 56 ? -3.033  -7.066  -3.867  1.00 18.89 ?  56  LEU A C   1 
ATOM   392 O  O   . LEU A 1 56 ? -2.066  -6.301  -3.756  1.00 14.78 ?  56  LEU A O   1 
ATOM   393 C  CB  . LEU A 1 56 ? -5.266  -6.142  -3.337  1.00 16.03 ?  56  LEU A CB  1 
ATOM   394 C  CG  . LEU A 1 56 ? -6.511  -6.004  -2.463  1.00 18.79 ?  56  LEU A CG  1 
ATOM   395 C  CD1 . LEU A 1 56 ? -7.514  -5.122  -3.155  1.00 22.04 ?  56  LEU A CD1 1 
ATOM   396 C  CD2 . LEU A 1 56 ? -7.098  -7.369  -2.182  1.00 26.64 ?  56  LEU A CD2 1 
ATOM   397 N  N   . PRO A 1 57 ? -3.134  -7.885  -4.905  1.00 15.04 ?  57  PRO A N   1 
ATOM   398 C  CA  . PRO A 1 57 ? -2.110  -7.853  -5.950  1.00 14.20 ?  57  PRO A CA  1 
ATOM   399 C  C   . PRO A 1 57 ? -2.242  -6.600  -6.795  1.00 15.29 ?  57  PRO A C   1 
ATOM   400 O  O   . PRO A 1 57 ? -3.251  -5.897  -6.772  1.00 17.90 ?  57  PRO A O   1 
ATOM   401 C  CB  . PRO A 1 57 ? -2.385  -9.115  -6.775  1.00 19.97 ?  57  PRO A CB  1 
ATOM   402 C  CG  . PRO A 1 57 ? -3.783  -9.497  -6.462  1.00 16.97 ?  57  PRO A CG  1 
ATOM   403 C  CD  . PRO A 1 57 ? -4.259  -8.778  -5.246  1.00 20.06 ?  57  PRO A CD  1 
ATOM   404 N  N   . ALA A 1 58 ? -1.180  -6.313  -7.545  1.00 14.06 ?  58  ALA A N   1 
ATOM   405 C  CA  . ALA A 1 58 ? -1.211  -5.190  -8.465  1.00 14.11 ?  58  ALA A CA  1 
ATOM   406 C  C   . ALA A 1 58 ? -2.034  -5.528  -9.704  1.00 16.86 ?  58  ALA A C   1 
ATOM   407 O  O   . ALA A 1 58 ? -2.119  -6.687  -10.135 1.00 19.31 ?  58  ALA A O   1 
ATOM   408 C  CB  . ALA A 1 58 ? 0.196   -4.797  -8.911  1.00 17.14 ?  58  ALA A CB  1 
ATOM   409 N  N   . LYS A 1 59 ? -2.632  -4.496  -10.282 1.00 15.26 ?  59  LYS A N   1 
ATOM   410 C  CA  . LYS A 1 59 ? -3.160  -4.645  -11.627 1.00 18.08 ?  59  LYS A CA  1 
ATOM   411 C  C   . LYS A 1 59 ? -1.992  -4.767  -12.592 1.00 19.15 ?  59  LYS A C   1 
ATOM   412 O  O   . LYS A 1 59 ? -0.881  -4.304  -12.312 1.00 20.63 ?  59  LYS A O   1 
ATOM   413 C  CB  . LYS A 1 59 ? -4.038  -3.450  -12.001 1.00 16.39 ?  59  LYS A CB  1 
ATOM   414 C  CG  . LYS A 1 59 ? -5.298  -3.326  -11.164 1.00 18.54 ?  59  LYS A CG  1 
ATOM   415 C  CD  . LYS A 1 59 ? -6.245  -4.467  -11.449 1.00 17.24 ?  59  LYS A CD  1 
ATOM   416 C  CE  . LYS A 1 59 ? -7.612  -4.226  -10.818 1.00 19.03 ?  59  LYS A CE  1 
ATOM   417 N  NZ  . LYS A 1 59 ? -8.541  -5.337  -11.202 1.00 16.99 ?  59  LYS A NZ  1 
ATOM   418 N  N   . LYS A 1 60 ? -2.249  -5.418  -13.731 1.00 21.69 ?  60  LYS A N   1 
ATOM   419 C  CA  . LYS A 1 60 ? -1.170  -5.716  -14.667 1.00 21.42 ?  60  LYS A CA  1 
ATOM   420 C  C   . LYS A 1 60 ? -0.405  -4.470  -15.090 1.00 19.86 ?  60  LYS A C   1 
ATOM   421 O  O   . LYS A 1 60 ? 0.831   -4.482  -15.145 1.00 24.26 ?  60  LYS A O   1 
ATOM   422 C  CB  . LYS A 1 60 ? -1.721  -6.435  -15.886 1.00 27.88 ?  60  LYS A CB  1 
ATOM   423 C  CG  . LYS A 1 60 ? -0.645  -7.161  -16.608 1.00 35.12 ?  60  LYS A CG  1 
ATOM   424 C  CD  . LYS A 1 60 ? -1.218  -7.732  -17.873 1.00 35.32 ?  60  LYS A CD  1 
ATOM   425 C  CE  . LYS A 1 60 ? -2.055  -8.941  -17.475 1.00 35.70 ?  60  LYS A CE  1 
ATOM   426 N  NZ  . LYS A 1 60 ? -1.237  -9.855  -16.614 1.00 37.78 ?  60  LYS A NZ  1 
ATOM   427 N  N   . GLU A 1 61 ? -1.115  -3.374  -15.369 1.00 22.52 ?  61  GLU A N   1 
ATOM   428 C  CA  . GLU A 1 61 ? -0.471  -2.113  -15.740 1.00 26.32 ?  61  GLU A CA  1 
ATOM   429 C  C   . GLU A 1 61 ? 0.571   -1.652  -14.735 1.00 24.39 ?  61  GLU A C   1 
ATOM   430 O  O   . GLU A 1 61 ? 1.461   -0.870  -15.097 1.00 23.41 ?  61  GLU A O   1 
ATOM   431 C  CB  . GLU A 1 61 ? -1.517  -0.988  -15.882 1.00 29.66 ?  61  GLU A CB  1 
ATOM   432 C  CG  . GLU A 1 61 ? -2.663  -1.340  -16.771 1.00 32.01 ?  61  GLU A CG  1 
ATOM   433 C  CD  . GLU A 1 61 ? -3.826  -1.913  -15.992 1.00 31.95 ?  61  GLU A CD  1 
ATOM   434 O  OE1 . GLU A 1 61 ? -3.822  -1.817  -14.752 1.00 31.21 ?  61  GLU A OE1 1 
ATOM   435 O  OE2 . GLU A 1 61 ? -4.719  -2.506  -16.625 1.00 41.53 -1 61  GLU A OE2 1 
ATOM   436 N  N   . ASP A 1 62 ? 0.485   -2.115  -13.489 1.00 22.50 ?  62  ASP A N   1 
ATOM   437 C  CA  . ASP A 1 62 ? 1.333   -1.624  -12.418 1.00 17.07 ?  62  ASP A CA  1 
ATOM   438 C  C   . ASP A 1 62 ? 2.417   -2.600  -11.982 1.00 20.91 ?  62  ASP A C   1 
ATOM   439 O  O   . ASP A 1 62 ? 3.201   -2.256  -11.096 1.00 21.18 ?  62  ASP A O   1 
ATOM   440 C  CB  . ASP A 1 62 ? 0.480   -1.255  -11.196 1.00 21.12 ?  62  ASP A CB  1 
ATOM   441 C  CG  . ASP A 1 62 ? -0.542  -0.176  -11.497 1.00 19.56 ?  62  ASP A CG  1 
ATOM   442 O  OD1 . ASP A 1 62 ? -1.699  -0.296  -11.039 1.00 16.60 ?  62  ASP A OD1 1 
ATOM   443 O  OD2 . ASP A 1 62 ? -0.203  0.786   -12.203 1.00 17.92 -1 62  ASP A OD2 1 
ATOM   444 N  N   . VAL A 1 63 ? 2.482   -3.810  -12.551 1.00 24.10 ?  63  VAL A N   1 
ATOM   445 C  CA  . VAL A 1 63 ? 3.510   -4.750  -12.115 1.00 26.47 ?  63  VAL A CA  1 
ATOM   446 C  C   . VAL A 1 63 ? 4.885   -4.136  -12.341 1.00 24.31 ?  63  VAL A C   1 
ATOM   447 O  O   . VAL A 1 63 ? 5.115   -3.432  -13.331 1.00 24.63 ?  63  VAL A O   1 
ATOM   448 C  CB  . VAL A 1 63 ? 3.360   -6.095  -12.844 1.00 31.53 ?  63  VAL A CB  1 
ATOM   449 C  CG1 . VAL A 1 63 ? 4.595   -6.969  -12.653 1.00 29.74 ?  63  VAL A CG1 1 
ATOM   450 C  CG2 . VAL A 1 63 ? 2.131   -6.815  -12.344 1.00 25.65 ?  63  VAL A CG2 1 
ATOM   451 N  N   . GLY A 1 64 ? 5.792   -4.364  -11.397 1.00 24.71 ?  64  GLY A N   1 
ATOM   452 C  CA  . GLY A 1 64 ? 7.123   -3.800  -11.466 1.00 24.40 ?  64  GLY A CA  1 
ATOM   453 C  C   . GLY A 1 64 ? 7.239   -2.339  -11.091 1.00 25.22 ?  64  GLY A C   1 
ATOM   454 O  O   . GLY A 1 64 ? 8.344   -1.790  -11.150 1.00 27.07 ?  64  GLY A O   1 
ATOM   455 N  N   . LYS A 1 65 ? 6.153   -1.681  -10.711 1.00 24.45 ?  65  LYS A N   1 
ATOM   456 C  CA  . LYS A 1 65 ? 6.261   -0.311  -10.240 1.00 21.28 ?  65  LYS A CA  1 
ATOM   457 C  C   . LYS A 1 65 ? 6.387   -0.325  -8.727  1.00 23.70 ?  65  LYS A C   1 
ATOM   458 O  O   . LYS A 1 65 ? 5.722   -1.111  -8.039  1.00 24.37 ?  65  LYS A O   1 
ATOM   459 C  CB  . LYS A 1 65 ? 5.054   0.535   -10.652 1.00 16.23 ?  65  LYS A CB  1 
ATOM   460 C  CG  . LYS A 1 65 ? 4.818   0.686   -12.161 1.00 23.90 ?  65  LYS A CG  1 
ATOM   461 C  CD  . LYS A 1 65 ? 3.492   1.394   -12.360 1.00 21.48 ?  65  LYS A CD  1 
ATOM   462 C  CE  . LYS A 1 65 ? 3.335   2.018   -13.727 1.00 27.75 ?  65  LYS A CE  1 
ATOM   463 N  NZ  . LYS A 1 65 ? 1.908   2.430   -13.925 1.00 29.10 ?  65  LYS A NZ  1 
ATOM   464 N  N   . GLY A 1 66 ? 7.234   0.549   -8.215  1.00 15.77 ?  66  GLY A N   1 
ATOM   465 C  CA  . GLY A 1 66 ? 7.457   0.593   -6.784  1.00 15.62 ?  66  GLY A CA  1 
ATOM   466 C  C   . GLY A 1 66 ? 6.400   1.429   -6.094  1.00 16.27 ?  66  GLY A C   1 
ATOM   467 O  O   . GLY A 1 66 ? 6.720   2.323   -5.312  1.00 14.42 ?  66  GLY A O   1 
ATOM   468 N  N   . ILE A 1 67 ? 5.128   1.160   -6.387  1.00 12.90 ?  67  ILE A N   1 
ATOM   469 C  CA  . ILE A 1 67 ? 4.032   1.954   -5.850  1.00 13.01 ?  67  ILE A CA  1 
ATOM   470 C  C   . ILE A 1 67 ? 3.181   1.086   -4.947  1.00 14.41 ?  67  ILE A C   1 
ATOM   471 O  O   . ILE A 1 67 ? 3.280   -0.143  -4.942  1.00 13.40 ?  67  ILE A O   1 
ATOM   472 C  CB  . ILE A 1 67 ? 3.144   2.579   -6.942  1.00 9.70  ?  67  ILE A CB  1 
ATOM   473 C  CG1 . ILE A 1 67 ? 2.390   1.477   -7.691  1.00 13.89 ?  67  ILE A CG1 1 
ATOM   474 C  CG2 . ILE A 1 67 ? 3.958   3.443   -7.885  1.00 14.91 ?  67  ILE A CG2 1 
ATOM   475 C  CD1 . ILE A 1 67 ? 1.352   2.035   -8.646  1.00 14.84 ?  67  ILE A CD1 1 
ATOM   476 N  N   . VAL A 1 68 ? 2.332   1.761   -4.177  1.00 11.77 ?  68  VAL A N   1 
ATOM   477 C  CA  . VAL A 1 68 ? 1.279   1.120   -3.398  1.00 13.51 ?  68  VAL A CA  1 
ATOM   478 C  C   . VAL A 1 68 ? 0.020   1.951   -3.599  1.00 8.68  ?  68  VAL A C   1 
ATOM   479 O  O   . VAL A 1 68 ? 0.035   3.175   -3.403  1.00 9.18  ?  68  VAL A O   1 
ATOM   480 C  CB  . VAL A 1 68 ? 1.653   0.983   -1.905  1.00 9.12  ?  68  VAL A CB  1 
ATOM   481 C  CG1 . VAL A 1 68 ? 1.994   2.347   -1.250  1.00 8.48  ?  68  VAL A CG1 1 
ATOM   482 C  CG2 . VAL A 1 68 ? 0.515   0.267   -1.142  1.00 9.97  ?  68  VAL A CG2 1 
ATOM   483 N  N   . ARG A 1 69 ? -1.048  1.314   -4.092  1.00 10.09 ?  69  ARG A N   1 
ATOM   484 C  CA  . ARG A 1 69 ? -2.271  2.044   -4.391  1.00 8.46  ?  69  ARG A CA  1 
ATOM   485 C  C   . ARG A 1 69 ? -3.175  2.046   -3.169  1.00 11.06 ?  69  ARG A C   1 
ATOM   486 O  O   . ARG A 1 69 ? -3.510  0.984   -2.633  1.00 11.85 ?  69  ARG A O   1 
ATOM   487 C  CB  . ARG A 1 69 ? -2.984  1.454   -5.612  1.00 9.61  ?  69  ARG A CB  1 
ATOM   488 C  CG  . ARG A 1 69 ? -2.264  1.777   -6.934  1.00 12.52 ?  69  ARG A CG  1 
ATOM   489 C  CD  . ARG A 1 69 ? -3.167  1.657   -8.142  1.00 15.33 ?  69  ARG A CD  1 
ATOM   490 N  NE  . ARG A 1 69 ? -2.435  1.895   -9.385  1.00 13.01 ?  69  ARG A NE  1 
ATOM   491 C  CZ  . ARG A 1 69 ? -2.213  3.094   -9.902  1.00 15.47 ?  69  ARG A CZ  1 
ATOM   492 N  NH1 . ARG A 1 69 ? -2.669  4.189   -9.292  1.00 13.36 ?  69  ARG A NH1 1 
ATOM   493 N  NH2 . ARG A 1 69 ? -1.546  3.199   -11.049 1.00 17.31 ?  69  ARG A NH2 1 
ATOM   494 N  N   . MET A 1 70 ? -3.582  3.250   -2.752  1.00 10.91 ?  70  MET A N   1 
ATOM   495 C  CA  . MET A 1 70 ? -4.339  3.477   -1.529  1.00 11.35 ?  70  MET A CA  1 
ATOM   496 C  C   . MET A 1 70 ? -5.477  4.455   -1.779  1.00 10.18 ?  70  MET A C   1 
ATOM   497 O  O   . MET A 1 70 ? -5.264  5.508   -2.382  1.00 11.38 ?  70  MET A O   1 
ATOM   498 C  CB  . MET A 1 70 ? -3.416  4.058   -0.436  1.00 11.94 ?  70  MET A CB  1 
ATOM   499 C  CG  . MET A 1 70 ? -2.249  3.176   -0.198  1.00 12.48 ?  70  MET A CG  1 
ATOM   500 S  SD  . MET A 1 70 ? -1.112  3.667   1.109   1.00 24.16 ?  70  MET A SD  1 
ATOM   501 C  CE  . MET A 1 70 ? -1.968  4.926   2.019   1.00 18.89 ?  70  MET A CE  1 
ATOM   502 N  N   . ASP A 1 71 ? -6.667  4.146   -1.254  1.00 10.31 ?  71  ASP A N   1 
ATOM   503 C  CA  . ASP A 1 71 ? -7.749  5.113   -1.334  1.00 11.43 ?  71  ASP A CA  1 
ATOM   504 C  C   . ASP A 1 71 ? -7.586  6.203   -0.274  1.00 12.75 ?  71  ASP A C   1 
ATOM   505 O  O   . ASP A 1 71 ? -6.624  6.220   0.497   1.00 11.34 ?  71  ASP A O   1 
ATOM   506 C  CB  . ASP A 1 71 ? -9.110  4.413   -1.195  1.00 7.90  ?  71  ASP A CB  1 
ATOM   507 C  CG  . ASP A 1 71 ? -9.301  3.719   0.159   1.00 13.96 ?  71  ASP A CG  1 
ATOM   508 O  OD1 . ASP A 1 71 ? -9.918  2.620   0.177   1.00 11.90 ?  71  ASP A OD1 1 
ATOM   509 O  OD2 . ASP A 1 71 ? -8.839  4.271   1.191   1.00 9.44  -1 71  ASP A OD2 1 
ATOM   510 N  N   . LYS A 1 72 ? -8.564  7.116   -0.240  1.00 13.94 ?  72  LYS A N   1 
ATOM   511 C  CA  . LYS A 1 72 ? -8.440  8.319   0.567   1.00 13.65 ?  72  LYS A CA  1 
ATOM   512 C  C   . LYS A 1 72 ? -8.402  7.985   2.048   1.00 13.14 ?  72  LYS A C   1 
ATOM   513 O  O   . LYS A 1 72 ? -7.699  8.643   2.820   1.00 10.69 ?  72  LYS A O   1 
ATOM   514 C  CB  . LYS A 1 72 ? -9.594  9.276   0.250   1.00 16.61 ?  72  LYS A CB  1 
ATOM   515 C  CG  . LYS A 1 72 ? -9.390  10.706  0.690   1.00 25.43 ?  72  LYS A CG  1 
ATOM   516 C  CD  . LYS A 1 72 ? -10.634 11.561  0.428   1.00 29.66 ?  72  LYS A CD  1 
ATOM   517 C  CE  . LYS A 1 72 ? -10.799 11.924  -1.061  1.00 32.38 ?  72  LYS A CE  1 
ATOM   518 N  NZ  . LYS A 1 72 ? -12.213 12.380  -1.409  1.00 35.13 ?  72  LYS A NZ  1 
ATOM   519 N  N   . TYR A 1 73 ? -9.177  6.990   2.473   1.00 10.71 ?  73  TYR A N   1 
ATOM   520 C  CA  . TYR A 1 73 ? -9.201  6.664   3.890   1.00 13.03 ?  73  TYR A CA  1 
ATOM   521 C  C   . TYR A 1 73 ? -7.839  6.145   4.356   1.00 14.80 ?  73  TYR A C   1 
ATOM   522 O  O   . TYR A 1 73 ? -7.305  6.596   5.381   1.00 12.79 ?  73  TYR A O   1 
ATOM   523 C  CB  . TYR A 1 73 ? -10.325 5.656   4.168   1.00 12.08 ?  73  TYR A CB  1 
ATOM   524 C  CG  . TYR A 1 73 ? -10.488 5.362   5.642   1.00 14.05 ?  73  TYR A CG  1 
ATOM   525 C  CD1 . TYR A 1 73 ? -10.632 6.391   6.561   1.00 17.93 ?  73  TYR A CD1 1 
ATOM   526 C  CD2 . TYR A 1 73 ? -10.497 4.059   6.101   1.00 15.27 ?  73  TYR A CD2 1 
ATOM   527 C  CE1 . TYR A 1 73 ? -10.798 6.118   7.906   1.00 13.23 ?  73  TYR A CE1 1 
ATOM   528 C  CE2 . TYR A 1 73 ? -10.656 3.775   7.450   1.00 19.32 ?  73  TYR A CE2 1 
ATOM   529 C  CZ  . TYR A 1 73 ? -10.802 4.808   8.336   1.00 18.83 ?  73  TYR A CZ  1 
ATOM   530 O  OH  . TYR A 1 73 ? -10.944 4.522   9.673   1.00 25.30 ?  73  TYR A OH  1 
ATOM   531 N  N   . GLU A 1 74 ? -7.244  5.213   3.603   1.00 12.84 ?  74  GLU A N   1 
ATOM   532 C  CA  . GLU A 1 74 ? -5.910  4.715   3.956   1.00 13.55 ?  74  GLU A CA  1 
ATOM   533 C  C   . GLU A 1 74 ? -4.857  5.814   3.891   1.00 12.23 ?  74  GLU A C   1 
ATOM   534 O  O   . GLU A 1 74 ? -3.950  5.870   4.739   1.00 13.39 ?  74  GLU A O   1 
ATOM   535 C  CB  . GLU A 1 74 ? -5.518  3.559   3.026   1.00 12.16 ?  74  GLU A CB  1 
ATOM   536 C  CG  . GLU A 1 74 ? -5.878  2.171   3.587   1.00 15.13 ?  74  GLU A CG  1 
ATOM   537 C  CD  . GLU A 1 74 ? -7.377  1.904   3.590   1.00 14.23 ?  74  GLU A CD  1 
ATOM   538 O  OE1 . GLU A 1 74 ? -7.968  1.694   4.670   1.00 18.05 ?  74  GLU A OE1 1 
ATOM   539 O  OE2 . GLU A 1 74 ? -7.971  1.931   2.506   1.00 14.94 -1 74  GLU A OE2 1 
ATOM   540 N  N   . ARG A 1 75 ? -4.938  6.693   2.889   1.00 10.91 ?  75  ARG A N   1 
ATOM   541 C  CA  . ARG A 1 75 ? -3.966  7.777   2.816   1.00 10.41 ?  75  ARG A CA  1 
ATOM   542 C  C   . ARG A 1 75 ? -4.098  8.699   4.022   1.00 11.30 ?  75  ARG A C   1 
ATOM   543 O  O   . ARG A 1 75 ? -3.096  9.102   4.618   1.00 12.28 ?  75  ARG A O   1 
ATOM   544 C  CB  . ARG A 1 75 ? -4.128  8.563   1.516   1.00 11.73 ?  75  ARG A CB  1 
ATOM   545 C  CG  . ARG A 1 75 ? -3.719  7.767   0.298   1.00 12.23 ?  75  ARG A CG  1 
ATOM   546 C  CD  . ARG A 1 75 ? -3.633  8.605   -0.952  1.00 13.91 ?  75  ARG A CD  1 
ATOM   547 N  NE  . ARG A 1 75 ? -4.724  9.555   -1.197  1.00 16.23 ?  75  ARG A NE  1 
ATOM   548 C  CZ  . ARG A 1 75 ? -5.790  9.310   -1.960  1.00 15.86 ?  75  ARG A CZ  1 
ATOM   549 N  NH1 . ARG A 1 75 ? -5.947  8.123   -2.531  1.00 14.83 ?  75  ARG A NH1 1 
ATOM   550 N  NH2 . ARG A 1 75 ? -6.713  10.256  -2.150  1.00 20.78 ?  75  ARG A NH2 1 
ATOM   551 N  N   . GLN A 1 76 ? -5.329  9.021   4.409   1.00 14.71 ?  76  GLN A N   1 
ATOM   552 C  CA  . GLN A 1 76 ? -5.544  9.820   5.609   1.00 16.63 ?  76  GLN A CA  1 
ATOM   553 C  C   . GLN A 1 76 ? -4.974  9.137   6.845   1.00 16.93 ?  76  GLN A C   1 
ATOM   554 O  O   . GLN A 1 76 ? -4.301  9.775   7.665   1.00 16.37 ?  76  GLN A O   1 
ATOM   555 C  CB  . GLN A 1 76 ? -7.034  10.079  5.782   1.00 15.95 ?  76  GLN A CB  1 
ATOM   556 C  CG  . GLN A 1 76 ? -7.550  11.194  4.915   1.00 22.06 ?  76  GLN A CG  1 
ATOM   557 C  CD  . GLN A 1 76 ? -9.057  11.331  4.994   1.00 27.98 ?  76  GLN A CD  1 
ATOM   558 O  OE1 . GLN A 1 76 ? -9.745  10.501  5.603   1.00 28.20 ?  76  GLN A OE1 1 
ATOM   559 N  NE2 . GLN A 1 76 ? -9.580  12.374  4.368   1.00 33.39 ?  76  GLN A NE2 1 
ATOM   560 N  N   . ASN A 1 77 ? -5.220  7.832   6.998   1.00 15.84 ?  77  ASN A N   1 
ATOM   561 C  CA  . ASN A 1 77 ? -4.783  7.161   8.219   1.00 14.98 ?  77  ASN A CA  1 
ATOM   562 C  C   . ASN A 1 77 ? -3.288  6.894   8.237   1.00 14.55 ?  77  ASN A C   1 
ATOM   563 O  O   . ASN A 1 77 ? -2.728  6.710   9.317   1.00 15.17 ?  77  ASN A O   1 
ATOM   564 C  CB  . ASN A 1 77 ? -5.529  5.848   8.428   1.00 19.03 ?  77  ASN A CB  1 
ATOM   565 C  CG  . ASN A 1 77 ? -7.019  6.049   8.596   1.00 24.62 ?  77  ASN A CG  1 
ATOM   566 O  OD1 . ASN A 1 77 ? -7.476  7.130   8.959   1.00 22.38 ?  77  ASN A OD1 1 
ATOM   567 N  ND2 . ASN A 1 77 ? -7.786  5.000   8.329   1.00 25.62 ?  77  ASN A ND2 1 
ATOM   568 N  N   . ALA A 1 78 ? -2.640  6.823   7.076   1.00 12.84 ?  78  ALA A N   1 
ATOM   569 C  CA  . ALA A 1 78 ? -1.195  6.722   7.031   1.00 13.35 ?  78  ALA A CA  1 
ATOM   570 C  C   . ALA A 1 78 ? -0.525  8.080   7.046   1.00 14.33 ?  78  ALA A C   1 
ATOM   571 O  O   . ALA A 1 78 ? 0.706   8.140   7.108   1.00 13.70 ?  78  ALA A O   1 
ATOM   572 C  CB  . ALA A 1 78 ? -0.754  5.940   5.778   1.00 14.79 ?  78  ALA A CB  1 
ATOM   573 N  N   . GLY A 1 79 ? -1.290  9.163   6.993   1.00 12.92 ?  79  GLY A N   1 
ATOM   574 C  CA  . GLY A 1 79 ? -0.712  10.494  6.882   1.00 13.81 ?  79  GLY A CA  1 
ATOM   575 C  C   . GLY A 1 79 ? 0.205   10.625  5.689   1.00 14.53 ?  79  GLY A C   1 
ATOM   576 O  O   . GLY A 1 79 ? 1.368   11.016  5.832   1.00 15.44 ?  79  GLY A O   1 
ATOM   577 N  N   . ALA A 1 80 ? -0.302  10.304  4.495   1.00 13.15 ?  80  ALA A N   1 
ATOM   578 C  CA  . ALA A 1 80 ? 0.557   10.376  3.327   1.00 13.86 ?  80  ALA A CA  1 
ATOM   579 C  C   . ALA A 1 80 ? -0.287  10.806  2.151   1.00 14.99 ?  80  ALA A C   1 
ATOM   580 O  O   . ALA A 1 80 ? -1.451  10.414  2.040   1.00 20.56 ?  80  ALA A O   1 
ATOM   581 C  CB  . ALA A 1 80 ? 1.240   9.037   3.052   1.00 19.91 ?  80  ALA A CB  1 
ATOM   582 N  N   . SER A 1 81 ? 0.294   11.631  1.308   1.00 13.87 ?  81  SER A N   1 
ATOM   583 C  CA  A SER A 1 81 ? -0.342  12.122  0.106   0.50 16.26 ?  81  SER A CA  1 
ATOM   584 C  CA  B SER A 1 81 ? -0.390  12.209  0.090   0.50 16.26 ?  81  SER A CA  1 
ATOM   585 C  C   . SER A 1 81 ? 0.079   11.271  -1.079  1.00 14.68 ?  81  SER A C   1 
ATOM   586 O  O   . SER A 1 81 ? 1.077   10.545  -1.036  1.00 15.14 ?  81  SER A O   1 
ATOM   587 C  CB  A SER A 1 81 ? 0.030   13.587  -0.140  0.50 23.03 ?  81  SER A CB  1 
ATOM   588 C  CB  B SER A 1 81 ? -0.019  13.674  -0.156  0.50 23.03 ?  81  SER A CB  1 
ATOM   589 O  OG  A SER A 1 81 ? -0.533  14.413  0.866   0.50 27.50 ?  81  SER A OG  1 
ATOM   590 O  OG  B SER A 1 81 ? 1.364   13.788  -0.447  0.50 27.50 ?  81  SER A OG  1 
ATOM   591 N  N   . VAL A 1 82 ? -0.718  11.358  -2.140  1.00 13.67 ?  82  VAL A N   1 
ATOM   592 C  CA  . VAL A 1 82 ? -0.329  10.756  -3.407  1.00 14.63 ?  82  VAL A CA  1 
ATOM   593 C  C   . VAL A 1 82 ? 1.046   11.277  -3.818  1.00 12.75 ?  82  VAL A C   1 
ATOM   594 O  O   . VAL A 1 82 ? 1.322   12.481  -3.738  1.00 13.30 ?  82  VAL A O   1 
ATOM   595 C  CB  . VAL A 1 82 ? -1.393  11.058  -4.471  1.00 16.88 ?  82  VAL A CB  1 
ATOM   596 C  CG1 . VAL A 1 82 ? -0.934  10.553  -5.812  1.00 18.06 ?  82  VAL A CG1 1 
ATOM   597 C  CG2 . VAL A 1 82 ? -2.736  10.431  -4.069  1.00 16.47 ?  82  VAL A CG2 1 
ATOM   598 N  N   . GLY A 1 83 ? 1.919   10.364  -4.251  1.00 12.61 ?  83  GLY A N   1 
ATOM   599 C  CA  . GLY A 1 83 ? 3.237   10.724  -4.743  1.00 11.65 ?  83  GLY A CA  1 
ATOM   600 C  C   . GLY A 1 83 ? 4.321   10.725  -3.694  1.00 14.64 ?  83  GLY A C   1 
ATOM   601 O  O   . GLY A 1 83 ? 5.505   10.888  -4.044  1.00 13.18 ?  83  GLY A O   1 
ATOM   602 N  N   . GLU A 1 84 ? 3.955   10.560  -2.405  1.00 12.93 ?  84  GLU A N   1 
ATOM   603 C  CA  . GLU A 1 84 ? 4.880   10.492  -1.277  1.00 14.29 ?  84  GLU A CA  1 
ATOM   604 C  C   . GLU A 1 84 ? 5.190   9.046   -0.920  1.00 13.00 ?  84  GLU A C   1 
ATOM   605 O  O   . GLU A 1 84 ? 4.325   8.181   -1.024  1.00 11.73 ?  84  GLU A O   1 
ATOM   606 C  CB  . GLU A 1 84 ? 4.272   11.141  -0.038  1.00 17.98 ?  84  GLU A CB  1 
ATOM   607 C  CG  . GLU A 1 84 ? 4.067   12.603  -0.110  1.00 18.74 ?  84  GLU A CG  1 
ATOM   608 C  CD  . GLU A 1 84 ? 3.749   13.158  1.269   1.00 23.19 ?  84  GLU A CD  1 
ATOM   609 O  OE1 . GLU A 1 84 ? 2.947   12.541  1.998   1.00 21.79 ?  84  GLU A OE1 1 
ATOM   610 O  OE2 . GLU A 1 84 ? 4.327   14.199  1.633   1.00 29.62 -1 84  GLU A OE2 1 
ATOM   611 N  N   . PRO A 1 85 ? 6.382   8.735   -0.427  1.00 11.40 ?  85  PRO A N   1 
ATOM   612 C  CA  . PRO A 1 85 ? 6.660   7.364   0.012   1.00 10.86 ?  85  PRO A CA  1 
ATOM   613 C  C   . PRO A 1 85 ? 6.008   7.060   1.351   1.00 11.17 ?  85  PRO A C   1 
ATOM   614 O  O   . PRO A 1 85 ? 5.719   7.950   2.154   1.00 15.19 ?  85  PRO A O   1 
ATOM   615 C  CB  . PRO A 1 85 ? 8.190   7.321   0.134   1.00 14.63 ?  85  PRO A CB  1 
ATOM   616 C  CG  . PRO A 1 85 ? 8.679   8.541   -0.606  1.00 20.44 ?  85  PRO A CG  1 
ATOM   617 C  CD  . PRO A 1 85 ? 7.598   9.567   -0.400  1.00 17.97 ?  85  PRO A CD  1 
ATOM   618 N  N   . VAL A 1 86 ? 5.770   5.769   1.578   1.00 12.17 ?  86  VAL A N   1 
ATOM   619 C  CA  . VAL A 1 86 ? 5.325   5.250   2.866   1.00 10.72 ?  86  VAL A CA  1 
ATOM   620 C  C   . VAL A 1 86 ? 6.130   4.007   3.163   1.00 11.52 ?  86  VAL A C   1 
ATOM   621 O  O   . VAL A 1 86 ? 6.568   3.307   2.249   1.00 10.41 ?  86  VAL A O   1 
ATOM   622 C  CB  . VAL A 1 86 ? 3.823   4.865   2.897   1.00 13.84 ?  86  VAL A CB  1 
ATOM   623 C  CG1 . VAL A 1 86 ? 2.960   6.088   2.968   1.00 15.78 ?  86  VAL A CG1 1 
ATOM   624 C  CG2 . VAL A 1 86 ? 3.481   4.010   1.691   1.00 9.85  ?  86  VAL A CG2 1 
ATOM   625 N  N   . GLU A 1 87 ? 6.284   3.709   4.460   1.00 9.76  ?  87  GLU A N   1 
ATOM   626 C  CA  . GLU A 1 87 ? 6.914   2.471   4.901   1.00 11.49 ?  87  GLU A CA  1 
ATOM   627 C  C   . GLU A 1 87 ? 5.863   1.393   5.096   1.00 14.34 ?  87  GLU A C   1 
ATOM   628 O  O   . GLU A 1 87 ? 4.848   1.617   5.767   1.00 14.45 ?  87  GLU A O   1 
ATOM   629 C  CB  . GLU A 1 87 ? 7.680   2.696   6.206   1.00 8.84  ?  87  GLU A CB  1 
ATOM   630 C  CG  . GLU A 1 87 ? 8.741   3.750   6.017   1.00 12.44 ?  87  GLU A CG  1 
ATOM   631 C  CD  . GLU A 1 87 ? 9.740   3.838   7.109   1.00 15.83 ?  87  GLU A CD  1 
ATOM   632 O  OE1 . GLU A 1 87 ? 9.434   3.573   8.288   1.00 16.19 ?  87  GLU A OE1 1 
ATOM   633 O  OE2 . GLU A 1 87 ? 10.854  4.169   6.721   1.00 10.74 -1 87  GLU A OE2 1 
ATOM   634 N  N   . VAL A 1 88 ? 6.119   0.220   4.530   1.00 14.06 ?  88  VAL A N   1 
ATOM   635 C  CA  . VAL A 1 88 ? 5.178   -0.893  4.550   1.00 17.08 ?  88  VAL A CA  1 
ATOM   636 C  C   . VAL A 1 88 ? 5.859   -2.094  5.189   1.00 19.20 ?  88  VAL A C   1 
ATOM   637 O  O   . VAL A 1 88 ? 6.967   -2.470  4.794   1.00 16.65 ?  88  VAL A O   1 
ATOM   638 C  CB  . VAL A 1 88 ? 4.700   -1.232  3.127   1.00 17.00 ?  88  VAL A CB  1 
ATOM   639 C  CG1 . VAL A 1 88 ? 3.714   -2.384  3.177   1.00 16.39 ?  88  VAL A CG1 1 
ATOM   640 C  CG2 . VAL A 1 88 ? 4.085   -0.001  2.477   1.00 14.99 ?  88  VAL A CG2 1 
ATOM   641 N  N   . ASP A 1 89 ? 5.193   -2.705  6.165   1.00 18.56 ?  89  ASP A N   1 
ATOM   642 C  CA  . ASP A 1 89 ? 5.749   -3.837  6.887   1.00 21.10 ?  89  ASP A CA  1 
ATOM   643 C  C   . ASP A 1 89 ? 4.650   -4.836  7.206   1.00 23.22 ?  89  ASP A C   1 
ATOM   644 O  O   . ASP A 1 89 ? 3.461   -4.527  7.103   1.00 21.10 ?  89  ASP A O   1 
ATOM   645 C  CB  . ASP A 1 89 ? 6.411   -3.387  8.196   1.00 23.84 ?  89  ASP A CB  1 
ATOM   646 C  CG  . ASP A 1 89 ? 7.580   -4.257  8.591   1.00 27.89 ?  89  ASP A CG  1 
ATOM   647 O  OD1 . ASP A 1 89 ? 8.416   -3.771  9.384   1.00 34.82 ?  89  ASP A OD1 1 
ATOM   648 O  OD2 . ASP A 1 89 ? 7.674   -5.409  8.104   1.00 34.66 -1 89  ASP A OD2 1 
ATOM   649 N  N   . ARG A 1 90 ? 5.026   -6.033  7.619   1.00 29.25 ?  90  ARG A N   1 
ATOM   650 C  CA  . ARG A 1 90 ? 4.009   -7.011  7.985   1.00 30.29 ?  90  ARG A CA  1 
ATOM   651 C  C   . ARG A 1 90 ? 3.311   -6.510  9.244   1.00 31.54 ?  90  ARG A C   1 
ATOM   652 O  O   . ARG A 1 90 ? 3.938   -5.884  10.083  1.00 33.89 ?  90  ARG A O   1 
ATOM   653 C  CB  . ARG A 1 90 ? 4.630   -8.390  8.192   1.00 34.11 ?  90  ARG A CB  1 
ATOM   654 C  CG  . ARG A 1 90 ? 5.617   -8.472  9.339   1.00 36.31 ?  90  ARG A CG  1 
ATOM   655 C  CD  . ARG A 1 90 ? 6.284   -9.852  9.404   1.00 35.67 ?  90  ARG A CD  1 
ATOM   656 N  NE  . ARG A 1 90 ? 6.883   -10.231 8.126   1.00 37.56 ?  90  ARG A NE  1 
ATOM   657 C  CZ  . ARG A 1 90 ? 7.543   -11.361 7.896   1.00 39.23 ?  90  ARG A CZ  1 
ATOM   658 N  NH1 . ARG A 1 90 ? 7.710   -12.264 8.858   1.00 40.68 ?  90  ARG A NH1 1 
ATOM   659 N  NH2 . ARG A 1 90 ? 8.041   -11.589 6.699   1.00 38.03 ?  90  ARG A NH2 1 
ATOM   660 N  N   . ALA A 1 91 ? 2.014   -6.766  9.373   1.00 31.79 ?  91  ALA A N   1 
ATOM   661 C  CA  . ALA A 1 91 ? 1.265   -6.287  10.528  1.00 31.40 ?  91  ALA A CA  1 
ATOM   662 C  C   . ALA A 1 91 ? 1.389   -7.149  11.783  1.00 33.69 ?  91  ALA A C   1 
ATOM   663 O  O   . ALA A 1 91 ? 1.557   -8.353  11.702  1.00 37.06 ?  91  ALA A O   1 
ATOM   664 C  CB  . ALA A 1 91 ? -0.193  -6.101  10.154  1.00 29.58 ?  91  ALA A CB  1 
HETATM 665 N  N1  . IMD B 2 .  ? -0.049  12.784  -8.369  1.00 21.35 ?  101 IMD A N1  1 
HETATM 666 C  C2  . IMD B 2 .  ? 0.411   11.645  -8.929  1.00 15.93 ?  101 IMD A C2  1 
HETATM 667 N  N3  . IMD B 2 .  ? 1.714   11.518  -8.571  1.00 17.45 ?  101 IMD A N3  1 
HETATM 668 C  C4  . IMD B 2 .  ? 2.075   12.548  -7.794  1.00 23.66 ?  101 IMD A C4  1 
HETATM 669 C  C5  . IMD B 2 .  ? 0.961   13.356  -7.667  1.00 17.59 ?  101 IMD A C5  1 
HETATM 670 N  N1  . IMD C 2 .  ? -9.404  -2.188  -13.467 1.00 14.81 ?  102 IMD A N1  1 
HETATM 671 C  C2  . IMD C 2 .  ? -8.689  -3.068  -14.185 1.00 14.83 ?  102 IMD A C2  1 
HETATM 672 N  N3  . IMD C 2 .  ? -7.489  -2.509  -14.440 1.00 16.63 ?  102 IMD A N3  1 
HETATM 673 C  C4  . IMD C 2 .  ? -7.434  -1.290  -13.854 1.00 18.88 ?  102 IMD A C4  1 
HETATM 674 C  C5  . IMD C 2 .  ? -8.653  -1.082  -13.237 1.00 16.02 ?  102 IMD A C5  1 
HETATM 675 ZN ZN  L ZN  D 3 .  ? -11.192 -2.910  -13.044 1.00 15.82 ?  103 ZN  A ZN  1 
HETATM 676 ZN ZN  L ZN  E 3 .  ? -5.904  -2.780  -15.653 0.65 21.08 ?  104 ZN  A ZN  1 
HETATM 677 ZN ZN  L ZN  F 3 .  ? -7.779  -10.787 -5.611  0.58 32.28 ?  105 ZN  A ZN  1 
HETATM 678 ZN ZN  L ZN  G 3 .  ? -9.816  1.841   2.006   1.00 12.60 ?  106 ZN  A ZN  1 
HETATM 679 ZN ZN  L ZN  H 3 .  ? 2.226   9.580   -9.392  1.00 59.73 ?  107 ZN  A ZN  1 
HETATM 680 ZN ZN  . ZN  I 3 .  ? 11.376  8.207   3.533   1.00 61.60 ?  108 ZN  A ZN  1 
HETATM 681 ZN ZN  . ZN  J 3 .  ? 2.999   14.653  3.272   1.00 50.33 ?  109 ZN  A ZN  1 
HETATM 682 ZN ZN  . ZN  K 3 .  ? 0.527   -15.198 4.309   1.00 40.38 ?  110 ZN  A ZN  1 
HETATM 683 O  O   . HOH L 4 .  ? 5.209   -11.523 7.818   1.00 40.17 ?  201 HOH A O   1 
HETATM 684 O  O   . HOH L 4 .  ? -6.642  -2.669  -17.699 1.00 37.41 ?  202 HOH A O   1 
HETATM 685 O  O   . HOH L 4 .  ? -11.522 -8.951  9.146   1.00 40.55 ?  203 HOH A O   1 
HETATM 686 O  O   . HOH L 4 .  ? 11.972  -3.708  10.762  1.00 50.66 ?  204 HOH A O   1 
HETATM 687 O  O   . HOH L 4 .  ? 13.470  -0.305  -1.466  1.00 41.36 ?  205 HOH A O   1 
HETATM 688 O  O   . HOH L 4 .  ? -6.529  1.709   0.388   1.00 18.26 ?  206 HOH A O   1 
HETATM 689 O  O   . HOH L 4 .  ? 0.737   -9.747  8.224   1.00 37.93 ?  207 HOH A O   1 
HETATM 690 O  O   . HOH L 4 .  ? -6.511  0.050   -6.437  1.00 12.51 ?  208 HOH A O   1 
HETATM 691 O  O   . HOH L 4 .  ? -7.153  2.822   7.051   1.00 31.74 ?  209 HOH A O   1 
HETATM 692 O  O   . HOH L 4 .  ? 7.577   2.346   9.728   1.00 16.33 ?  210 HOH A O   1 
HETATM 693 O  O   . HOH L 4 .  ? 1.033   14.198  9.953   1.00 33.75 ?  211 HOH A O   1 
HETATM 694 O  O   . HOH L 4 .  ? 4.298   -2.496  -5.743  1.00 20.12 ?  212 HOH A O   1 
HETATM 695 O  O   . HOH L 4 .  ? -16.673 0.567   -1.529  1.00 37.28 ?  213 HOH A O   1 
HETATM 696 O  O   . HOH L 4 .  ? 6.301   9.118   4.514   1.00 40.03 ?  214 HOH A O   1 
HETATM 697 O  O   . HOH L 4 .  ? -2.288  8.445   -8.530  1.00 18.09 ?  215 HOH A O   1 
HETATM 698 O  O   . HOH L 4 .  ? -11.732 0.440   -11.053 1.00 12.47 ?  216 HOH A O   1 
HETATM 699 O  O   . HOH L 4 .  ? -2.855  -15.782 0.199   1.00 33.04 ?  217 HOH A O   1 
HETATM 700 O  O   . HOH L 4 .  ? -14.514 -4.130  -6.284  1.00 30.30 ?  218 HOH A O   1 
HETATM 701 O  O   . HOH L 4 .  ? -2.199  -2.005  -8.962  1.00 15.99 ?  219 HOH A O   1 
HETATM 702 O  O   . HOH L 4 .  ? -3.887  6.868   11.792  1.00 20.67 ?  220 HOH A O   1 
HETATM 703 O  O   . HOH L 4 .  ? -11.468 -5.392  -7.659  1.00 27.51 ?  221 HOH A O   1 
HETATM 704 O  O   . HOH L 4 .  ? 7.232   12.703  -2.915  1.00 33.91 ?  222 HOH A O   1 
HETATM 705 O  O   . HOH L 4 .  ? 3.393   13.880  5.770   1.00 46.02 ?  223 HOH A O   1 
HETATM 706 O  O   . HOH L 4 .  ? 2.303   -12.895 -2.810  1.00 33.45 ?  224 HOH A O   1 
HETATM 707 O  O   . HOH L 4 .  ? -5.792  -4.945  -15.861 1.00 21.72 ?  225 HOH A O   1 
HETATM 708 O  O   . HOH L 4 .  ? -12.680 -3.623  3.633   1.00 18.73 ?  226 HOH A O   1 
HETATM 709 O  O   . HOH L 4 .  ? 3.487   14.290  -3.542  1.00 39.34 ?  227 HOH A O   1 
HETATM 710 O  O   . HOH L 4 .  ? -8.191  0.570   -1.831  1.00 18.25 ?  228 HOH A O   1 
HETATM 711 O  O   . HOH L 4 .  ? -3.222  2.977   -14.169 1.00 33.95 ?  229 HOH A O   1 
HETATM 712 O  O   . HOH L 4 .  ? -6.063  0.110   -3.659  1.00 13.54 ?  230 HOH A O   1 
HETATM 713 O  O   . HOH L 4 .  ? 9.834   -7.166  7.297   1.00 42.39 ?  231 HOH A O   1 
HETATM 714 O  O   . HOH L 4 .  ? -0.029  -1.549  -7.137  1.00 19.67 ?  232 HOH A O   1 
HETATM 715 O  O   . HOH L 4 .  ? -1.606  -11.063 8.200   1.00 38.58 ?  233 HOH A O   1 
HETATM 716 O  O   . HOH L 4 .  ? 5.285   0.619   8.632   1.00 24.38 ?  234 HOH A O   1 
HETATM 717 O  O   . HOH L 4 .  ? -2.630  6.779   -10.707 1.00 25.40 ?  235 HOH A O   1 
HETATM 718 O  O   . HOH L 4 .  ? -7.555  -7.667  -9.643  1.00 33.10 ?  236 HOH A O   1 
HETATM 719 O  O   . HOH L 4 .  ? 13.089  8.590   5.838   1.00 21.73 ?  237 HOH A O   1 
HETATM 720 O  O   . HOH L 4 .  ? -7.884  -12.154 4.370   1.00 42.87 ?  238 HOH A O   1 
HETATM 721 O  O   . HOH L 4 .  ? -6.317  13.228  -1.646  1.00 32.95 ?  239 HOH A O   1 
HETATM 722 O  O   . HOH L 4 .  ? 12.287  8.478   1.375   1.00 13.49 ?  240 HOH A O   1 
HETATM 723 O  O   . HOH L 4 .  ? -4.996  -6.441  -14.571 1.00 29.99 ?  241 HOH A O   1 
HETATM 724 O  O   . HOH L 4 .  ? 2.559   -2.115  -8.116  1.00 18.85 ?  242 HOH A O   1 
HETATM 725 O  O   . HOH L 4 .  ? -4.966  3.882   12.347  1.00 39.37 ?  243 HOH A O   1 
HETATM 726 O  O   . HOH L 4 .  ? -11.023 7.294   -2.112  1.00 19.72 ?  244 HOH A O   1 
HETATM 727 O  O   . HOH L 4 .  ? 0.957   9.039   -11.178 1.00 9.44  ?  245 HOH A O   1 
HETATM 728 O  O   . HOH L 4 .  ? 15.308  4.888   3.324   1.00 36.84 ?  246 HOH A O   1 
HETATM 729 O  O   . HOH L 4 .  ? -8.338  7.067   -4.227  1.00 17.78 ?  247 HOH A O   1 
HETATM 730 O  O   . HOH L 4 .  ? 0.984   -8.623  -8.455  1.00 19.93 ?  248 HOH A O   1 
HETATM 731 O  O   . HOH L 4 .  ? -8.973  10.390  -4.337  1.00 21.01 ?  249 HOH A O   1 
HETATM 732 O  O   . HOH L 4 .  ? 0.572   14.286  3.813   1.00 45.29 ?  250 HOH A O   1 
HETATM 733 O  O   . HOH L 4 .  ? -4.651  -8.652  -10.394 1.00 34.82 ?  251 HOH A O   1 
HETATM 734 O  O   . HOH L 4 .  ? -3.486  12.796  -1.331  1.00 23.40 ?  252 HOH A O   1 
HETATM 735 O  O   . HOH L 4 .  ? -11.565 1.979   3.264   1.00 3.87  ?  253 HOH A O   1 
HETATM 736 O  O   . HOH L 4 .  ? -8.130  -7.242  -13.810 1.00 15.43 ?  254 HOH A O   1 
HETATM 737 O  O   . HOH L 4 .  ? 13.017  0.206   0.639   1.00 22.93 ?  255 HOH A O   1 
HETATM 738 O  O   . HOH L 4 .  ? 0.361   -15.165 6.689   1.00 25.28 ?  256 HOH A O   1 
HETATM 739 O  O   . HOH L 4 .  ? -11.958 5.673   0.811   1.00 3.99  ?  257 HOH A O   1 
HETATM 740 O  O   . HOH L 4 .  ? -1.879  14.143  8.283   1.00 32.20 ?  258 HOH A O   1 
HETATM 741 O  O   . HOH L 4 .  ? -0.011  14.139  6.377   1.00 36.54 ?  259 HOH A O   1 
HETATM 742 O  O   . HOH L 4 .  ? -11.315 -5.099  -13.331 1.00 12.46 ?  260 HOH A O   1 
HETATM 743 O  O   . HOH L 4 .  ? -7.802  -8.474  -5.866  1.00 30.15 ?  261 HOH A O   1 
HETATM 744 O  O   . HOH L 4 .  ? -4.173  -11.631 7.947   1.00 26.35 ?  262 HOH A O   1 
HETATM 745 O  O   . HOH L 4 .  ? 3.314   1.347   14.373  1.00 32.75 ?  263 HOH A O   1 
HETATM 746 O  O   . HOH L 4 .  ? 7.189   -0.187  9.394   1.00 36.28 ?  264 HOH A O   1 
HETATM 747 O  O   . HOH L 4 .  ? -3.362  10.887  -9.224  1.00 36.31 ?  265 HOH A O   1 
HETATM 748 O  O   . HOH L 4 .  ? 8.573   0.051   11.013  1.00 38.49 ?  266 HOH A O   1 
HETATM 749 O  O   . HOH L 4 .  ? -12.454 -5.727  2.549   1.00 45.32 ?  267 HOH A O   1 
HETATM 750 O  O   . HOH L 4 .  ? -9.974  8.657   -4.830  1.00 22.56 ?  268 HOH A O   1 
# 
